data_1I4J
# 
_entry.id   1I4J 
# 
_audit_conform.dict_name       mmcif_pdbx.dic 
_audit_conform.dict_version    5.376 
_audit_conform.dict_location   http://mmcif.pdb.org/dictionaries/ascii/mmcif_pdbx.dic 
# 
loop_
_database_2.database_id 
_database_2.database_code 
_database_2.pdbx_database_accession 
_database_2.pdbx_DOI 
PDB   1I4J         pdb_00001i4j 10.2210/pdb1i4j/pdb 
RCSB  RCSB012894   ?            ?                   
WWPDB D_1000012894 ?            ?                   
# 
_pdbx_database_related.db_name        PDB 
_pdbx_database_related.db_id          1BXE 
_pdbx_database_related.details        '1BXE is Ribosomal Protein L22 from Thermus Thermophilus' 
_pdbx_database_related.content_type   unspecified 
# 
_pdbx_database_status.entry_id                        1I4J 
_pdbx_database_status.deposit_site                    RCSB 
_pdbx_database_status.process_site                    RCSB 
_pdbx_database_status.recvd_initial_deposition_date   2001-02-22 
_pdbx_database_status.status_code                     REL 
_pdbx_database_status.status_code_sf                  REL 
_pdbx_database_status.SG_entry                        . 
_pdbx_database_status.pdb_format_compatible           Y 
_pdbx_database_status.status_code_mr                  ? 
_pdbx_database_status.status_code_cs                  ? 
_pdbx_database_status.methods_development_category    ? 
_pdbx_database_status.status_code_nmr_data            ? 
# 
loop_
_audit_author.name 
_audit_author.pdbx_ordinal 
'Davydova, N.L.'  1 
'Streltsov, V.A.' 2 
'Fedorov, R.'     3 
'Wilce, M.'       4 
'Liljas, A.'      5 
'Garder, M.'      6 
# 
_citation.id                        primary 
_citation.title                     'L22 ribosomal protein and effect of its mutation on ribosome resistance to erythromycin.' 
_citation.journal_abbrev            J.Mol.Biol. 
_citation.journal_volume            322 
_citation.page_first                635 
_citation.page_last                 644 
_citation.year                      2002 
_citation.journal_id_ASTM           JMOBAK 
_citation.country                   UK 
_citation.journal_id_ISSN           0022-2836 
_citation.journal_id_CSD            0070 
_citation.book_publisher            ? 
_citation.pdbx_database_id_PubMed   12225755 
_citation.pdbx_database_id_DOI      '10.1016/S0022-2836(02)00772-6' 
# 
loop_
_citation_author.citation_id 
_citation_author.name 
_citation_author.ordinal 
_citation_author.identifier_ORCID 
primary 'Davydova, N.'  1 ? 
primary 'Streltsov, V.' 2 ? 
primary 'Wilce, M.'     3 ? 
primary 'Liljas, A.'    4 ? 
primary 'Garber, M.'    5 ? 
# 
_cell.entry_id           1I4J 
_cell.length_a           31.880 
_cell.length_b           86.590 
_cell.length_c           38.960 
_cell.angle_alpha        90.00 
_cell.angle_beta         104.47 
_cell.angle_gamma        90.00 
_cell.pdbx_unique_axis   ? 
_cell.Z_PDB              4 
# 
_symmetry.entry_id                         1I4J 
_symmetry.space_group_name_H-M             'P 1 21 1' 
_symmetry.pdbx_full_space_group_name_H-M   ? 
_symmetry.Int_Tables_number                4 
_symmetry.cell_setting                     ? 
# 
loop_
_entity.id 
_entity.type 
_entity.src_method 
_entity.pdbx_description 
_entity.formula_weight 
_entity.pdbx_number_of_molecules 
_entity.pdbx_ec 
_entity.pdbx_mutation 
_entity.pdbx_fragment 
_entity.details 
1 polymer man '50S RIBOSOMAL PROTEIN L22' 12348.404 2  ? 'DEL(82-84)' ? ? 
2 water   nat water                       18.015    37 ? ?            ? ? 
# 
_entity_poly.entity_id                      1 
_entity_poly.type                           'polypeptide(L)' 
_entity_poly.nstd_linkage                   no 
_entity_poly.nstd_monomer                   no 
_entity_poly.pdbx_seq_one_letter_code       
;MEAKAIARYVRISPRKVRLVVDLIRGKSLEEARNILRYTNKRGAYFVAKVLESAAANAVNNHDALEDRLYVKAAYVDEGP
AVLPRARGRADIIKKRTSHITVILGEKHGK
;
_entity_poly.pdbx_seq_one_letter_code_can   
;MEAKAIARYVRISPRKVRLVVDLIRGKSLEEARNILRYTNKRGAYFVAKVLESAAANAVNNHDALEDRLYVKAAYVDEGP
AVLPRARGRADIIKKRTSHITVILGEKHGK
;
_entity_poly.pdbx_strand_id                 A,B 
_entity_poly.pdbx_target_identifier         ? 
# 
loop_
_entity_poly_seq.entity_id 
_entity_poly_seq.num 
_entity_poly_seq.mon_id 
_entity_poly_seq.hetero 
1 1   MET n 
1 2   GLU n 
1 3   ALA n 
1 4   LYS n 
1 5   ALA n 
1 6   ILE n 
1 7   ALA n 
1 8   ARG n 
1 9   TYR n 
1 10  VAL n 
1 11  ARG n 
1 12  ILE n 
1 13  SER n 
1 14  PRO n 
1 15  ARG n 
1 16  LYS n 
1 17  VAL n 
1 18  ARG n 
1 19  LEU n 
1 20  VAL n 
1 21  VAL n 
1 22  ASP n 
1 23  LEU n 
1 24  ILE n 
1 25  ARG n 
1 26  GLY n 
1 27  LYS n 
1 28  SER n 
1 29  LEU n 
1 30  GLU n 
1 31  GLU n 
1 32  ALA n 
1 33  ARG n 
1 34  ASN n 
1 35  ILE n 
1 36  LEU n 
1 37  ARG n 
1 38  TYR n 
1 39  THR n 
1 40  ASN n 
1 41  LYS n 
1 42  ARG n 
1 43  GLY n 
1 44  ALA n 
1 45  TYR n 
1 46  PHE n 
1 47  VAL n 
1 48  ALA n 
1 49  LYS n 
1 50  VAL n 
1 51  LEU n 
1 52  GLU n 
1 53  SER n 
1 54  ALA n 
1 55  ALA n 
1 56  ALA n 
1 57  ASN n 
1 58  ALA n 
1 59  VAL n 
1 60  ASN n 
1 61  ASN n 
1 62  HIS n 
1 63  ASP n 
1 64  ALA n 
1 65  LEU n 
1 66  GLU n 
1 67  ASP n 
1 68  ARG n 
1 69  LEU n 
1 70  TYR n 
1 71  VAL n 
1 72  LYS n 
1 73  ALA n 
1 74  ALA n 
1 75  TYR n 
1 76  VAL n 
1 77  ASP n 
1 78  GLU n 
1 79  GLY n 
1 80  PRO n 
1 81  ALA n 
1 82  VAL n 
1 83  LEU n 
1 84  PRO n 
1 85  ARG n 
1 86  ALA n 
1 87  ARG n 
1 88  GLY n 
1 89  ARG n 
1 90  ALA n 
1 91  ASP n 
1 92  ILE n 
1 93  ILE n 
1 94  LYS n 
1 95  LYS n 
1 96  ARG n 
1 97  THR n 
1 98  SER n 
1 99  HIS n 
1 100 ILE n 
1 101 THR n 
1 102 VAL n 
1 103 ILE n 
1 104 LEU n 
1 105 GLY n 
1 106 GLU n 
1 107 LYS n 
1 108 HIS n 
1 109 GLY n 
1 110 LYS n 
# 
_entity_src_gen.entity_id                          1 
_entity_src_gen.pdbx_src_id                        1 
_entity_src_gen.pdbx_alt_source_flag               sample 
_entity_src_gen.pdbx_seq_type                      ? 
_entity_src_gen.pdbx_beg_seq_num                   ? 
_entity_src_gen.pdbx_end_seq_num                   ? 
_entity_src_gen.gene_src_common_name               ? 
_entity_src_gen.gene_src_genus                     Thermus 
_entity_src_gen.pdbx_gene_src_gene                 RPL22 
_entity_src_gen.gene_src_species                   ? 
_entity_src_gen.gene_src_strain                    ? 
_entity_src_gen.gene_src_tissue                    ? 
_entity_src_gen.gene_src_tissue_fraction           ? 
_entity_src_gen.gene_src_details                   ? 
_entity_src_gen.pdbx_gene_src_fragment             ? 
_entity_src_gen.pdbx_gene_src_scientific_name      'Thermus thermophilus' 
_entity_src_gen.pdbx_gene_src_ncbi_taxonomy_id     274 
_entity_src_gen.pdbx_gene_src_variant              ? 
_entity_src_gen.pdbx_gene_src_cell_line            ? 
_entity_src_gen.pdbx_gene_src_atcc                 ? 
_entity_src_gen.pdbx_gene_src_organ                ? 
_entity_src_gen.pdbx_gene_src_organelle            ? 
_entity_src_gen.pdbx_gene_src_cell                 ? 
_entity_src_gen.pdbx_gene_src_cellular_location    ? 
_entity_src_gen.host_org_common_name               ? 
_entity_src_gen.pdbx_host_org_scientific_name      'Escherichia coli BL21(DE3)' 
_entity_src_gen.pdbx_host_org_ncbi_taxonomy_id     469008 
_entity_src_gen.host_org_genus                     Escherichia 
_entity_src_gen.pdbx_host_org_gene                 ? 
_entity_src_gen.pdbx_host_org_organ                ? 
_entity_src_gen.host_org_species                   'Escherichia coli' 
_entity_src_gen.pdbx_host_org_tissue               ? 
_entity_src_gen.pdbx_host_org_tissue_fraction      ? 
_entity_src_gen.pdbx_host_org_strain               'BL21(DE3)' 
_entity_src_gen.pdbx_host_org_variant              ? 
_entity_src_gen.pdbx_host_org_cell_line            ? 
_entity_src_gen.pdbx_host_org_atcc                 ? 
_entity_src_gen.pdbx_host_org_culture_collection   ? 
_entity_src_gen.pdbx_host_org_cell                 ? 
_entity_src_gen.pdbx_host_org_organelle            ? 
_entity_src_gen.pdbx_host_org_cellular_location    ? 
_entity_src_gen.pdbx_host_org_vector_type          PLASMID 
_entity_src_gen.pdbx_host_org_vector               ? 
_entity_src_gen.host_org_details                   ? 
_entity_src_gen.expression_system_id               ? 
_entity_src_gen.plasmid_name                       PTTHL22 
_entity_src_gen.plasmid_details                    ? 
_entity_src_gen.pdbx_description                   ? 
# 
_struct_ref.id                         1 
_struct_ref.db_name                    UNP 
_struct_ref.db_code                    RL22_THETH 
_struct_ref.pdbx_db_accession          P48286 
_struct_ref.pdbx_seq_one_letter_code   
;MEAKAIARYVRISPRKVRLVVDLIRGKSLEEARNILRYTNKRGAYFVAKVLESAAANAVNNHDMLEDRLYVKAAYVDEGP
ALKRVLPRARGRADIIKKRTSHITVILGEKHGK
;
_struct_ref.pdbx_align_begin           1 
_struct_ref.entity_id                  1 
_struct_ref.pdbx_db_isoform            ? 
# 
loop_
_struct_ref_seq.align_id 
_struct_ref_seq.ref_id 
_struct_ref_seq.pdbx_PDB_id_code 
_struct_ref_seq.pdbx_strand_id 
_struct_ref_seq.seq_align_beg 
_struct_ref_seq.pdbx_seq_align_beg_ins_code 
_struct_ref_seq.seq_align_end 
_struct_ref_seq.pdbx_seq_align_end_ins_code 
_struct_ref_seq.pdbx_db_accession 
_struct_ref_seq.db_align_beg 
_struct_ref_seq.pdbx_db_align_beg_ins_code 
_struct_ref_seq.db_align_end 
_struct_ref_seq.pdbx_db_align_end_ins_code 
_struct_ref_seq.pdbx_auth_seq_align_beg 
_struct_ref_seq.pdbx_auth_seq_align_end 
1 1 1I4J A 1 ? 110 ? P48286 1 ? 113 ? 1 113 
2 1 1I4J B 1 ? 110 ? P48286 1 ? 113 ? 1 113 
# 
loop_
_struct_ref_seq_dif.align_id 
_struct_ref_seq_dif.pdbx_pdb_id_code 
_struct_ref_seq_dif.mon_id 
_struct_ref_seq_dif.pdbx_pdb_strand_id 
_struct_ref_seq_dif.seq_num 
_struct_ref_seq_dif.pdbx_pdb_ins_code 
_struct_ref_seq_dif.pdbx_seq_db_name 
_struct_ref_seq_dif.pdbx_seq_db_accession_code 
_struct_ref_seq_dif.db_mon_id 
_struct_ref_seq_dif.pdbx_seq_db_seq_num 
_struct_ref_seq_dif.details 
_struct_ref_seq_dif.pdbx_auth_seq_num 
_struct_ref_seq_dif.pdbx_ordinal 
1 1I4J ? A ? ? UNP P48286 LEU 82 deletion ? 1 
1 1I4J ? A ? ? UNP P48286 LYS 83 deletion ? 2 
1 1I4J ? A ? ? UNP P48286 ARG 84 deletion ? 3 
2 1I4J ? B ? ? UNP P48286 LEU 82 deletion ? 4 
2 1I4J ? B ? ? UNP P48286 LYS 83 deletion ? 5 
2 1I4J ? B ? ? UNP P48286 ARG 84 deletion ? 6 
# 
loop_
_chem_comp.id 
_chem_comp.type 
_chem_comp.mon_nstd_flag 
_chem_comp.name 
_chem_comp.pdbx_synonyms 
_chem_comp.formula 
_chem_comp.formula_weight 
ALA 'L-peptide linking' y ALANINE         ? 'C3 H7 N O2'     89.093  
ARG 'L-peptide linking' y ARGININE        ? 'C6 H15 N4 O2 1' 175.209 
ASN 'L-peptide linking' y ASPARAGINE      ? 'C4 H8 N2 O3'    132.118 
ASP 'L-peptide linking' y 'ASPARTIC ACID' ? 'C4 H7 N O4'     133.103 
GLU 'L-peptide linking' y 'GLUTAMIC ACID' ? 'C5 H9 N O4'     147.129 
GLY 'peptide linking'   y GLYCINE         ? 'C2 H5 N O2'     75.067  
HIS 'L-peptide linking' y HISTIDINE       ? 'C6 H10 N3 O2 1' 156.162 
HOH non-polymer         . WATER           ? 'H2 O'           18.015  
ILE 'L-peptide linking' y ISOLEUCINE      ? 'C6 H13 N O2'    131.173 
LEU 'L-peptide linking' y LEUCINE         ? 'C6 H13 N O2'    131.173 
LYS 'L-peptide linking' y LYSINE          ? 'C6 H15 N2 O2 1' 147.195 
MET 'L-peptide linking' y METHIONINE      ? 'C5 H11 N O2 S'  149.211 
PHE 'L-peptide linking' y PHENYLALANINE   ? 'C9 H11 N O2'    165.189 
PRO 'L-peptide linking' y PROLINE         ? 'C5 H9 N O2'     115.130 
SER 'L-peptide linking' y SERINE          ? 'C3 H7 N O3'     105.093 
THR 'L-peptide linking' y THREONINE       ? 'C4 H9 N O3'     119.119 
TYR 'L-peptide linking' y TYROSINE        ? 'C9 H11 N O3'    181.189 
VAL 'L-peptide linking' y VALINE          ? 'C5 H11 N O2'    117.146 
# 
_exptl.entry_id          1I4J 
_exptl.crystals_number   1 
_exptl.method            'X-RAY DIFFRACTION' 
# 
_exptl_crystal.id                    1 
_exptl_crystal.density_meas          ? 
_exptl_crystal.density_percent_sol   40.44 
_exptl_crystal.density_Matthews      2.08 
_exptl_crystal.description           ? 
# 
_exptl_crystal_grow.crystal_id      1 
_exptl_crystal_grow.method          'VAPOR DIFFUSION, HANGING DROP' 
_exptl_crystal_grow.pH              ? 
_exptl_crystal_grow.temp            298.0 
_exptl_crystal_grow.temp_details    ? 
_exptl_crystal_grow.pdbx_details    '1.9M Sodium chloride, 3% ethanol, VAPOR DIFFUSION, HANGING DROP, temperature 298.0K' 
_exptl_crystal_grow.pdbx_pH_range   . 
# 
_diffrn.id                     1 
_diffrn.ambient_temp           298.0 
_diffrn.ambient_temp_details   ? 
_diffrn.crystal_id             1 
# 
_diffrn_detector.diffrn_id              1 
_diffrn_detector.detector               'IMAGE PLATE' 
_diffrn_detector.type                   MARRESEARCH 
_diffrn_detector.pdbx_collection_date   2000-01-01 
_diffrn_detector.details                'monochromator and mirrors' 
# 
_diffrn_radiation.diffrn_id                        1 
_diffrn_radiation.wavelength_id                    1 
_diffrn_radiation.pdbx_diffrn_protocol             'SINGLE WAVELENGTH' 
_diffrn_radiation.monochromator                    graphite 
_diffrn_radiation.pdbx_monochromatic_or_laue_m_l   M 
_diffrn_radiation.pdbx_scattering_type             x-ray 
# 
_diffrn_radiation_wavelength.id           1 
_diffrn_radiation_wavelength.wavelength   1.54179 
_diffrn_radiation_wavelength.wt           1.0 
# 
_diffrn_source.diffrn_id                   1 
_diffrn_source.source                      'ROTATING ANODE' 
_diffrn_source.type                        'RIGAKU RU200' 
_diffrn_source.pdbx_wavelength             ? 
_diffrn_source.pdbx_wavelength_list        1.54179 
_diffrn_source.pdbx_synchrotron_site       ? 
_diffrn_source.pdbx_synchrotron_beamline   ? 
# 
_reflns.entry_id                     1I4J 
_reflns.d_resolution_high            1.80 
_reflns.d_resolution_low             23.17 
_reflns.limit_h_max                  17 
_reflns.limit_h_min                  -17 
_reflns.limit_k_max                  46 
_reflns.limit_k_min                  -17 
_reflns.limit_l_max                  20 
_reflns.limit_l_min                  0 
_reflns.number_all                   16162 
_reflns.observed_criterion_sigma_F   0.0 
_reflns.observed_criterion_F_max     475552.48 
_reflns.observed_criterion_F_min     0.450000 
_reflns.B_iso_Wilson_estimate        34.7 
_reflns.observed_criterion_sigma_I   0.0 
_reflns.number_obs                   16162 
_reflns.percent_possible_obs         85.6 
_reflns.pdbx_Rmerge_I_obs            0.0740000 
_reflns.pdbx_Rsym_value              ? 
_reflns.pdbx_netI_over_sigmaI        74.7 
_reflns.pdbx_redundancy              4.0 
_reflns.R_free_details               ? 
_reflns.pdbx_diffrn_id               1 
_reflns.pdbx_ordinal                 1 
# 
_reflns_shell.d_res_high             1.80 
_reflns_shell.d_res_low              1.91 
_reflns_shell.percent_possible_obs   ? 
_reflns_shell.percent_possible_all   47.3 
_reflns_shell.Rmerge_I_obs           0.3830000 
_reflns_shell.meanI_over_sigI_obs    71.3 
_reflns_shell.pdbx_Rsym_value        ? 
_reflns_shell.pdbx_redundancy        ? 
_reflns_shell.number_unique_all      1235 
_reflns_shell.pdbx_diffrn_id         ? 
_reflns_shell.pdbx_ordinal           1 
# 
_refine.entry_id                                 1I4J 
_refine.ls_number_reflns_all                     18972 
_refine.ls_number_reflns_obs                     16162 
_refine.ls_percent_reflns_obs                    85.6 
_refine.ls_d_res_high                            1.80 
_refine.ls_d_res_low                             23.17 
_refine.B_iso_min                                12.05 
_refine.B_iso_max                                108.24 
_refine.B_iso_mean                               37.8 
_refine.occupancy_min                            0.43 
_refine.occupancy_max                            1.00 
_refine.aniso_B[1][1]                            3.62 
_refine.aniso_B[2][2]                            -0.88 
_refine.aniso_B[3][3]                            -2.74 
_refine.aniso_B[1][2]                            0.00 
_refine.aniso_B[1][3]                            -2.50 
_refine.aniso_B[2][3]                            0.00 
_refine.solvent_model_param_bsol                 59.4316 
_refine.solvent_model_param_ksol                 0.369737 
_refine.solvent_model_details                    'CNS bulk solvent model used' 
_refine.ls_R_factor_R_work                       0.2090000 
_refine.ls_R_factor_R_free                       0.2550000 
_refine.ls_R_factor_R_free_error                 0.006 
_refine.ls_number_reflns_R_free                  1619 
_refine.ls_percent_reflns_R_free                 10.0 
_refine.details                                  ? 
_refine.pdbx_ls_sigma_F                          0 
_refine.pdbx_ls_sigma_I                          0 
_refine.ls_R_factor_all                          0.2080000 
_refine.ls_R_factor_obs                          0.2080000 
_refine.ls_redundancy_reflns_obs                 ? 
_refine.pdbx_data_cutoff_high_absF               ? 
_refine.pdbx_data_cutoff_low_absF                ? 
_refine.ls_number_parameters                     ? 
_refine.ls_number_restraints                     ? 
_refine.ls_R_factor_R_free_error_details         ? 
_refine.pdbx_method_to_determine_struct          'MOLECULAR REPLACEMENT' 
_refine.pdbx_starting_model                      'PDB ENTRY 1BXE WITH REMOVED BETA-LOOP' 
_refine.pdbx_ls_cross_valid_method               THROUGHOUT 
_refine.pdbx_R_Free_selection_details            RANDOM 
_refine.pdbx_stereochem_target_val_spec_case     ? 
_refine.pdbx_stereochemistry_target_values       'Engh & Huber' 
_refine.pdbx_isotropic_thermal_model             Isotropic 
_refine.correlation_coeff_Fo_to_Fc               ? 
_refine.overall_SU_R_Cruickshank_DPI             ? 
_refine.overall_SU_R_free                        ? 
_refine.overall_SU_B                             ? 
_refine.overall_SU_ML                            ? 
_refine.pdbx_overall_ESU_R                       ? 
_refine.pdbx_overall_ESU_R_Free                  ? 
_refine.pdbx_data_cutoff_high_rms_absF           ? 
_refine.correlation_coeff_Fo_to_Fc_free          ? 
_refine.pdbx_solvent_vdw_probe_radii             ? 
_refine.pdbx_solvent_ion_probe_radii             ? 
_refine.pdbx_solvent_shrinkage_radii             ? 
_refine.pdbx_refine_id                           'X-RAY DIFFRACTION' 
_refine.pdbx_diffrn_id                           1 
_refine.pdbx_TLS_residual_ADP_flag               ? 
_refine.pdbx_overall_phase_error                 ? 
_refine.pdbx_overall_SU_R_free_Cruickshank_DPI   ? 
_refine.pdbx_overall_SU_R_Blow_DPI               ? 
_refine.pdbx_overall_SU_R_free_Blow_DPI          ? 
# 
_refine_analyze.entry_id                        1I4J 
_refine_analyze.Luzzati_d_res_low_obs           5.00 
_refine_analyze.pdbx_Luzzati_d_res_high_obs     1.80 
_refine_analyze.Luzzati_coordinate_error_obs    0.22 
_refine_analyze.Luzzati_sigma_a_obs             0.14 
_refine_analyze.Luzzati_coordinate_error_free   0.27 
_refine_analyze.Luzzati_sigma_a_free            0.12 
_refine_analyze.Luzzati_d_res_low_free          ? 
_refine_analyze.number_disordered_residues      ? 
_refine_analyze.occupancy_sum_non_hydrogen      ? 
_refine_analyze.occupancy_sum_hydrogen          ? 
_refine_analyze.pdbx_refine_id                  'X-RAY DIFFRACTION' 
# 
_refine_hist.pdbx_refine_id                   'X-RAY DIFFRACTION' 
_refine_hist.cycle_id                         LAST 
_refine_hist.pdbx_number_atoms_protein        1738 
_refine_hist.pdbx_number_atoms_nucleic_acid   0 
_refine_hist.pdbx_number_atoms_ligand         0 
_refine_hist.number_atoms_solvent             37 
_refine_hist.number_atoms_total               1775 
_refine_hist.d_res_high                       1.80 
_refine_hist.d_res_low                        23.17 
# 
loop_
_refine_ls_restr.type 
_refine_ls_restr.dev_ideal 
_refine_ls_restr.dev_ideal_target 
_refine_ls_restr.number 
_refine_ls_restr.weight 
_refine_ls_restr.pdbx_refine_id 
_refine_ls_restr.pdbx_restraint_function 
c_bond_d           0.007 ? ? ? 'X-RAY DIFFRACTION' ? 
c_angle_deg        1.27  ? ? ? 'X-RAY DIFFRACTION' ? 
c_dihedral_angle_d 22.06 ? ? ? 'X-RAY DIFFRACTION' ? 
c_improper_angle_d 0.77  ? ? ? 'X-RAY DIFFRACTION' ? 
# 
loop_
_refine_ls_shell.d_res_high 
_refine_ls_shell.d_res_low 
_refine_ls_shell.number_reflns_all 
_refine_ls_shell.number_reflns_obs 
_refine_ls_shell.number_reflns_R_work 
_refine_ls_shell.percent_reflns_obs 
_refine_ls_shell.R_factor_R_work 
_refine_ls_shell.R_factor_R_free 
_refine_ls_shell.R_factor_R_free_error 
_refine_ls_shell.number_reflns_R_free 
_refine_ls_shell.percent_reflns_R_free 
_refine_ls_shell.pdbx_total_number_of_bins_used 
_refine_ls_shell.redundancy_reflns_obs 
_refine_ls_shell.pdbx_refine_id 
_refine_ls_shell.R_factor_all 
1.80 1.91  2389 854  1334 47.3 0.2824000 0.2823000 0.024 141 9.6  6 . 'X-RAY DIFFRACTION' . 
1.88 1.98  2373 1844 1666 77.7 0.2740000 0.2710000 0.020 178 7.5  6 . 'X-RAY DIFFRACTION' . 
1.98 2.11  2349 2047 1847 87.1 0.2390000 0.2400000 0.017 200 8.5  6 . 'X-RAY DIFFRACTION' . 
2.11 2.27  2372 2202 1983 92.8 0.2090000 0.2110000 0.014 219 9.2  6 . 'X-RAY DIFFRACTION' . 
2.27 2.50  2347 2246 2030 95.7 0.2110000 0.2140000 0.015 216 9.2  6 . 'X-RAY DIFFRACTION' . 
2.50 2.86  2382 2340 2120 98.2 0.2060000 0.2050000 0.014 220 9.2  6 . 'X-RAY DIFFRACTION' . 
2.86 3.60  2373 2353 2074 99.1 0.2150000 0.2170000 0.013 279 11.8 6 . 'X-RAY DIFFRACTION' . 
3.60 43.30 2404 2276 2057 94.7 0.2100000 0.2100000 0.014 219 9.1  6 . 'X-RAY DIFFRACTION' . 
# 
loop_
_pdbx_xplor_file.serial_no 
_pdbx_xplor_file.param_file 
_pdbx_xplor_file.topol_file 
_pdbx_xplor_file.pdbx_refine_id 
1 protein_rep.param protein.top      'X-RAY DIFFRACTION' 
2 ion.param         carbohydrate.top 'X-RAY DIFFRACTION' 
3 water.param       ?                'X-RAY DIFFRACTION' 
4 water_rep.param   ?                'X-RAY DIFFRACTION' 
# 
_struct.entry_id                  1I4J 
_struct.title                     'CRYSTAL STRUCTURE OF L22 RIBOSOMAL PROTEIN MUTANT' 
_struct.pdbx_model_details        ? 
_struct.pdbx_CASP_flag            ? 
_struct.pdbx_model_type_details   ? 
# 
_struct_keywords.entry_id        1I4J 
_struct_keywords.pdbx_keywords   'RNA BINDING PROTEIN' 
_struct_keywords.text            'Ribosomal Protein, Mutant, Erythromycin Resistance, RNA binding, RNA BINDING PROTEIN' 
# 
loop_
_struct_asym.id 
_struct_asym.pdbx_blank_PDB_chainid_flag 
_struct_asym.pdbx_modified 
_struct_asym.entity_id 
_struct_asym.details 
A N N 1 ? 
B N N 1 ? 
C N N 2 ? 
D N N 2 ? 
# 
_struct_biol.id                    1 
_struct_biol.pdbx_parent_biol_id   ? 
_struct_biol.details               ? 
# 
loop_
_struct_conf.conf_type_id 
_struct_conf.id 
_struct_conf.pdbx_PDB_helix_id 
_struct_conf.beg_label_comp_id 
_struct_conf.beg_label_asym_id 
_struct_conf.beg_label_seq_id 
_struct_conf.pdbx_beg_PDB_ins_code 
_struct_conf.end_label_comp_id 
_struct_conf.end_label_asym_id 
_struct_conf.end_label_seq_id 
_struct_conf.pdbx_end_PDB_ins_code 
_struct_conf.beg_auth_comp_id 
_struct_conf.beg_auth_asym_id 
_struct_conf.beg_auth_seq_id 
_struct_conf.end_auth_comp_id 
_struct_conf.end_auth_asym_id 
_struct_conf.end_auth_seq_id 
_struct_conf.pdbx_PDB_helix_class 
_struct_conf.details 
_struct_conf.pdbx_PDB_helix_length 
HELX_P HELX_P1 1 SER A 13 ? ARG A 25 ? SER A 13 ARG A 25 1 ? 13 
HELX_P HELX_P2 2 SER A 28 ? THR A 39 ? SER A 28 THR A 39 1 ? 12 
HELX_P HELX_P3 3 GLY A 43 ? ASN A 61 ? GLY A 43 ASN A 61 1 ? 19 
HELX_P HELX_P4 4 LEU A 65 ? ASP A 67 ? LEU A 65 ASP A 67 5 ? 3  
HELX_P HELX_P5 5 SER B 13 ? ARG B 25 ? SER B 13 ARG B 25 1 ? 13 
HELX_P HELX_P6 6 SER B 28 ? THR B 39 ? SER B 28 THR B 39 1 ? 12 
HELX_P HELX_P7 7 GLY B 43 ? HIS B 62 ? GLY B 43 HIS B 62 1 ? 20 
# 
_struct_conf_type.id          HELX_P 
_struct_conf_type.criteria    ? 
_struct_conf_type.reference   ? 
# 
loop_
_struct_sheet.id 
_struct_sheet.type 
_struct_sheet.number_strands 
_struct_sheet.details 
A ? 3 ? 
B ? 3 ? 
# 
loop_
_struct_sheet_order.sheet_id 
_struct_sheet_order.range_id_1 
_struct_sheet_order.range_id_2 
_struct_sheet_order.offset 
_struct_sheet_order.sense 
A 1 2 ? anti-parallel 
A 2 3 ? anti-parallel 
B 1 2 ? anti-parallel 
B 2 3 ? anti-parallel 
# 
loop_
_struct_sheet_range.sheet_id 
_struct_sheet_range.id 
_struct_sheet_range.beg_label_comp_id 
_struct_sheet_range.beg_label_asym_id 
_struct_sheet_range.beg_label_seq_id 
_struct_sheet_range.pdbx_beg_PDB_ins_code 
_struct_sheet_range.end_label_comp_id 
_struct_sheet_range.end_label_asym_id 
_struct_sheet_range.end_label_seq_id 
_struct_sheet_range.pdbx_end_PDB_ins_code 
_struct_sheet_range.beg_auth_comp_id 
_struct_sheet_range.beg_auth_asym_id 
_struct_sheet_range.beg_auth_seq_id 
_struct_sheet_range.end_auth_comp_id 
_struct_sheet_range.end_auth_asym_id 
_struct_sheet_range.end_auth_seq_id 
A 1 ALA A 3  ? VAL A 10  ? ALA A 3   VAL A 10  
A 2 LYS A 95 ? GLU A 106 ? LYS A 98  GLU A 109 
A 3 LEU A 69 ? VAL A 82  ? LEU A 69  VAL A 85  
B 1 ALA B 3  ? VAL B 10  ? ALA B 3   VAL B 10  
B 2 SER B 98 ? GLU B 106 ? SER B 101 GLU B 109 
B 3 LEU B 69 ? GLU B 78  ? LEU B 69  GLU B 78  
# 
loop_
_pdbx_struct_sheet_hbond.sheet_id 
_pdbx_struct_sheet_hbond.range_id_1 
_pdbx_struct_sheet_hbond.range_id_2 
_pdbx_struct_sheet_hbond.range_1_label_atom_id 
_pdbx_struct_sheet_hbond.range_1_label_comp_id 
_pdbx_struct_sheet_hbond.range_1_label_asym_id 
_pdbx_struct_sheet_hbond.range_1_label_seq_id 
_pdbx_struct_sheet_hbond.range_1_PDB_ins_code 
_pdbx_struct_sheet_hbond.range_1_auth_atom_id 
_pdbx_struct_sheet_hbond.range_1_auth_comp_id 
_pdbx_struct_sheet_hbond.range_1_auth_asym_id 
_pdbx_struct_sheet_hbond.range_1_auth_seq_id 
_pdbx_struct_sheet_hbond.range_2_label_atom_id 
_pdbx_struct_sheet_hbond.range_2_label_comp_id 
_pdbx_struct_sheet_hbond.range_2_label_asym_id 
_pdbx_struct_sheet_hbond.range_2_label_seq_id 
_pdbx_struct_sheet_hbond.range_2_PDB_ins_code 
_pdbx_struct_sheet_hbond.range_2_auth_atom_id 
_pdbx_struct_sheet_hbond.range_2_auth_comp_id 
_pdbx_struct_sheet_hbond.range_2_auth_asym_id 
_pdbx_struct_sheet_hbond.range_2_auth_seq_id 
A 1 2 N VAL A 10  ? N VAL A 10  O SER A 98 ? O SER A 101 
A 2 3 O GLY A 105 ? O GLY A 108 N TYR A 70 ? N TYR A 70  
B 1 2 N VAL B 10  ? N VAL B 10  O SER B 98 ? O SER B 101 
B 2 3 O GLY B 105 ? O GLY B 108 N TYR B 70 ? N TYR B 70  
# 
_atom_sites.entry_id                    1I4J 
_atom_sites.fract_transf_matrix[1][1]   0.01477645 
_atom_sites.fract_transf_matrix[1][2]   0.02031836 
_atom_sites.fract_transf_matrix[1][3]   -0.02045242 
_atom_sites.fract_transf_matrix[2][1]   0.00131226 
_atom_sites.fract_transf_matrix[2][2]   0.00765210 
_atom_sites.fract_transf_matrix[2][3]   0.00855002 
_atom_sites.fract_transf_matrix[3][1]   0.02567588 
_atom_sites.fract_transf_matrix[3][2]   -0.00635410 
_atom_sites.fract_transf_matrix[3][3]   0.00174606 
_atom_sites.fract_transf_vector[1]      -1.607625 
_atom_sites.fract_transf_vector[2]      -0.005313 
_atom_sites.fract_transf_vector[3]      0.103109 
# 
loop_
_atom_type.symbol 
C 
N 
O 
S 
# 
loop_
_atom_site.group_PDB 
_atom_site.id 
_atom_site.type_symbol 
_atom_site.label_atom_id 
_atom_site.label_alt_id 
_atom_site.label_comp_id 
_atom_site.label_asym_id 
_atom_site.label_entity_id 
_atom_site.label_seq_id 
_atom_site.pdbx_PDB_ins_code 
_atom_site.Cartn_x 
_atom_site.Cartn_y 
_atom_site.Cartn_z 
_atom_site.occupancy 
_atom_site.B_iso_or_equiv 
_atom_site.pdbx_formal_charge 
_atom_site.auth_seq_id 
_atom_site.auth_comp_id 
_atom_site.auth_asym_id 
_atom_site.auth_atom_id 
_atom_site.pdbx_PDB_model_num 
ATOM   1    N N   . MET A 1 1   ? -1.702  8.611   0.207   1.00 29.86  ? 1   MET A N   1 
ATOM   2    C CA  . MET A 1 1   ? -0.703  8.673   -0.891  1.00 48.64  ? 1   MET A CA  1 
ATOM   3    C C   . MET A 1 1   ? -0.111  10.069  -0.955  1.00 45.76  ? 1   MET A C   1 
ATOM   4    O O   . MET A 1 1   ? -0.399  10.831  -1.877  1.00 61.30  ? 1   MET A O   1 
ATOM   5    C CB  . MET A 1 1   ? -1.357  8.343   -2.234  1.00 47.63  ? 1   MET A CB  1 
ATOM   6    C CG  . MET A 1 1   ? -0.426  8.512   -3.437  1.00 56.88  ? 1   MET A CG  1 
ATOM   7    S SD  . MET A 1 1   ? -1.275  8.381   -5.030  1.00 83.39  ? 1   MET A SD  1 
ATOM   8    C CE  . MET A 1 1   ? -1.896  10.069  -5.241  1.00 75.86  ? 1   MET A CE  1 
ATOM   9    N N   . GLU A 1 2   ? 0.711   10.410  0.030   1.00 43.64  ? 2   GLU A N   1 
ATOM   10   C CA  . GLU A 1 2   ? 1.327   11.727  0.050   1.00 44.03  ? 2   GLU A CA  1 
ATOM   11   C C   . GLU A 1 2   ? 2.342   11.889  -1.076  1.00 31.68  ? 2   GLU A C   1 
ATOM   12   O O   . GLU A 1 2   ? 2.078   12.592  -2.052  1.00 25.69  ? 2   GLU A O   1 
ATOM   13   C CB  . GLU A 1 2   ? 1.994   11.986  1.400   1.00 67.19  ? 2   GLU A CB  1 
ATOM   14   C CG  . GLU A 1 2   ? 1.370   13.142  2.163   1.00 70.68  ? 2   GLU A CG  1 
ATOM   15   C CD  . GLU A 1 2   ? -0.141  13.042  2.221   1.00 79.55  ? 2   GLU A CD  1 
ATOM   16   O OE1 . GLU A 1 2   ? -0.643  11.973  2.630   1.00 82.35  ? 2   GLU A OE1 1 
ATOM   17   O OE2 . GLU A 1 2   ? -0.825  14.026  1.859   1.00 71.93  ? 2   GLU A OE2 1 
ATOM   18   N N   . ALA A 1 3   ? 3.489   11.223  -0.955  1.00 25.61  ? 3   ALA A N   1 
ATOM   19   C CA  . ALA A 1 3   ? 4.530   11.331  -1.976  1.00 21.23  ? 3   ALA A CA  1 
ATOM   20   C C   . ALA A 1 3   ? 4.822   9.959   -2.551  1.00 20.89  ? 3   ALA A C   1 
ATOM   21   O O   . ALA A 1 3   ? 5.237   9.054   -1.824  1.00 20.78  ? 3   ALA A O   1 
ATOM   22   C CB  . ALA A 1 3   ? 5.796   11.935  -1.372  1.00 30.52  ? 3   ALA A CB  1 
ATOM   23   N N   . LYS A 1 4   ? 4.616   9.808   -3.852  1.00 23.66  ? 4   LYS A N   1 
ATOM   24   C CA  . LYS A 1 4   ? 4.827   8.519   -4.506  1.00 26.39  ? 4   LYS A CA  1 
ATOM   25   C C   . LYS A 1 4   ? 5.867   8.531   -5.618  1.00 35.59  ? 4   LYS A C   1 
ATOM   26   O O   . LYS A 1 4   ? 5.955   9.487   -6.373  1.00 26.14  ? 4   LYS A O   1 
ATOM   27   C CB  . LYS A 1 4   ? 3.500   8.029   -5.085  1.00 26.35  ? 4   LYS A CB  1 
ATOM   28   C CG  . LYS A 1 4   ? 3.620   6.848   -6.041  1.00 23.76  ? 4   LYS A CG  1 
ATOM   29   C CD  . LYS A 1 4   ? 2.255   6.339   -6.462  1.00 32.47  ? 4   LYS A CD  1 
ATOM   30   C CE  . LYS A 1 4   ? 1.431   7.437   -7.110  1.00 44.17  ? 4   LYS A CE  1 
ATOM   31   N NZ  . LYS A 1 4   ? 0.111   6.928   -7.568  1.00 53.86  ? 4   LYS A NZ  1 
ATOM   32   N N   . ALA A 1 5   ? 6.651   7.459   -5.717  1.00 21.57  ? 5   ALA A N   1 
ATOM   33   C CA  . ALA A 1 5   ? 7.641   7.338   -6.792  1.00 20.52  ? 5   ALA A CA  1 
ATOM   34   C C   . ALA A 1 5   ? 7.546   5.903   -7.299  1.00 21.75  ? 5   ALA A C   1 
ATOM   35   O O   . ALA A 1 5   ? 7.165   4.995   -6.554  1.00 18.41  ? 5   ALA A O   1 
ATOM   36   C CB  . ALA A 1 5   ? 9.056   7.650   -6.283  1.00 23.48  ? 5   ALA A CB  1 
ATOM   37   N N   . ILE A 1 6   ? 7.861   5.713   -8.574  1.00 18.39  ? 6   ILE A N   1 
ATOM   38   C CA  . ILE A 1 6   ? 7.773   4.411   -9.193  1.00 27.10  ? 6   ILE A CA  1 
ATOM   39   C C   . ILE A 1 6   ? 8.987   4.180   -10.064 1.00 25.79  ? 6   ILE A C   1 
ATOM   40   O O   . ILE A 1 6   ? 9.523   5.113   -10.664 1.00 35.22  ? 6   ILE A O   1 
ATOM   41   C CB  . ILE A 1 6   ? 6.530   4.303   -10.125 1.00 30.07  ? 6   ILE A CB  1 
ATOM   42   C CG1 . ILE A 1 6   ? 5.270   4.752   -9.387  1.00 35.02  ? 6   ILE A CG1 1 
ATOM   43   C CG2 . ILE A 1 6   ? 6.373   2.840   -10.626 1.00 29.96  ? 6   ILE A CG2 1 
ATOM   44   C CD1 . ILE A 1 6   ? 4.091   5.056   -10.303 1.00 46.53  ? 6   ILE A CD1 1 
ATOM   45   N N   . ALA A 1 7   ? 9.426   2.932   -10.110 1.00 22.73  ? 7   ALA A N   1 
ATOM   46   C CA  . ALA A 1 7   ? 10.533  2.554   -10.969 1.00 22.24  ? 7   ALA A CA  1 
ATOM   47   C C   . ALA A 1 7   ? 9.905   1.491   -11.844 1.00 24.06  ? 7   ALA A C   1 
ATOM   48   O O   . ALA A 1 7   ? 9.380   0.511   -11.331 1.00 23.80  ? 7   ALA A O   1 
ATOM   49   C CB  . ALA A 1 7   ? 11.662  1.970   -10.162 1.00 21.79  ? 7   ALA A CB  1 
ATOM   50   N N   . ARG A 1 8   ? 9.947   1.687   -13.160 1.00 26.06  ? 8   ARG A N   1 
ATOM   51   C CA  . ARG A 1 8   ? 9.361   0.722   -14.085 1.00 24.23  ? 8   ARG A CA  1 
ATOM   52   C C   . ARG A 1 8   ? 10.429  -0.054  -14.847 1.00 27.87  ? 8   ARG A C   1 
ATOM   53   O O   . ARG A 1 8   ? 11.567  0.407   -15.004 1.00 26.90  ? 8   ARG A O   1 
ATOM   54   C CB  . ARG A 1 8   ? 8.449   1.434   -15.095 1.00 25.55  ? 8   ARG A CB  1 
ATOM   55   C CG  . ARG A 1 8   ? 7.271   2.160   -14.484 1.00 32.81  ? 8   ARG A CG  1 
ATOM   56   C CD  . ARG A 1 8   ? 6.446   2.843   -15.563 1.00 54.94  ? 8   ARG A CD  1 
ATOM   57   N NE  . ARG A 1 8   ? 5.460   3.765   -15.004 1.00 67.31  ? 8   ARG A NE  1 
ATOM   58   C CZ  . ARG A 1 8   ? 4.681   4.557   -15.734 1.00 76.86  ? 8   ARG A CZ  1 
ATOM   59   N NH1 . ARG A 1 8   ? 4.768   4.542   -17.058 1.00 83.80  ? 8   ARG A NH1 1 
ATOM   60   N NH2 . ARG A 1 8   ? 3.815   5.368   -15.140 1.00 78.81  ? 8   ARG A NH2 1 
ATOM   61   N N   . TYR A 1 9   ? 10.044  -1.235  -15.321 1.00 27.07  ? 9   TYR A N   1 
ATOM   62   C CA  . TYR A 1 9   ? 10.922  -2.111  -16.096 1.00 32.03  ? 9   TYR A CA  1 
ATOM   63   C C   . TYR A 1 9   ? 12.242  -2.503  -15.431 1.00 33.46  ? 9   TYR A C   1 
ATOM   64   O O   . TYR A 1 9   ? 13.292  -2.493  -16.071 1.00 30.64  ? 9   TYR A O   1 
ATOM   65   C CB  . TYR A 1 9   ? 11.199  -1.465  -17.454 1.00 31.93  ? 9   TYR A CB  1 
ATOM   66   C CG  . TYR A 1 9   ? 9.939   -0.966  -18.105 1.00 27.61  ? 9   TYR A CG  1 
ATOM   67   C CD1 . TYR A 1 9   ? 8.922   -1.852  -18.464 1.00 23.40  ? 9   TYR A CD1 1 
ATOM   68   C CD2 . TYR A 1 9   ? 9.739   0.397   -18.326 1.00 36.59  ? 9   TYR A CD2 1 
ATOM   69   C CE1 . TYR A 1 9   ? 7.736   -1.391  -19.027 1.00 25.52  ? 9   TYR A CE1 1 
ATOM   70   C CE2 . TYR A 1 9   ? 8.557   0.869   -18.885 1.00 27.48  ? 9   TYR A CE2 1 
ATOM   71   C CZ  . TYR A 1 9   ? 7.563   -0.024  -19.234 1.00 38.13  ? 9   TYR A CZ  1 
ATOM   72   O OH  . TYR A 1 9   ? 6.398   0.458   -19.787 1.00 39.71  ? 9   TYR A OH  1 
ATOM   73   N N   . VAL A 1 10  ? 12.186  -2.857  -14.151 1.00 23.00  ? 10  VAL A N   1 
ATOM   74   C CA  . VAL A 1 10  ? 13.380  -3.274  -13.413 1.00 19.59  ? 10  VAL A CA  1 
ATOM   75   C C   . VAL A 1 10  ? 13.612  -4.728  -13.793 1.00 22.49  ? 10  VAL A C   1 
ATOM   76   O O   . VAL A 1 10  ? 12.727  -5.563  -13.643 1.00 25.68  ? 10  VAL A O   1 
ATOM   77   C CB  . VAL A 1 10  ? 13.158  -3.146  -11.894 1.00 20.89  ? 10  VAL A CB  1 
ATOM   78   C CG1 . VAL A 1 10  ? 14.355  -3.688  -11.132 1.00 24.83  ? 10  VAL A CG1 1 
ATOM   79   C CG2 . VAL A 1 10  ? 12.943  -1.693  -11.539 1.00 30.70  ? 10  VAL A CG2 1 
ATOM   80   N N   . ARG A 1 11  ? 14.802  -5.038  -14.291 1.00 24.34  ? 11  ARG A N   1 
ATOM   81   C CA  . ARG A 1 11  ? 15.061  -6.391  -14.735 1.00 29.73  ? 11  ARG A CA  1 
ATOM   82   C C   . ARG A 1 11  ? 15.359  -7.420  -13.664 1.00 30.50  ? 11  ARG A C   1 
ATOM   83   O O   . ARG A 1 11  ? 16.364  -8.136  -13.726 1.00 29.64  ? 11  ARG A O   1 
ATOM   84   C CB  . ARG A 1 11  ? 16.154  -6.380  -15.813 1.00 30.40  ? 11  ARG A CB  1 
ATOM   85   C CG  . ARG A 1 11  ? 15.682  -5.741  -17.120 1.00 40.90  ? 11  ARG A CG  1 
ATOM   86   C CD  . ARG A 1 11  ? 16.748  -5.839  -18.195 1.00 57.51  ? 11  ARG A CD  1 
ATOM   87   N NE  . ARG A 1 11  ? 16.257  -5.482  -19.522 1.00 60.94  ? 11  ARG A NE  1 
ATOM   88   C CZ  . ARG A 1 11  ? 15.855  -4.264  -19.869 1.00 69.57  ? 11  ARG A CZ  1 
ATOM   89   N NH1 . ARG A 1 11  ? 15.883  -3.277  -18.983 1.00 78.00  ? 11  ARG A NH1 1 
ATOM   90   N NH2 . ARG A 1 11  ? 15.428  -4.031  -21.103 1.00 66.63  ? 11  ARG A NH2 1 
ATOM   91   N N   . ILE A 1 12  ? 14.469  -7.486  -12.681 1.00 26.11  ? 12  ILE A N   1 
ATOM   92   C CA  . ILE A 1 12  ? 14.583  -8.460  -11.605 1.00 24.69  ? 12  ILE A CA  1 
ATOM   93   C C   . ILE A 1 12  ? 13.203  -9.058  -11.405 1.00 26.78  ? 12  ILE A C   1 
ATOM   94   O O   . ILE A 1 12  ? 12.206  -8.362  -11.497 1.00 25.23  ? 12  ILE A O   1 
ATOM   95   C CB  . ILE A 1 12  ? 15.047  -7.827  -10.286 1.00 24.82  ? 12  ILE A CB  1 
ATOM   96   C CG1 . ILE A 1 12  ? 16.421  -7.184  -10.470 1.00 29.60  ? 12  ILE A CG1 1 
ATOM   97   C CG2 . ILE A 1 12  ? 15.145  -8.905  -9.204  1.00 29.25  ? 12  ILE A CG2 1 
ATOM   98   C CD1 . ILE A 1 12  ? 16.905  -6.449  -9.246  1.00 43.58  ? 12  ILE A CD1 1 
ATOM   99   N N   . SER A 1 13  ? 13.153  -10.356 -11.150 1.00 29.70  ? 13  SER A N   1 
ATOM   100  C CA  . SER A 1 13  ? 11.897  -11.053 -10.935 1.00 26.24  ? 13  SER A CA  1 
ATOM   101  C C   . SER A 1 13  ? 11.100  -10.469 -9.762  1.00 25.58  ? 13  SER A C   1 
ATOM   102  O O   . SER A 1 13  ? 11.641  -10.254 -8.678  1.00 25.31  ? 13  SER A O   1 
ATOM   103  C CB  . SER A 1 13  ? 12.173  -12.528 -10.663 1.00 39.96  ? 13  SER A CB  1 
ATOM   104  O OG  . SER A 1 13  ? 11.012  -13.178 -10.176 1.00 56.40  ? 13  SER A OG  1 
ATOM   105  N N   . PRO A 1 14  ? 9.803   -10.204 -9.975  1.00 24.31  ? 14  PRO A N   1 
ATOM   106  C CA  . PRO A 1 14  ? 8.894   -9.655  -8.963  1.00 22.50  ? 14  PRO A CA  1 
ATOM   107  C C   . PRO A 1 14  ? 9.011   -10.421 -7.641  1.00 25.02  ? 14  PRO A C   1 
ATOM   108  O O   . PRO A 1 14  ? 9.035   -9.820  -6.565  1.00 22.01  ? 14  PRO A O   1 
ATOM   109  C CB  . PRO A 1 14  ? 7.519   -9.842  -9.602  1.00 32.75  ? 14  PRO A CB  1 
ATOM   110  C CG  . PRO A 1 14  ? 7.807   -9.664  -11.057 1.00 28.64  ? 14  PRO A CG  1 
ATOM   111  C CD  . PRO A 1 14  ? 9.097   -10.420 -11.255 1.00 28.90  ? 14  PRO A CD  1 
ATOM   112  N N   . ARG A 1 15  ? 9.072   -11.752 -7.728  1.00 27.58  ? 15  ARG A N   1 
ATOM   113  C CA  . ARG A 1 15  ? 9.169   -12.585 -6.531  1.00 28.76  ? 15  ARG A CA  1 
ATOM   114  C C   . ARG A 1 15  ? 10.394  -12.207 -5.688  1.00 31.63  ? 15  ARG A C   1 
ATOM   115  O O   . ARG A 1 15  ? 10.324  -12.165 -4.453  1.00 30.15  ? 15  ARG A O   1 
ATOM   116  C CB  . ARG A 1 15  ? 9.236   -14.067 -6.917  1.00 35.24  ? 15  ARG A CB  1 
ATOM   117  C CG  . ARG A 1 15  ? 9.084   -15.017 -5.735  1.00 39.63  ? 15  ARG A CG  1 
ATOM   118  C CD  . ARG A 1 15  ? 10.383  -15.750 -5.451  1.00 65.80  ? 15  ARG A CD  1 
ATOM   119  N NE  . ARG A 1 15  ? 10.827  -16.533 -6.601  1.00 55.84  ? 15  ARG A NE  1 
ATOM   120  C CZ  . ARG A 1 15  ? 12.061  -17.002 -6.752  1.00 67.95  ? 15  ARG A CZ  1 
ATOM   121  N NH1 . ARG A 1 15  ? 12.983  -16.768 -5.826  1.00 62.88  ? 15  ARG A NH1 1 
ATOM   122  N NH2 . ARG A 1 15  ? 12.375  -17.707 -7.833  1.00 69.29  ? 15  ARG A NH2 1 
ATOM   123  N N   . LYS A 1 16  ? 11.508  -11.929 -6.355  1.00 24.34  ? 16  LYS A N   1 
ATOM   124  C CA  . LYS A 1 16  ? 12.729  -11.538 -5.658  1.00 30.14  ? 16  LYS A CA  1 
ATOM   125  C C   . LYS A 1 16  ? 12.640  -10.133 -5.067  1.00 26.30  ? 16  LYS A C   1 
ATOM   126  O O   . LYS A 1 16  ? 13.052  -9.903  -3.929  1.00 22.91  ? 16  LYS A O   1 
ATOM   127  C CB  . LYS A 1 16  ? 13.938  -11.613 -6.598  1.00 34.97  ? 16  LYS A CB  1 
ATOM   128  C CG  . LYS A 1 16  ? 14.470  -13.032 -6.845  1.00 42.69  ? 16  LYS A CG  1 
ATOM   129  C CD  . LYS A 1 16  ? 15.677  -13.002 -7.779  1.00 40.90  ? 16  LYS A CD  1 
ATOM   130  C CE  . LYS A 1 16  ? 16.307  -14.380 -7.959  1.00 39.69  ? 16  LYS A CE  1 
ATOM   131  N NZ  . LYS A 1 16  ? 15.352  -15.371 -8.531  1.00 47.40  ? 16  LYS A NZ  1 
ATOM   132  N N   . VAL A 1 17  ? 12.106  -9.188  -5.834  1.00 19.28  ? 17  VAL A N   1 
ATOM   133  C CA  . VAL A 1 17  ? 11.999  -7.813  -5.339  1.00 27.77  ? 17  VAL A CA  1 
ATOM   134  C C   . VAL A 1 17  ? 10.992  -7.690  -4.194  1.00 21.43  ? 17  VAL A C   1 
ATOM   135  O O   . VAL A 1 17  ? 11.123  -6.832  -3.305  1.00 19.52  ? 17  VAL A O   1 
ATOM   136  C CB  . VAL A 1 17  ? 11.600  -6.844  -6.481  1.00 32.16  ? 17  VAL A CB  1 
ATOM   137  C CG1 . VAL A 1 17  ? 11.350  -5.448  -5.924  1.00 39.24  ? 17  VAL A CG1 1 
ATOM   138  C CG2 . VAL A 1 17  ? 12.697  -6.817  -7.526  1.00 36.15  ? 17  VAL A CG2 1 
ATOM   139  N N   . ARG A 1 18  ? 9.989   -8.561  -4.196  1.00 16.51  ? 18  ARG A N   1 
ATOM   140  C CA  . ARG A 1 18  ? 8.982   -8.517  -3.144  1.00 23.98  ? 18  ARG A CA  1 
ATOM   141  C C   . ARG A 1 18  ? 9.570   -8.774  -1.770  1.00 22.14  ? 18  ARG A C   1 
ATOM   142  O O   . ARG A 1 18  ? 9.107   -8.208  -0.773  1.00 22.53  ? 18  ARG A O   1 
ATOM   143  C CB  . ARG A 1 18  ? 7.854   -9.519  -3.431  1.00 31.04  ? 18  ARG A CB  1 
ATOM   144  C CG  . ARG A 1 18  ? 6.825   -8.950  -4.383  1.00 32.82  ? 18  ARG A CG  1 
ATOM   145  C CD  . ARG A 1 18  ? 5.675   -9.893  -4.725  1.00 39.54  ? 18  ARG A CD  1 
ATOM   146  N NE  . ARG A 1 18  ? 4.721   -9.179  -5.574  1.00 40.85  ? 18  ARG A NE  1 
ATOM   147  C CZ  . ARG A 1 18  ? 4.332   -9.575  -6.781  1.00 37.10  ? 18  ARG A CZ  1 
ATOM   148  N NH1 . ARG A 1 18  ? 4.802   -10.702 -7.302  1.00 42.86  ? 18  ARG A NH1 1 
ATOM   149  N NH2 . ARG A 1 18  ? 3.496   -8.819  -7.483  1.00 42.93  ? 18  ARG A NH2 1 
ATOM   150  N N   . LEU A 1 19  ? 10.598  -9.617  -1.725  1.00 26.50  ? 19  LEU A N   1 
ATOM   151  C CA  . LEU A 1 19  ? 11.249  -9.958  -0.469  1.00 29.29  ? 19  LEU A CA  1 
ATOM   152  C C   . LEU A 1 19  ? 11.917  -8.720  0.121   1.00 36.31  ? 19  LEU A C   1 
ATOM   153  O O   . LEU A 1 19  ? 12.104  -8.629  1.332   1.00 33.29  ? 19  LEU A O   1 
ATOM   154  C CB  . LEU A 1 19  ? 12.293  -11.055 -0.687  1.00 27.73  ? 19  LEU A CB  1 
ATOM   155  C CG  . LEU A 1 19  ? 11.796  -12.394 -1.255  1.00 28.62  ? 19  LEU A CG  1 
ATOM   156  C CD1 . LEU A 1 19  ? 12.963  -13.326 -1.532  1.00 36.78  ? 19  LEU A CD1 1 
ATOM   157  C CD2 . LEU A 1 19  ? 10.840  -13.017 -0.266  1.00 36.13  ? 19  LEU A CD2 1 
ATOM   158  N N   . VAL A 1 20  ? 12.276  -7.770  -0.738  1.00 17.36  ? 20  VAL A N   1 
ATOM   159  C CA  . VAL A 1 20  ? 12.914  -6.543  -0.273  1.00 17.34  ? 20  VAL A CA  1 
ATOM   160  C C   . VAL A 1 20  ? 11.892  -5.516  0.203   1.00 23.62  ? 20  VAL A C   1 
ATOM   161  O O   . VAL A 1 20  ? 12.035  -4.951  1.283   1.00 19.94  ? 20  VAL A O   1 
ATOM   162  C CB  . VAL A 1 20  ? 13.799  -5.899  -1.383  1.00 23.85  ? 20  VAL A CB  1 
ATOM   163  C CG1 . VAL A 1 20  ? 14.553  -4.684  -0.825  1.00 25.16  ? 20  VAL A CG1 1 
ATOM   164  C CG2 . VAL A 1 20  ? 14.792  -6.925  -1.928  1.00 25.73  ? 20  VAL A CG2 1 
ATOM   165  N N   . VAL A 1 21  ? 10.849  -5.271  -0.585  1.00 25.03  ? 21  VAL A N   1 
ATOM   166  C CA  . VAL A 1 21  ? 9.867   -4.272  -0.177  1.00 21.79  ? 21  VAL A CA  1 
ATOM   167  C C   . VAL A 1 21  ? 9.134   -4.663  1.096   1.00 20.20  ? 21  VAL A C   1 
ATOM   168  O O   . VAL A 1 21  ? 8.716   -3.789  1.866   1.00 22.51  ? 21  VAL A O   1 
ATOM   169  C CB  . VAL A 1 21  ? 8.847   -3.956  -1.316  1.00 25.94  ? 21  VAL A CB  1 
ATOM   170  C CG1 . VAL A 1 21  ? 9.592   -3.367  -2.511  1.00 28.50  ? 21  VAL A CG1 1 
ATOM   171  C CG2 . VAL A 1 21  ? 8.088   -5.215  -1.731  1.00 28.10  ? 21  VAL A CG2 1 
ATOM   172  N N   . ASP A 1 22  ? 8.990   -5.970  1.338   1.00 21.97  ? 22  ASP A N   1 
ATOM   173  C CA  . ASP A 1 22  ? 8.322   -6.429  2.554   1.00 23.99  ? 22  ASP A CA  1 
ATOM   174  C C   . ASP A 1 22  ? 9.089   -5.958  3.803   1.00 26.51  ? 22  ASP A C   1 
ATOM   175  O O   . ASP A 1 22  ? 8.496   -5.746  4.858   1.00 28.78  ? 22  ASP A O   1 
ATOM   176  C CB  . ASP A 1 22  ? 8.215   -7.965  2.591   1.00 28.18  ? 22  ASP A CB  1 
ATOM   177  C CG  . ASP A 1 22  ? 7.113   -8.513  1.684   1.00 39.42  ? 22  ASP A CG  1 
ATOM   178  O OD1 . ASP A 1 22  ? 6.128   -7.786  1.406   1.00 38.86  ? 22  ASP A OD1 1 
ATOM   179  O OD2 . ASP A 1 22  ? 7.225   -9.689  1.264   1.00 32.97  ? 22  ASP A OD2 1 
ATOM   180  N N   . LEU A 1 23  ? 10.403  -5.802  3.673   1.00 22.33  ? 23  LEU A N   1 
ATOM   181  C CA  . LEU A 1 23  ? 11.263  -5.382  4.786   1.00 20.19  ? 23  LEU A CA  1 
ATOM   182  C C   . LEU A 1 23  ? 11.090  -3.936  5.238   1.00 21.18  ? 23  LEU A C   1 
ATOM   183  O O   . LEU A 1 23  ? 11.277  -3.625  6.414   1.00 20.82  ? 23  LEU A O   1 
ATOM   184  C CB  . LEU A 1 23  ? 12.738  -5.561  4.415   1.00 30.39  ? 23  LEU A CB  1 
ATOM   185  C CG  . LEU A 1 23  ? 13.321  -6.929  4.076   1.00 40.01  ? 23  LEU A CG  1 
ATOM   186  C CD1 . LEU A 1 23  ? 14.794  -6.759  3.697   1.00 32.33  ? 23  LEU A CD1 1 
ATOM   187  C CD2 . LEU A 1 23  ? 13.179  -7.852  5.264   1.00 29.98  ? 23  LEU A CD2 1 
ATOM   188  N N   . ILE A 1 24  ? 10.750  -3.050  4.312   1.00 18.91  ? 24  ILE A N   1 
ATOM   189  C CA  . ILE A 1 24  ? 10.626  -1.636  4.658   1.00 18.60  ? 24  ILE A CA  1 
ATOM   190  C C   . ILE A 1 24  ? 9.212   -1.093  4.858   1.00 22.37  ? 24  ILE A C   1 
ATOM   191  O O   . ILE A 1 24  ? 9.036   0.043   5.331   1.00 20.61  ? 24  ILE A O   1 
ATOM   192  C CB  . ILE A 1 24  ? 11.328  -0.746  3.588   1.00 20.66  ? 24  ILE A CB  1 
ATOM   193  C CG1 . ILE A 1 24  ? 10.508  -0.744  2.293   1.00 25.14  ? 24  ILE A CG1 1 
ATOM   194  C CG2 . ILE A 1 24  ? 12.765  -1.272  3.322   1.00 23.18  ? 24  ILE A CG2 1 
ATOM   195  C CD1 . ILE A 1 24  ? 11.059  0.134   1.209   1.00 24.73  ? 24  ILE A CD1 1 
ATOM   196  N N   . ARG A 1 25  ? 8.208   -1.878  4.496   1.00 22.77  ? 25  ARG A N   1 
ATOM   197  C CA  . ARG A 1 25  ? 6.835   -1.411  4.644   1.00 25.40  ? 25  ARG A CA  1 
ATOM   198  C C   . ARG A 1 25  ? 6.549   -1.006  6.092   1.00 22.38  ? 25  ARG A C   1 
ATOM   199  O O   . ARG A 1 25  ? 6.880   -1.736  7.033   1.00 24.19  ? 25  ARG A O   1 
ATOM   200  C CB  . ARG A 1 25  ? 5.864   -2.507  4.191   1.00 26.86  ? 25  ARG A CB  1 
ATOM   201  C CG  . ARG A 1 25  ? 4.469   -2.012  3.867   1.00 30.07  ? 25  ARG A CG  1 
ATOM   202  C CD  . ARG A 1 25  ? 3.562   -3.144  3.374   1.00 36.98  ? 25  ARG A CD  1 
ATOM   203  N NE  . ARG A 1 25  ? 3.898   -3.616  2.029   1.00 32.63  ? 25  ARG A NE  1 
ATOM   204  C CZ  . ARG A 1 25  ? 4.534   -4.753  1.762   1.00 41.43  ? 25  ARG A CZ  1 
ATOM   205  N NH1 . ARG A 1 25  ? 4.919   -5.563  2.747   1.00 30.88  ? 25  ARG A NH1 1 
ATOM   206  N NH2 . ARG A 1 25  ? 4.769   -5.093  0.501   1.00 29.93  ? 25  ARG A NH2 1 
ATOM   207  N N   . GLY A 1 26  ? 5.969   0.174   6.269   1.00 24.25  ? 26  GLY A N   1 
ATOM   208  C CA  . GLY A 1 26  ? 5.629   0.647   7.600   1.00 25.20  ? 26  GLY A CA  1 
ATOM   209  C C   . GLY A 1 26  ? 6.752   1.250   8.425   1.00 27.72  ? 26  GLY A C   1 
ATOM   210  O O   . GLY A 1 26  ? 6.500   1.803   9.495   1.00 29.07  ? 26  GLY A O   1 
ATOM   211  N N   . LYS A 1 27  ? 7.987   1.168   7.945   1.00 25.08  ? 27  LYS A N   1 
ATOM   212  C CA  . LYS A 1 27  ? 9.110   1.718   8.709   1.00 23.26  ? 27  LYS A CA  1 
ATOM   213  C C   . LYS A 1 27  ? 9.318   3.200   8.458   1.00 20.66  ? 27  LYS A C   1 
ATOM   214  O O   . LYS A 1 27  ? 8.891   3.735   7.430   1.00 26.03  ? 27  LYS A O   1 
ATOM   215  C CB  . LYS A 1 27  ? 10.413  0.992   8.345   1.00 21.41  ? 27  LYS A CB  1 
ATOM   216  C CG  . LYS A 1 27  ? 10.406  -0.511  8.537   1.00 27.82  ? 27  LYS A CG  1 
ATOM   217  C CD  . LYS A 1 27  ? 10.268  -0.892  9.998   1.00 30.39  ? 27  LYS A CD  1 
ATOM   218  C CE  . LYS A 1 27  ? 10.580  -2.362  10.204  1.00 44.04  ? 27  LYS A CE  1 
ATOM   219  N NZ  . LYS A 1 27  ? 9.796   -3.221  9.281   1.00 47.79  ? 27  LYS A NZ  1 
ATOM   220  N N   . SER A 1 28  ? 9.995   3.862   9.390   1.00 22.53  ? 28  SER A N   1 
ATOM   221  C CA  . SER A 1 28  ? 10.298  5.274   9.220   1.00 27.96  ? 28  SER A CA  1 
ATOM   222  C C   . SER A 1 28  ? 11.295  5.335   8.062   1.00 22.19  ? 28  SER A C   1 
ATOM   223  O O   . SER A 1 28  ? 11.955  4.339   7.753   1.00 21.30  ? 28  SER A O   1 
ATOM   224  C CB  . SER A 1 28  ? 10.961  5.840   10.468  1.00 28.48  ? 28  SER A CB  1 
ATOM   225  O OG  . SER A 1 28  ? 12.270  5.312   10.597  1.00 26.49  ? 28  SER A OG  1 
ATOM   226  N N   . LEU A 1 29  ? 11.414  6.501   7.436   1.00 21.07  ? 29  LEU A N   1 
ATOM   227  C CA  . LEU A 1 29  ? 12.338  6.652   6.324   1.00 30.42  ? 29  LEU A CA  1 
ATOM   228  C C   . LEU A 1 29  ? 13.778  6.341   6.746   1.00 27.39  ? 29  LEU A C   1 
ATOM   229  O O   . LEU A 1 29  ? 14.514  5.651   6.037   1.00 20.06  ? 29  LEU A O   1 
ATOM   230  C CB  . LEU A 1 29  ? 12.242  8.076   5.767   1.00 25.01  ? 29  LEU A CB  1 
ATOM   231  C CG  . LEU A 1 29  ? 13.307  8.516   4.759   1.00 33.16  ? 29  LEU A CG  1 
ATOM   232  C CD1 . LEU A 1 29  ? 13.232  7.673   3.498   1.00 23.05  ? 29  LEU A CD1 1 
ATOM   233  C CD2 . LEU A 1 29  ? 13.101  9.982   4.436   1.00 28.50  ? 29  LEU A CD2 1 
ATOM   234  N N   . GLU A 1 30  ? 14.183  6.822   7.914   1.00 17.31  ? 30  GLU A N   1 
ATOM   235  C CA  . GLU A 1 30  ? 15.557  6.595   8.349   1.00 20.91  ? 30  GLU A CA  1 
ATOM   236  C C   . GLU A 1 30  ? 15.856  5.109   8.581   1.00 18.20  ? 30  GLU A C   1 
ATOM   237  O O   . GLU A 1 30  ? 16.937  4.622   8.218   1.00 19.20  ? 30  GLU A O   1 
ATOM   238  C CB  . GLU A 1 30  ? 15.853  7.403   9.621   1.00 21.91  ? 30  GLU A CB  1 
ATOM   239  C CG  . GLU A 1 30  ? 15.876  8.906   9.407   1.00 50.03  ? 30  GLU A CG  1 
ATOM   240  C CD  . GLU A 1 30  ? 15.990  9.675   10.710  1.00 63.31  ? 30  GLU A CD  1 
ATOM   241  O OE1 . GLU A 1 30  ? 15.011  9.674   11.491  1.00 65.99  ? 30  GLU A OE1 1 
ATOM   242  O OE2 . GLU A 1 30  ? 17.059  10.273  10.956  1.00 67.05  ? 30  GLU A OE2 1 
ATOM   243  N N   . GLU A 1 31  ? 14.895  4.389   9.151   1.00 18.24  ? 31  GLU A N   1 
ATOM   244  C CA  . GLU A 1 31  ? 15.106  2.971   9.420   1.00 17.34  ? 31  GLU A CA  1 
ATOM   245  C C   . GLU A 1 31  ? 15.106  2.170   8.128   1.00 20.44  ? 31  GLU A C   1 
ATOM   246  O O   . GLU A 1 31  ? 15.876  1.217   7.988   1.00 18.10  ? 31  GLU A O   1 
ATOM   247  C CB  . GLU A 1 31  ? 14.057  2.424   10.382  1.00 23.19  ? 31  GLU A CB  1 
ATOM   248  C CG  . GLU A 1 31  ? 14.450  1.053   10.920  1.00 20.30  ? 31  GLU A CG  1 
ATOM   249  C CD  . GLU A 1 31  ? 13.636  0.607   12.121  1.00 21.66  ? 31  GLU A CD  1 
ATOM   250  O OE1 . GLU A 1 31  ? 14.016  -0.415  12.728  1.00 26.42  ? 31  GLU A OE1 1 
ATOM   251  O OE2 . GLU A 1 31  ? 12.630  1.258   12.461  1.00 22.81  ? 31  GLU A OE2 1 
ATOM   252  N N   . ALA A 1 32  ? 14.267  2.566   7.173   1.00 16.71  ? 32  ALA A N   1 
ATOM   253  C CA  . ALA A 1 32  ? 14.225  1.864   5.897   1.00 16.15  ? 32  ALA A CA  1 
ATOM   254  C C   . ALA A 1 32  ? 15.574  2.006   5.197   1.00 18.67  ? 32  ALA A C   1 
ATOM   255  O O   . ALA A 1 32  ? 16.049  1.064   4.566   1.00 16.43  ? 32  ALA A O   1 
ATOM   256  C CB  . ALA A 1 32  ? 13.081  2.406   5.008   1.00 17.67  ? 32  ALA A CB  1 
ATOM   257  N N   . ARG A 1 33  ? 16.189  3.184   5.301   1.00 21.19  ? 33  ARG A N   1 
ATOM   258  C CA  . ARG A 1 33  ? 17.492  3.399   4.678   1.00 21.50  ? 33  ARG A CA  1 
ATOM   259  C C   . ARG A 1 33  ? 18.548  2.439   5.225   1.00 18.43  ? 33  ARG A C   1 
ATOM   260  O O   . ARG A 1 33  ? 19.337  1.868   4.462   1.00 19.17  ? 33  ARG A O   1 
ATOM   261  C CB  . ARG A 1 33  ? 17.959  4.835   4.886   1.00 25.10  ? 33  ARG A CB  1 
ATOM   262  C CG  . ARG A 1 33  ? 17.355  5.831   3.910   1.00 28.49  ? 33  ARG A CG  1 
ATOM   263  C CD  . ARG A 1 33  ? 17.636  7.263   4.354   1.00 35.81  ? 33  ARG A CD  1 
ATOM   264  N NE  . ARG A 1 33  ? 17.303  8.236   3.319   1.00 27.95  ? 33  ARG A NE  1 
ATOM   265  C CZ  . ARG A 1 33  ? 16.862  9.469   3.562   1.00 37.74  ? 33  ARG A CZ  1 
ATOM   266  N NH1 . ARG A 1 33  ? 16.691  9.886   4.812   1.00 34.99  ? 33  ARG A NH1 1 
ATOM   267  N NH2 . ARG A 1 33  ? 16.592  10.291  2.556   1.00 24.72  ? 33  ARG A NH2 1 
ATOM   268  N N   . ASN A 1 34  ? 18.569  2.270   6.542   1.00 15.00  ? 34  ASN A N   1 
ATOM   269  C CA  . ASN A 1 34  ? 19.530  1.382   7.189   1.00 15.92  ? 34  ASN A CA  1 
ATOM   270  C C   . ASN A 1 34  ? 19.222  -0.072  6.837   1.00 15.05  ? 34  ASN A C   1 
ATOM   271  O O   . ASN A 1 34  ? 20.129  -0.883  6.645   1.00 18.03  ? 34  ASN A O   1 
ATOM   272  C CB  . ASN A 1 34  ? 19.502  1.567   8.721   1.00 19.33  ? 34  ASN A CB  1 
ATOM   273  C CG  . ASN A 1 34  ? 20.168  2.857   9.174   1.00 27.46  ? 34  ASN A CG  1 
ATOM   274  O OD1 . ASN A 1 34  ? 20.874  3.505   8.410   1.00 35.13  ? 34  ASN A OD1 1 
ATOM   275  N ND2 . ASN A 1 34  ? 19.965  3.216   10.432  1.00 29.99  ? 34  ASN A ND2 1 
ATOM   276  N N   . ILE A 1 35  ? 17.942  -0.408  6.737   1.00 17.07  ? 35  ILE A N   1 
ATOM   277  C CA  . ILE A 1 35  ? 17.576  -1.774  6.393   1.00 20.43  ? 35  ILE A CA  1 
ATOM   278  C C   . ILE A 1 35  ? 18.129  -2.136  5.005   1.00 21.12  ? 35  ILE A C   1 
ATOM   279  O O   . ILE A 1 35  ? 18.699  -3.225  4.806   1.00 22.55  ? 35  ILE A O   1 
ATOM   280  C CB  . ILE A 1 35  ? 16.033  -1.956  6.399   1.00 16.33  ? 35  ILE A CB  1 
ATOM   281  C CG1 . ILE A 1 35  ? 15.507  -2.002  7.837   1.00 20.26  ? 35  ILE A CG1 1 
ATOM   282  C CG2 . ILE A 1 35  ? 15.640  -3.247  5.672   1.00 23.35  ? 35  ILE A CG2 1 
ATOM   283  C CD1 . ILE A 1 35  ? 13.991  -1.966  7.902   1.00 24.46  ? 35  ILE A CD1 1 
ATOM   284  N N   . LEU A 1 36  ? 17.965  -1.223  4.049   1.00 12.34  ? 36  LEU A N   1 
ATOM   285  C CA  . LEU A 1 36  ? 18.425  -1.471  2.692   1.00 16.47  ? 36  LEU A CA  1 
ATOM   286  C C   . LEU A 1 36  ? 19.950  -1.518  2.575   1.00 20.14  ? 36  LEU A C   1 
ATOM   287  O O   . LEU A 1 36  ? 20.500  -2.262  1.755   1.00 22.44  ? 36  LEU A O   1 
ATOM   288  C CB  . LEU A 1 36  ? 17.831  -0.415  1.741   1.00 17.37  ? 36  LEU A CB  1 
ATOM   289  C CG  . LEU A 1 36  ? 16.311  -0.504  1.554   1.00 18.06  ? 36  LEU A CG  1 
ATOM   290  C CD1 . LEU A 1 36  ? 15.808  0.699   0.752   1.00 20.51  ? 36  LEU A CD1 1 
ATOM   291  C CD2 . LEU A 1 36  ? 15.952  -1.803  0.876   1.00 22.27  ? 36  LEU A CD2 1 
ATOM   292  N N   . ARG A 1 37  ? 20.632  -0.745  3.409   1.00 18.73  ? 37  ARG A N   1 
ATOM   293  C CA  . ARG A 1 37  ? 22.082  -0.709  3.384   1.00 20.82  ? 37  ARG A CA  1 
ATOM   294  C C   . ARG A 1 37  ? 22.651  -2.044  3.872   1.00 22.76  ? 37  ARG A C   1 
ATOM   295  O O   . ARG A 1 37  ? 23.653  -2.547  3.342   1.00 24.27  ? 37  ARG A O   1 
ATOM   296  C CB  . ARG A 1 37  ? 22.593  0.429   4.280   1.00 25.22  ? 37  ARG A CB  1 
ATOM   297  C CG  . ARG A 1 37  ? 24.077  0.687   4.164   1.00 42.19  ? 37  ARG A CG  1 
ATOM   298  C CD  . ARG A 1 37  ? 24.628  1.431   5.371   1.00 45.52  ? 37  ARG A CD  1 
ATOM   299  N NE  . ARG A 1 37  ? 23.691  2.411   5.916   1.00 56.10  ? 37  ARG A NE  1 
ATOM   300  C CZ  . ARG A 1 37  ? 23.157  3.414   5.225   1.00 70.42  ? 37  ARG A CZ  1 
ATOM   301  N NH1 . ARG A 1 37  ? 23.466  3.585   3.945   1.00 73.68  ? 37  ARG A NH1 1 
ATOM   302  N NH2 . ARG A 1 37  ? 22.305  4.245   5.814   1.00 55.61  ? 37  ARG A NH2 1 
ATOM   303  N N   . TYR A 1 38  ? 22.001  -2.635  4.868   1.00 17.49  ? 38  TYR A N   1 
ATOM   304  C CA  . TYR A 1 38  ? 22.489  -3.896  5.431   1.00 23.45  ? 38  TYR A CA  1 
ATOM   305  C C   . TYR A 1 38  ? 21.894  -5.166  4.862   1.00 30.55  ? 38  TYR A C   1 
ATOM   306  O O   . TYR A 1 38  ? 22.352  -6.267  5.186   1.00 35.04  ? 38  TYR A O   1 
ATOM   307  C CB  . TYR A 1 38  ? 22.296  -3.895  6.951   1.00 26.30  ? 38  TYR A CB  1 
ATOM   308  C CG  . TYR A 1 38  ? 23.294  -3.012  7.653   1.00 28.22  ? 38  TYR A CG  1 
ATOM   309  C CD1 . TYR A 1 38  ? 24.593  -3.456  7.903   1.00 26.78  ? 38  TYR A CD1 1 
ATOM   310  C CD2 . TYR A 1 38  ? 22.960  -1.720  8.034   1.00 26.59  ? 38  TYR A CD2 1 
ATOM   311  C CE1 . TYR A 1 38  ? 25.531  -2.633  8.512   1.00 27.62  ? 38  TYR A CE1 1 
ATOM   312  C CE2 . TYR A 1 38  ? 23.896  -0.884  8.644   1.00 28.23  ? 38  TYR A CE2 1 
ATOM   313  C CZ  . TYR A 1 38  ? 25.172  -1.351  8.880   1.00 27.02  ? 38  TYR A CZ  1 
ATOM   314  O OH  . TYR A 1 38  ? 26.087  -0.535  9.499   1.00 43.56  ? 38  TYR A OH  1 
ATOM   315  N N   . THR A 1 39  ? 20.881  -5.042  4.016   1.00 22.08  ? 39  THR A N   1 
ATOM   316  C CA  . THR A 1 39  ? 20.284  -6.241  3.456   1.00 23.31  ? 39  THR A CA  1 
ATOM   317  C C   . THR A 1 39  ? 21.146  -6.694  2.280   1.00 29.83  ? 39  THR A C   1 
ATOM   318  O O   . THR A 1 39  ? 21.617  -5.875  1.480   1.00 39.54  ? 39  THR A O   1 
ATOM   319  C CB  . THR A 1 39  ? 18.830  -5.999  2.980   1.00 32.56  ? 39  THR A CB  1 
ATOM   320  O OG1 . THR A 1 39  ? 18.249  -7.246  2.580   1.00 35.07  ? 39  THR A OG1 1 
ATOM   321  C CG2 . THR A 1 39  ? 18.811  -5.055  1.791   1.00 30.55  ? 39  THR A CG2 1 
ATOM   322  N N   . ASN A 1 40  ? 21.363  -7.999  2.187   1.00 30.06  ? 40  ASN A N   1 
ATOM   323  C CA  . ASN A 1 40  ? 22.175  -8.558  1.119   1.00 30.41  ? 40  ASN A CA  1 
ATOM   324  C C   . ASN A 1 40  ? 21.304  -9.347  0.145   1.00 34.71  ? 40  ASN A C   1 
ATOM   325  O O   . ASN A 1 40  ? 21.584  -10.505 -0.177  1.00 29.97  ? 40  ASN A O   1 
ATOM   326  C CB  . ASN A 1 40  ? 23.270  -9.439  1.735   1.00 35.41  ? 40  ASN A CB  1 
ATOM   327  C CG  . ASN A 1 40  ? 24.278  -8.626  2.528   1.00 39.78  ? 40  ASN A CG  1 
ATOM   328  O OD1 . ASN A 1 40  ? 25.059  -7.864  1.961   1.00 41.03  ? 40  ASN A OD1 1 
ATOM   329  N ND2 . ASN A 1 40  ? 24.250  -8.765  3.847   1.00 30.76  ? 40  ASN A ND2 1 
ATOM   330  N N   . LYS A 1 41  ? 20.243  -8.698  -0.321  1.00 27.83  ? 41  LYS A N   1 
ATOM   331  C CA  . LYS A 1 41  ? 19.301  -9.311  -1.256  1.00 28.64  ? 41  LYS A CA  1 
ATOM   332  C C   . LYS A 1 41  ? 19.312  -8.571  -2.575  1.00 34.47  ? 41  LYS A C   1 
ATOM   333  O O   . LYS A 1 41  ? 19.440  -7.344  -2.609  1.00 33.24  ? 41  LYS A O   1 
ATOM   334  C CB  . LYS A 1 41  ? 17.884  -9.274  -0.674  1.00 31.11  ? 41  LYS A CB  1 
ATOM   335  C CG  . LYS A 1 41  ? 17.673  -10.198 0.508   1.00 36.82  ? 41  LYS A CG  1 
ATOM   336  C CD  . LYS A 1 41  ? 16.315  -9.974  1.137   1.00 32.97  ? 41  LYS A CD  1 
ATOM   337  C CE  . LYS A 1 41  ? 15.925  -11.145 2.014   1.00 42.17  ? 41  LYS A CE  1 
ATOM   338  N NZ  . LYS A 1 41  ? 17.013  -11.498 2.966   1.00 45.41  ? 41  LYS A NZ  1 
ATOM   339  N N   . ARG A 1 42  ? 19.166  -9.308  -3.670  1.00 29.62  ? 42  ARG A N   1 
ATOM   340  C CA  . ARG A 1 42  ? 19.161  -8.660  -4.968  1.00 34.04  ? 42  ARG A CA  1 
ATOM   341  C C   . ARG A 1 42  ? 17.931  -7.782  -5.061  1.00 28.84  ? 42  ARG A C   1 
ATOM   342  O O   . ARG A 1 42  ? 16.848  -8.161  -4.605  1.00 26.99  ? 42  ARG A O   1 
ATOM   343  C CB  . ARG A 1 42  ? 19.178  -9.692  -6.105  1.00 38.08  ? 42  ARG A CB  1 
ATOM   344  C CG  . ARG A 1 42  ? 20.581  -10.205 -6.424  1.00 46.31  ? 42  ARG A CG  1 
ATOM   345  C CD  . ARG A 1 42  ? 20.607  -11.122 -7.646  1.00 53.62  ? 42  ARG A CD  1 
ATOM   346  N NE  . ARG A 1 42  ? 20.109  -10.467 -8.856  1.00 63.81  ? 42  ARG A NE  1 
ATOM   347  C CZ  . ARG A 1 42  ? 20.626  -9.361  -9.386  1.00 68.95  ? 42  ARG A CZ  1 
ATOM   348  N NH1 . ARG A 1 42  ? 21.666  -8.767  -8.815  1.00 71.12  ? 42  ARG A NH1 1 
ATOM   349  N NH2 . ARG A 1 42  ? 20.106  -8.848  -10.492 1.00 67.07  ? 42  ARG A NH2 1 
ATOM   350  N N   . GLY A 1 43  ? 18.108  -6.600  -5.638  1.00 26.10  ? 43  GLY A N   1 
ATOM   351  C CA  . GLY A 1 43  ? 16.995  -5.677  -5.779  1.00 23.59  ? 43  GLY A CA  1 
ATOM   352  C C   . GLY A 1 43  ? 17.031  -4.531  -4.777  1.00 21.51  ? 43  GLY A C   1 
ATOM   353  O O   . GLY A 1 43  ? 16.341  -3.533  -4.956  1.00 21.75  ? 43  GLY A O   1 
ATOM   354  N N   . ALA A 1 44  ? 17.835  -4.670  -3.729  1.00 20.57  ? 44  ALA A N   1 
ATOM   355  C CA  . ALA A 1 44  ? 17.950  -3.642  -2.706  1.00 26.23  ? 44  ALA A CA  1 
ATOM   356  C C   . ALA A 1 44  ? 18.309  -2.286  -3.309  1.00 23.76  ? 44  ALA A C   1 
ATOM   357  O O   . ALA A 1 44  ? 17.783  -1.253  -2.890  1.00 19.97  ? 44  ALA A O   1 
ATOM   358  C CB  . ALA A 1 44  ? 18.997  -4.046  -1.672  1.00 28.49  ? 44  ALA A CB  1 
ATOM   359  N N   . TYR A 1 45  ? 19.210  -2.282  -4.288  1.00 21.15  ? 45  TYR A N   1 
ATOM   360  C CA  . TYR A 1 45  ? 19.605  -1.029  -4.918  1.00 22.92  ? 45  TYR A CA  1 
ATOM   361  C C   . TYR A 1 45  ? 18.455  -0.305  -5.616  1.00 16.34  ? 45  TYR A C   1 
ATOM   362  O O   . TYR A 1 45  ? 18.328  0.908   -5.510  1.00 21.32  ? 45  TYR A O   1 
ATOM   363  C CB  . TYR A 1 45  ? 20.716  -1.269  -5.942  1.00 29.44  ? 45  TYR A CB  1 
ATOM   364  C CG  . TYR A 1 45  ? 21.048  -0.036  -6.755  1.00 28.81  ? 45  TYR A CG  1 
ATOM   365  C CD1 . TYR A 1 45  ? 21.726  1.046   -6.186  1.00 24.86  ? 45  TYR A CD1 1 
ATOM   366  C CD2 . TYR A 1 45  ? 20.656  0.059   -8.087  1.00 29.61  ? 45  TYR A CD2 1 
ATOM   367  C CE1 . TYR A 1 45  ? 22.002  2.201   -6.941  1.00 20.63  ? 45  TYR A CE1 1 
ATOM   368  C CE2 . TYR A 1 45  ? 20.924  1.194   -8.844  1.00 25.97  ? 45  TYR A CE2 1 
ATOM   369  C CZ  . TYR A 1 45  ? 21.593  2.262   -8.266  1.00 28.56  ? 45  TYR A CZ  1 
ATOM   370  O OH  . TYR A 1 45  ? 21.806  3.385   -9.019  1.00 30.25  ? 45  TYR A OH  1 
ATOM   371  N N   . PHE A 1 46  ? 17.627  -1.048  -6.345  1.00 17.45  ? 46  PHE A N   1 
ATOM   372  C CA  . PHE A 1 46  ? 16.534  -0.435  -7.072  1.00 15.80  ? 46  PHE A CA  1 
ATOM   373  C C   . PHE A 1 46  ? 15.467  0.069   -6.104  1.00 17.47  ? 46  PHE A C   1 
ATOM   374  O O   . PHE A 1 46  ? 14.865  1.110   -6.330  1.00 18.74  ? 46  PHE A O   1 
ATOM   375  C CB  . PHE A 1 46  ? 15.955  -1.442  -8.064  1.00 17.41  ? 46  PHE A CB  1 
ATOM   376  C CG  . PHE A 1 46  ? 16.926  -1.828  -9.145  1.00 22.14  ? 46  PHE A CG  1 
ATOM   377  C CD1 . PHE A 1 46  ? 17.269  -0.919  -10.138 1.00 26.58  ? 46  PHE A CD1 1 
ATOM   378  C CD2 . PHE A 1 46  ? 17.550  -3.074  -9.123  1.00 35.16  ? 46  PHE A CD2 1 
ATOM   379  C CE1 . PHE A 1 46  ? 18.230  -1.242  -11.100 1.00 35.82  ? 46  PHE A CE1 1 
ATOM   380  C CE2 . PHE A 1 46  ? 18.509  -3.407  -10.076 1.00 38.30  ? 46  PHE A CE2 1 
ATOM   381  C CZ  . PHE A 1 46  ? 18.849  -2.487  -11.066 1.00 29.68  ? 46  PHE A CZ  1 
ATOM   382  N N   . VAL A 1 47  ? 15.251  -0.662  -5.017  1.00 17.70  ? 47  VAL A N   1 
ATOM   383  C CA  . VAL A 1 47  ? 14.266  -0.225  -4.031  1.00 12.67  ? 47  VAL A CA  1 
ATOM   384  C C   . VAL A 1 47  ? 14.771  1.057   -3.364  1.00 14.71  ? 47  VAL A C   1 
ATOM   385  O O   . VAL A 1 47  ? 14.010  1.996   -3.120  1.00 18.37  ? 47  VAL A O   1 
ATOM   386  C CB  . VAL A 1 47  ? 14.034  -1.289  -2.934  1.00 17.51  ? 47  VAL A CB  1 
ATOM   387  C CG1 . VAL A 1 47  ? 13.053  -0.738  -1.898  1.00 14.50  ? 47  VAL A CG1 1 
ATOM   388  C CG2 . VAL A 1 47  ? 13.476  -2.566  -3.550  1.00 19.58  ? 47  VAL A CG2 1 
ATOM   389  N N   . ALA A 1 48  ? 16.067  1.087   -3.078  1.00 12.20  ? 48  ALA A N   1 
ATOM   390  C CA  . ALA A 1 48  ? 16.660  2.241   -2.423  1.00 10.23  ? 48  ALA A CA  1 
ATOM   391  C C   . ALA A 1 48  ? 16.502  3.465   -3.318  1.00 15.33  ? 48  ALA A C   1 
ATOM   392  O O   . ALA A 1 48  ? 16.244  4.571   -2.838  1.00 18.12  ? 48  ALA A O   1 
ATOM   393  C CB  . ALA A 1 48  ? 18.153  1.965   -2.143  1.00 21.02  ? 48  ALA A CB  1 
ATOM   394  N N   . LYS A 1 49  ? 16.667  3.265   -4.622  1.00 12.97  ? 49  LYS A N   1 
ATOM   395  C CA  . LYS A 1 49  ? 16.566  4.380   -5.551  1.00 20.09  ? 49  LYS A CA  1 
ATOM   396  C C   . LYS A 1 49  ? 15.166  4.959   -5.581  1.00 19.91  ? 49  LYS A C   1 
ATOM   397  O O   . LYS A 1 49  ? 14.990  6.182   -5.626  1.00 17.32  ? 49  LYS A O   1 
ATOM   398  C CB  . LYS A 1 49  ? 16.956  3.950   -6.969  1.00 23.90  ? 49  LYS A CB  1 
ATOM   399  C CG  . LYS A 1 49  ? 16.987  5.106   -7.958  1.00 36.04  ? 49  LYS A CG  1 
ATOM   400  C CD  . LYS A 1 49  ? 16.865  4.611   -9.399  1.00 50.43  ? 49  LYS A CD  1 
ATOM   401  C CE  . LYS A 1 49  ? 17.865  3.508   -9.699  1.00 50.21  ? 49  LYS A CE  1 
ATOM   402  N NZ  . LYS A 1 49  ? 19.250  3.951   -9.410  1.00 66.58  ? 49  LYS A NZ  1 
ATOM   403  N N   . VAL A 1 50  ? 14.164  4.088   -5.611  1.00 14.12  ? 50  VAL A N   1 
ATOM   404  C CA  . VAL A 1 50  ? 12.780  4.563   -5.613  1.00 11.96  ? 50  VAL A CA  1 
ATOM   405  C C   . VAL A 1 50  ? 12.470  5.271   -4.288  1.00 16.44  ? 50  VAL A C   1 
ATOM   406  O O   . VAL A 1 50  ? 11.807  6.310   -4.275  1.00 20.32  ? 50  VAL A O   1 
ATOM   407  C CB  . VAL A 1 50  ? 11.793  3.381   -5.829  1.00 23.13  ? 50  VAL A CB  1 
ATOM   408  C CG1 . VAL A 1 50  ? 10.347  3.874   -5.811  1.00 28.14  ? 50  VAL A CG1 1 
ATOM   409  C CG2 . VAL A 1 50  ? 12.099  2.718   -7.147  1.00 28.31  ? 50  VAL A CG2 1 
ATOM   410  N N   . LEU A 1 51  ? 12.967  4.735   -3.175  1.00 14.67  ? 51  LEU A N   1 
ATOM   411  C CA  . LEU A 1 51  ? 12.732  5.352   -1.863  1.00 14.61  ? 51  LEU A CA  1 
ATOM   412  C C   . LEU A 1 51  ? 13.329  6.747   -1.780  1.00 25.61  ? 51  LEU A C   1 
ATOM   413  O O   . LEU A 1 51  ? 12.734  7.680   -1.217  1.00 21.86  ? 51  LEU A O   1 
ATOM   414  C CB  . LEU A 1 51  ? 13.341  4.485   -0.755  1.00 15.13  ? 51  LEU A CB  1 
ATOM   415  C CG  . LEU A 1 51  ? 13.313  4.957   0.701   1.00 18.98  ? 51  LEU A CG  1 
ATOM   416  C CD1 . LEU A 1 51  ? 11.877  5.067   1.178   1.00 20.75  ? 51  LEU A CD1 1 
ATOM   417  C CD2 . LEU A 1 51  ? 14.080  3.961   1.575   1.00 22.26  ? 51  LEU A CD2 1 
ATOM   418  N N   . GLU A 1 52  ? 14.524  6.894   -2.329  1.00 23.14  ? 52  GLU A N   1 
ATOM   419  C CA  . GLU A 1 52  ? 15.173  8.183   -2.296  1.00 18.49  ? 52  GLU A CA  1 
ATOM   420  C C   . GLU A 1 52  ? 14.467  9.152   -3.233  1.00 17.19  ? 52  GLU A C   1 
ATOM   421  O O   . GLU A 1 52  ? 14.437  10.347  -2.969  1.00 17.23  ? 52  GLU A O   1 
ATOM   422  C CB  . GLU A 1 52  ? 16.657  8.043   -2.655  1.00 27.88  ? 52  GLU A CB  1 
ATOM   423  C CG  . GLU A 1 52  ? 17.485  7.284   -1.597  1.00 21.01  ? 52  GLU A CG  1 
ATOM   424  C CD  . GLU A 1 52  ? 17.471  7.931   -0.200  1.00 32.72  ? 52  GLU A CD  1 
ATOM   425  O OE1 . GLU A 1 52  ? 17.292  9.164   -0.086  1.00 30.52  ? 52  GLU A OE1 1 
ATOM   426  O OE2 . GLU A 1 52  ? 17.656  7.200   0.798   1.00 33.62  ? 52  GLU A OE2 1 
ATOM   427  N N   . SER A 1 53  ? 13.879  8.655   -4.317  1.00 16.73  ? 53  SER A N   1 
ATOM   428  C CA  . SER A 1 53  ? 13.180  9.581   -5.215  1.00 20.69  ? 53  SER A CA  1 
ATOM   429  C C   . SER A 1 53  ? 11.936  10.099  -4.524  1.00 23.69  ? 53  SER A C   1 
ATOM   430  O O   . SER A 1 53  ? 11.595  11.281  -4.617  1.00 19.36  ? 53  SER A O   1 
ATOM   431  C CB  . SER A 1 53  ? 12.791  8.902   -6.531  1.00 24.34  ? 53  SER A CB  1 
ATOM   432  O OG  . SER A 1 53  ? 12.012  9.784   -7.323  0.43 15.92  ? 53  SER A OG  1 
ATOM   433  N N   . ALA A 1 54  ? 11.253  9.200   -3.832  1.00 17.17  ? 54  ALA A N   1 
ATOM   434  C CA  . ALA A 1 54  ? 10.047  9.556   -3.114  1.00 21.53  ? 54  ALA A CA  1 
ATOM   435  C C   . ALA A 1 54  ? 10.393  10.526  -1.993  1.00 17.72  ? 54  ALA A C   1 
ATOM   436  O O   . ALA A 1 54  ? 9.649   11.467  -1.743  1.00 19.39  ? 54  ALA A O   1 
ATOM   437  C CB  . ALA A 1 54  ? 9.387   8.295   -2.543  1.00 23.04  ? 54  ALA A CB  1 
ATOM   438  N N   . ALA A 1 55  ? 11.498  10.275  -1.291  1.00 14.92  ? 55  ALA A N   1 
ATOM   439  C CA  . ALA A 1 55  ? 11.912  11.150  -0.201  1.00 19.01  ? 55  ALA A CA  1 
ATOM   440  C C   . ALA A 1 55  ? 12.240  12.552  -0.740  1.00 18.22  ? 55  ALA A C   1 
ATOM   441  O O   . ALA A 1 55  ? 11.823  13.548  -0.154  1.00 19.94  ? 55  ALA A O   1 
ATOM   442  C CB  . ALA A 1 55  ? 13.123  10.573  0.533   1.00 18.66  ? 55  ALA A CB  1 
ATOM   443  N N   . ALA A 1 56  ? 12.969  12.630  -1.851  1.00 21.39  ? 56  ALA A N   1 
ATOM   444  C CA  . ALA A 1 56  ? 13.293  13.948  -2.418  1.00 23.08  ? 56  ALA A CA  1 
ATOM   445  C C   . ALA A 1 56  ? 12.016  14.713  -2.786  1.00 21.01  ? 56  ALA A C   1 
ATOM   446  O O   . ALA A 1 56  ? 11.909  15.904  -2.533  1.00 27.23  ? 56  ALA A O   1 
ATOM   447  C CB  . ALA A 1 56  ? 14.182  13.808  -3.646  1.00 22.33  ? 56  ALA A CB  1 
ATOM   448  N N   . ASN A 1 57  ? 11.052  14.022  -3.382  1.00 21.12  ? 57  ASN A N   1 
ATOM   449  C CA  . ASN A 1 57  ? 9.798   14.663  -3.774  1.00 27.71  ? 57  ASN A CA  1 
ATOM   450  C C   . ASN A 1 57  ? 9.012   15.129  -2.545  1.00 25.57  ? 57  ASN A C   1 
ATOM   451  O O   . ASN A 1 57  ? 8.447   16.224  -2.535  1.00 25.97  ? 57  ASN A O   1 
ATOM   452  C CB  . ASN A 1 57  ? 8.949   13.694  -4.603  1.00 26.65  ? 57  ASN A CB  1 
ATOM   453  C CG  . ASN A 1 57  ? 7.606   14.282  -4.987  1.00 32.80  ? 57  ASN A CG  1 
ATOM   454  O OD1 . ASN A 1 57  ? 7.511   15.460  -5.332  1.00 53.58  ? 57  ASN A OD1 1 
ATOM   455  N ND2 . ASN A 1 57  ? 6.562   13.463  -4.939  1.00 51.86  ? 57  ASN A ND2 1 
ATOM   456  N N   . ALA A 1 58  ? 9.002   14.306  -1.496  1.00 18.50  ? 58  ALA A N   1 
ATOM   457  C CA  . ALA A 1 58  ? 8.273   14.646  -0.274  1.00 21.03  ? 58  ALA A CA  1 
ATOM   458  C C   . ALA A 1 58  ? 8.810   15.911  0.407   1.00 23.67  ? 58  ALA A C   1 
ATOM   459  O O   . ALA A 1 58  ? 8.050   16.805  0.790   1.00 24.70  ? 58  ALA A O   1 
ATOM   460  C CB  . ALA A 1 58  ? 8.338   13.483  0.709   1.00 21.73  ? 58  ALA A CB  1 
ATOM   461  N N   . VAL A 1 59  ? 10.126  15.973  0.543   1.00 21.34  ? 59  VAL A N   1 
ATOM   462  C CA  . VAL A 1 59  ? 10.783  17.089  1.216   1.00 26.34  ? 59  VAL A CA  1 
ATOM   463  C C   . VAL A 1 59  ? 10.936  18.342  0.368   1.00 27.33  ? 59  VAL A C   1 
ATOM   464  O O   . VAL A 1 59  ? 10.713  19.444  0.859   1.00 29.93  ? 59  VAL A O   1 
ATOM   465  C CB  . VAL A 1 59  ? 12.170  16.639  1.746   1.00 31.28  ? 59  VAL A CB  1 
ATOM   466  C CG1 . VAL A 1 59  ? 12.965  17.826  2.274   1.00 30.75  ? 59  VAL A CG1 1 
ATOM   467  C CG2 . VAL A 1 59  ? 11.974  15.596  2.845   1.00 29.68  ? 59  VAL A CG2 1 
ATOM   468  N N   . ASN A 1 60  ? 11.288  18.181  -0.903  1.00 21.68  ? 60  ASN A N   1 
ATOM   469  C CA  . ASN A 1 60  ? 11.490  19.332  -1.777  1.00 31.53  ? 60  ASN A CA  1 
ATOM   470  C C   . ASN A 1 60  ? 10.230  19.971  -2.341  1.00 33.68  ? 60  ASN A C   1 
ATOM   471  O O   . ASN A 1 60  ? 10.165  21.189  -2.494  1.00 34.27  ? 60  ASN A O   1 
ATOM   472  C CB  . ASN A 1 60  ? 12.404  18.957  -2.949  1.00 24.30  ? 60  ASN A CB  1 
ATOM   473  C CG  . ASN A 1 60  ? 13.765  18.490  -2.491  1.00 28.85  ? 60  ASN A CG  1 
ATOM   474  O OD1 . ASN A 1 60  ? 14.195  18.810  -1.391  1.00 30.43  ? 60  ASN A OD1 1 
ATOM   475  N ND2 . ASN A 1 60  ? 14.450  17.744  -3.334  1.00 23.63  ? 60  ASN A ND2 1 
ATOM   476  N N   . ASN A 1 61  ? 9.235   19.153  -2.658  1.00 29.39  ? 61  ASN A N   1 
ATOM   477  C CA  . ASN A 1 61  ? 8.009   19.662  -3.251  1.00 33.03  ? 61  ASN A CA  1 
ATOM   478  C C   . ASN A 1 61  ? 6.811   19.682  -2.319  1.00 34.94  ? 61  ASN A C   1 
ATOM   479  O O   . ASN A 1 61  ? 6.031   20.630  -2.327  1.00 38.66  ? 61  ASN A O   1 
ATOM   480  C CB  . ASN A 1 61  ? 7.667   18.853  -4.505  1.00 34.33  ? 61  ASN A CB  1 
ATOM   481  C CG  . ASN A 1 61  ? 8.794   18.861  -5.529  1.00 32.95  ? 61  ASN A CG  1 
ATOM   482  O OD1 . ASN A 1 61  ? 9.355   19.908  -5.829  1.00 50.35  ? 61  ASN A OD1 1 
ATOM   483  N ND2 . ASN A 1 61  ? 9.121   17.692  -6.069  1.00 34.39  ? 61  ASN A ND2 1 
ATOM   484  N N   . HIS A 1 62  ? 6.656   18.643  -1.512  1.00 27.27  ? 62  HIS A N   1 
ATOM   485  C CA  . HIS A 1 62  ? 5.514   18.581  -0.605  1.00 26.44  ? 62  HIS A CA  1 
ATOM   486  C C   . HIS A 1 62  ? 5.738   19.231  0.738   1.00 31.26  ? 62  HIS A C   1 
ATOM   487  O O   . HIS A 1 62  ? 4.867   19.172  1.601   1.00 41.11  ? 62  HIS A O   1 
ATOM   488  C CB  . HIS A 1 62  ? 5.084   17.135  -0.374  1.00 27.49  ? 62  HIS A CB  1 
ATOM   489  C CG  . HIS A 1 62  ? 4.478   16.487  -1.576  1.00 34.71  ? 62  HIS A CG  1 
ATOM   490  N ND1 . HIS A 1 62  ? 5.224   16.095  -2.669  1.00 42.00  ? 62  HIS A ND1 1 
ATOM   491  C CD2 . HIS A 1 62  ? 3.199   16.129  -1.846  1.00 32.03  ? 62  HIS A CD2 1 
ATOM   492  C CE1 . HIS A 1 62  ? 4.433   15.519  -3.556  1.00 35.58  ? 62  HIS A CE1 1 
ATOM   493  N NE2 . HIS A 1 62  ? 3.198   15.527  -3.081  1.00 37.88  ? 62  HIS A NE2 1 
ATOM   494  N N   . ASP A 1 63  ? 6.904   19.831  0.930   1.00 36.76  ? 63  ASP A N   1 
ATOM   495  C CA  . ASP A 1 63  ? 7.201   20.489  2.194   1.00 42.24  ? 63  ASP A CA  1 
ATOM   496  C C   . ASP A 1 63  ? 6.980   19.574  3.398   1.00 46.57  ? 63  ASP A C   1 
ATOM   497  O O   . ASP A 1 63  ? 6.606   20.041  4.469   1.00 40.11  ? 63  ASP A O   1 
ATOM   498  C CB  . ASP A 1 63  ? 6.326   21.735  2.345   1.00 53.29  ? 63  ASP A CB  1 
ATOM   499  C CG  . ASP A 1 63  ? 6.608   22.777  1.284   1.00 53.22  ? 63  ASP A CG  1 
ATOM   500  O OD1 . ASP A 1 63  ? 6.703   22.407  0.095   1.00 62.66  ? 63  ASP A OD1 1 
ATOM   501  O OD2 . ASP A 1 63  ? 6.723   23.969  1.641   1.00 63.47  ? 63  ASP A OD2 1 
ATOM   502  N N   . ALA A 1 64  ? 7.194   18.273  3.226   1.00 38.86  ? 64  ALA A N   1 
ATOM   503  C CA  . ALA A 1 64  ? 7.021   17.335  4.336   1.00 34.23  ? 64  ALA A CA  1 
ATOM   504  C C   . ALA A 1 64  ? 8.343   17.280  5.092   1.00 31.52  ? 64  ALA A C   1 
ATOM   505  O O   . ALA A 1 64  ? 9.390   17.590  4.517   1.00 27.21  ? 64  ALA A O   1 
ATOM   506  C CB  . ALA A 1 64  ? 6.645   15.947  3.805   1.00 35.26  ? 64  ALA A CB  1 
ATOM   507  N N   . LEU A 1 65  ? 8.294   16.891  6.369   1.00 33.83  ? 65  LEU A N   1 
ATOM   508  C CA  . LEU A 1 65  ? 9.489   16.806  7.216   1.00 37.28  ? 65  LEU A CA  1 
ATOM   509  C C   . LEU A 1 65  ? 10.106  15.417  7.186   1.00 41.93  ? 65  LEU A C   1 
ATOM   510  O O   . LEU A 1 65  ? 9.447   14.441  7.542   1.00 37.00  ? 65  LEU A O   1 
ATOM   511  C CB  . LEU A 1 65  ? 9.145   17.133  8.668   1.00 41.51  ? 65  LEU A CB  1 
ATOM   512  C CG  . LEU A 1 65  ? 8.694   18.531  9.078   1.00 61.61  ? 65  LEU A CG  1 
ATOM   513  C CD1 . LEU A 1 65  ? 8.316   18.496  10.550  1.00 61.04  ? 65  LEU A CD1 1 
ATOM   514  C CD2 . LEU A 1 65  ? 9.803   19.540  8.834   1.00 55.40  ? 65  LEU A CD2 1 
ATOM   515  N N   . GLU A 1 66  ? 11.378  15.334  6.804   1.00 38.22  ? 66  GLU A N   1 
ATOM   516  C CA  . GLU A 1 66  ? 12.052  14.045  6.718   1.00 44.39  ? 66  GLU A CA  1 
ATOM   517  C C   . GLU A 1 66  ? 11.953  13.206  8.003   1.00 46.48  ? 66  GLU A C   1 
ATOM   518  O O   . GLU A 1 66  ? 11.825  11.977  7.943   1.00 39.95  ? 66  GLU A O   1 
ATOM   519  C CB  . GLU A 1 66  ? 13.519  14.257  6.319   1.00 46.79  ? 66  GLU A CB  1 
ATOM   520  C CG  . GLU A 1 66  ? 14.196  13.012  5.770   1.00 50.37  ? 66  GLU A CG  1 
ATOM   521  C CD  . GLU A 1 66  ? 15.476  13.316  5.004   1.00 50.59  ? 66  GLU A CD  1 
ATOM   522  O OE1 . GLU A 1 66  ? 16.034  12.383  4.391   1.00 49.69  ? 66  GLU A OE1 1 
ATOM   523  O OE2 . GLU A 1 66  ? 15.924  14.483  5.010   1.00 54.56  ? 66  GLU A OE2 1 
ATOM   524  N N   . ASP A 1 67  ? 11.982  13.859  9.162   1.00 40.21  ? 67  ASP A N   1 
ATOM   525  C CA  . ASP A 1 67  ? 11.910  13.141  10.435  1.00 41.77  ? 67  ASP A CA  1 
ATOM   526  C C   . ASP A 1 67  ? 10.557  12.490  10.713  1.00 35.57  ? 67  ASP A C   1 
ATOM   527  O O   . ASP A 1 67  ? 10.439  11.650  11.614  1.00 36.18  ? 67  ASP A O   1 
ATOM   528  C CB  . ASP A 1 67  ? 12.257  14.075  11.601  1.00 50.94  ? 67  ASP A CB  1 
ATOM   529  C CG  . ASP A 1 67  ? 13.709  14.498  11.599  1.00 69.79  ? 67  ASP A CG  1 
ATOM   530  O OD1 . ASP A 1 67  ? 14.588  13.610  11.647  1.00 76.59  ? 67  ASP A OD1 1 
ATOM   531  O OD2 . ASP A 1 67  ? 13.973  15.720  11.554  1.00 83.22  ? 67  ASP A OD2 1 
ATOM   532  N N   . ARG A 1 68  ? 9.531   12.863  9.954   1.00 26.51  ? 68  ARG A N   1 
ATOM   533  C CA  . ARG A 1 68  ? 8.208   12.280  10.183  1.00 29.41  ? 68  ARG A CA  1 
ATOM   534  C C   . ARG A 1 68  ? 7.759   11.328  9.084   1.00 26.55  ? 68  ARG A C   1 
ATOM   535  O O   . ARG A 1 68  ? 6.705   10.699  9.192   1.00 28.02  ? 68  ARG A O   1 
ATOM   536  C CB  . ARG A 1 68  ? 7.152   13.383  10.337  1.00 40.35  ? 68  ARG A CB  1 
ATOM   537  C CG  . ARG A 1 68  ? 7.400   14.327  11.498  1.00 38.52  ? 68  ARG A CG  1 
ATOM   538  C CD  . ARG A 1 68  ? 6.132   15.078  11.869  1.00 49.41  ? 68  ARG A CD  1 
ATOM   539  N NE  . ARG A 1 68  ? 5.585   15.829  10.744  1.00 70.48  ? 68  ARG A NE  1 
ATOM   540  C CZ  . ARG A 1 68  ? 4.440   16.503  10.782  1.00 80.78  ? 68  ARG A CZ  1 
ATOM   541  N NH1 . ARG A 1 68  ? 3.716   16.522  11.894  1.00 80.67  ? 68  ARG A NH1 1 
ATOM   542  N NH2 . ARG A 1 68  ? 4.020   17.159  9.708   1.00 81.97  ? 68  ARG A NH2 1 
ATOM   543  N N   . LEU A 1 69  ? 8.553   11.222  8.027   1.00 27.73  ? 69  LEU A N   1 
ATOM   544  C CA  . LEU A 1 69  ? 8.204   10.358  6.904   1.00 24.19  ? 69  LEU A CA  1 
ATOM   545  C C   . LEU A 1 69  ? 8.331   8.881   7.230   1.00 26.93  ? 69  LEU A C   1 
ATOM   546  O O   . LEU A 1 69  ? 9.249   8.469   7.939   1.00 28.26  ? 69  LEU A O   1 
ATOM   547  C CB  . LEU A 1 69  ? 9.095   10.675  5.701   1.00 23.65  ? 69  LEU A CB  1 
ATOM   548  C CG  . LEU A 1 69  ? 8.923   12.047  5.051   1.00 28.07  ? 69  LEU A CG  1 
ATOM   549  C CD1 . LEU A 1 69  ? 9.960   12.241  3.952   1.00 32.13  ? 69  LEU A CD1 1 
ATOM   550  C CD2 . LEU A 1 69  ? 7.521   12.148  4.476   1.00 25.23  ? 69  LEU A CD2 1 
ATOM   551  N N   . TYR A 1 70  ? 7.397   8.091   6.713   1.00 20.97  ? 70  TYR A N   1 
ATOM   552  C CA  . TYR A 1 70  ? 7.427   6.647   6.892   1.00 22.56  ? 70  TYR A CA  1 
ATOM   553  C C   . TYR A 1 70  ? 6.880   6.015   5.613   1.00 18.61  ? 70  TYR A C   1 
ATOM   554  O O   . TYR A 1 70  ? 6.189   6.676   4.833   1.00 18.59  ? 70  TYR A O   1 
ATOM   555  C CB  . TYR A 1 70  ? 6.606   6.206   8.121   1.00 26.58  ? 70  TYR A CB  1 
ATOM   556  C CG  . TYR A 1 70  ? 5.097   6.143   7.954   1.00 28.38  ? 70  TYR A CG  1 
ATOM   557  C CD1 . TYR A 1 70  ? 4.325   7.302   7.843   1.00 36.35  ? 70  TYR A CD1 1 
ATOM   558  C CD2 . TYR A 1 70  ? 4.438   4.912   7.957   1.00 35.82  ? 70  TYR A CD2 1 
ATOM   559  C CE1 . TYR A 1 70  ? 2.925   7.234   7.746   1.00 32.59  ? 70  TYR A CE1 1 
ATOM   560  C CE2 . TYR A 1 70  ? 3.045   4.831   7.860   1.00 42.32  ? 70  TYR A CE2 1 
ATOM   561  C CZ  . TYR A 1 70  ? 2.293   5.993   7.757   1.00 44.30  ? 70  TYR A CZ  1 
ATOM   562  O OH  . TYR A 1 70  ? 0.915   5.898   7.675   1.00 37.38  ? 70  TYR A OH  1 
ATOM   563  N N   . VAL A 1 71  ? 7.207   4.747   5.387   1.00 19.18  ? 71  VAL A N   1 
ATOM   564  C CA  . VAL A 1 71  ? 6.747   4.041   4.187   1.00 16.06  ? 71  VAL A CA  1 
ATOM   565  C C   . VAL A 1 71  ? 5.314   3.533   4.389   1.00 22.25  ? 71  VAL A C   1 
ATOM   566  O O   . VAL A 1 71  ? 5.105   2.473   4.981   1.00 19.35  ? 71  VAL A O   1 
ATOM   567  C CB  . VAL A 1 71  ? 7.681   2.837   3.882   1.00 19.21  ? 71  VAL A CB  1 
ATOM   568  C CG1 . VAL A 1 71  ? 7.261   2.150   2.579   1.00 17.92  ? 71  VAL A CG1 1 
ATOM   569  C CG2 . VAL A 1 71  ? 9.120   3.322   3.796   1.00 25.88  ? 71  VAL A CG2 1 
ATOM   570  N N   . LYS A 1 72  ? 4.335   4.293   3.899   1.00 20.07  ? 72  LYS A N   1 
ATOM   571  C CA  . LYS A 1 72  ? 2.934   3.913   4.046   1.00 19.10  ? 72  LYS A CA  1 
ATOM   572  C C   . LYS A 1 72  ? 2.636   2.696   3.211   1.00 21.56  ? 72  LYS A C   1 
ATOM   573  O O   . LYS A 1 72  ? 1.849   1.845   3.605   1.00 18.08  ? 72  LYS A O   1 
ATOM   574  C CB  . LYS A 1 72  ? 1.988   5.029   3.586   1.00 20.27  ? 72  LYS A CB  1 
ATOM   575  C CG  . LYS A 1 72  ? 2.126   6.339   4.343   1.00 36.84  ? 72  LYS A CG  1 
ATOM   576  C CD  . LYS A 1 72  ? 0.817   7.150   4.364   1.00 32.46  ? 72  LYS A CD  1 
ATOM   577  C CE  . LYS A 1 72  ? 0.389   7.661   3.006   1.00 37.44  ? 72  LYS A CE  1 
ATOM   578  N NZ  . LYS A 1 72  ? -0.773  8.620   3.126   1.00 24.98  ? 72  LYS A NZ  1 
ATOM   579  N N   . ALA A 1 73  ? 3.234   2.634   2.027   1.00 19.38  ? 73  ALA A N   1 
ATOM   580  C CA  . ALA A 1 73  ? 3.005   1.494   1.141   1.00 18.97  ? 73  ALA A CA  1 
ATOM   581  C C   . ALA A 1 73  ? 4.204   1.275   0.249   1.00 21.52  ? 73  ALA A C   1 
ATOM   582  O O   . ALA A 1 73  ? 4.924   2.220   -0.078  1.00 18.63  ? 73  ALA A O   1 
ATOM   583  C CB  . ALA A 1 73  ? 1.752   1.726   0.282   1.00 24.87  ? 73  ALA A CB  1 
ATOM   584  N N   . ALA A 1 74  ? 4.415   0.019   -0.122  1.00 21.80  ? 74  ALA A N   1 
ATOM   585  C CA  . ALA A 1 74  ? 5.510   -0.361  -1.006  1.00 20.31  ? 74  ALA A CA  1 
ATOM   586  C C   . ALA A 1 74  ? 5.092   -1.686  -1.616  1.00 20.32  ? 74  ALA A C   1 
ATOM   587  O O   . ALA A 1 74  ? 4.829   -2.662  -0.895  1.00 19.17  ? 74  ALA A O   1 
ATOM   588  C CB  . ALA A 1 74  ? 6.799   -0.527  -0.219  1.00 18.31  ? 74  ALA A CB  1 
ATOM   589  N N   . TYR A 1 75  ? 5.018   -1.736  -2.935  1.00 16.20  ? 75  TYR A N   1 
ATOM   590  C CA  . TYR A 1 75  ? 4.612   -2.980  -3.587  1.00 15.40  ? 75  TYR A CA  1 
ATOM   591  C C   . TYR A 1 75  ? 5.223   -3.124  -4.960  1.00 15.66  ? 75  TYR A C   1 
ATOM   592  O O   . TYR A 1 75  ? 5.773   -2.169  -5.513  1.00 20.42  ? 75  TYR A O   1 
ATOM   593  C CB  . TYR A 1 75  ? 3.084   -3.074  -3.680  1.00 18.35  ? 75  TYR A CB  1 
ATOM   594  C CG  . TYR A 1 75  ? 2.418   -1.828  -4.209  1.00 23.16  ? 75  TYR A CG  1 
ATOM   595  C CD1 . TYR A 1 75  ? 2.005   -0.800  -3.347  1.00 18.91  ? 75  TYR A CD1 1 
ATOM   596  C CD2 . TYR A 1 75  ? 2.198   -1.673  -5.570  1.00 18.68  ? 75  TYR A CD2 1 
ATOM   597  C CE1 . TYR A 1 75  ? 1.380   0.348   -3.850  1.00 20.17  ? 75  TYR A CE1 1 
ATOM   598  C CE2 . TYR A 1 75  ? 1.585   -0.541  -6.078  1.00 21.80  ? 75  TYR A CE2 1 
ATOM   599  C CZ  . TYR A 1 75  ? 1.176   0.462   -5.222  1.00 21.68  ? 75  TYR A CZ  1 
ATOM   600  O OH  . TYR A 1 75  ? 0.541   1.555   -5.767  1.00 29.31  ? 75  TYR A OH  1 
ATOM   601  N N   . VAL A 1 76  ? 5.096   -4.320  -5.516  1.00 19.06  ? 76  VAL A N   1 
ATOM   602  C CA  . VAL A 1 76  ? 5.678   -4.634  -6.810  1.00 16.61  ? 76  VAL A CA  1 
ATOM   603  C C   . VAL A 1 76  ? 4.634   -5.178  -7.777  1.00 23.03  ? 76  VAL A C   1 
ATOM   604  O O   . VAL A 1 76  ? 3.835   -6.045  -7.416  1.00 19.55  ? 76  VAL A O   1 
ATOM   605  C CB  . VAL A 1 76  ? 6.787   -5.710  -6.630  1.00 21.14  ? 76  VAL A CB  1 
ATOM   606  C CG1 . VAL A 1 76  ? 7.420   -6.045  -7.955  1.00 25.46  ? 76  VAL A CG1 1 
ATOM   607  C CG2 . VAL A 1 76  ? 7.829   -5.227  -5.630  1.00 24.18  ? 76  VAL A CG2 1 
ATOM   608  N N   . ASP A 1 77  ? 4.635   -4.671  -9.005  1.00 18.80  ? 77  ASP A N   1 
ATOM   609  C CA  . ASP A 1 77  ? 3.700   -5.174  -10.002 1.00 17.80  ? 77  ASP A CA  1 
ATOM   610  C C   . ASP A 1 77  ? 4.503   -5.920  -11.051 1.00 29.61  ? 77  ASP A C   1 
ATOM   611  O O   . ASP A 1 77  ? 5.682   -5.639  -11.239 1.00 21.08  ? 77  ASP A O   1 
ATOM   612  C CB  . ASP A 1 77  ? 2.943   -4.021  -10.647 1.00 21.98  ? 77  ASP A CB  1 
ATOM   613  C CG  . ASP A 1 77  ? 2.008   -3.338  -9.667  1.00 28.06  ? 77  ASP A CG  1 
ATOM   614  O OD1 . ASP A 1 77  ? 1.287   -4.062  -8.967  1.00 29.30  ? 77  ASP A OD1 1 
ATOM   615  O OD2 . ASP A 1 77  ? 1.996   -2.097  -9.599  1.00 28.00  ? 77  ASP A OD2 1 
ATOM   616  N N   . GLU A 1 78  ? 3.878   -6.878  -11.725 1.00 22.09  ? 78  GLU A N   1 
ATOM   617  C CA  . GLU A 1 78  ? 4.573   -7.628  -12.762 1.00 21.84  ? 78  GLU A CA  1 
ATOM   618  C C   . GLU A 1 78  ? 4.717   -6.797  -14.026 1.00 27.63  ? 78  GLU A C   1 
ATOM   619  O O   . GLU A 1 78  ? 3.751   -6.181  -14.489 1.00 25.71  ? 78  GLU A O   1 
ATOM   620  C CB  . GLU A 1 78  ? 3.807   -8.912  -13.093 1.00 25.27  ? 78  GLU A CB  1 
ATOM   621  C CG  . GLU A 1 78  ? 3.760   -9.917  -11.957 1.00 47.15  ? 78  GLU A CG  1 
ATOM   622  C CD  . GLU A 1 78  ? 2.912   -11.134 -12.295 1.00 60.31  ? 78  GLU A CD  1 
ATOM   623  O OE1 . GLU A 1 78  ? 3.271   -11.858 -13.245 1.00 41.67  ? 78  GLU A OE1 1 
ATOM   624  O OE2 . GLU A 1 78  ? 1.885   -11.362 -11.612 1.00 58.19  ? 78  GLU A OE2 1 
ATOM   625  N N   . GLY A 1 79  ? 5.918   -6.773  -14.595 1.00 23.19  ? 79  GLY A N   1 
ATOM   626  C CA  . GLY A 1 79  ? 6.111   -6.007  -15.815 1.00 21.37  ? 79  GLY A CA  1 
ATOM   627  C C   . GLY A 1 79  ? 6.226   -6.925  -17.025 1.00 23.49  ? 79  GLY A C   1 
ATOM   628  O O   . GLY A 1 79  ? 5.930   -8.125  -16.928 1.00 23.30  ? 79  GLY A O   1 
ATOM   629  N N   . PRO A 1 80  ? 6.650   -6.389  -18.179 1.00 24.20  ? 80  PRO A N   1 
ATOM   630  C CA  . PRO A 1 80  ? 6.806   -7.165  -19.412 1.00 23.72  ? 80  PRO A CA  1 
ATOM   631  C C   . PRO A 1 80  ? 7.741   -8.353  -19.212 1.00 25.47  ? 80  PRO A C   1 
ATOM   632  O O   . PRO A 1 80  ? 8.616   -8.340  -18.347 1.00 21.92  ? 80  PRO A O   1 
ATOM   633  C CB  . PRO A 1 80  ? 7.381   -6.144  -20.396 1.00 28.49  ? 80  PRO A CB  1 
ATOM   634  C CG  . PRO A 1 80  ? 6.804   -4.863  -19.928 1.00 35.38  ? 80  PRO A CG  1 
ATOM   635  C CD  . PRO A 1 80  ? 6.925   -4.964  -18.423 1.00 27.31  ? 80  PRO A CD  1 
ATOM   636  N N   . ALA A 1 81  ? 7.537   -9.384  -20.018 1.00 22.47  ? 81  ALA A N   1 
ATOM   637  C CA  . ALA A 1 81  ? 8.350   -10.584 -19.956 1.00 27.63  ? 81  ALA A CA  1 
ATOM   638  C C   . ALA A 1 81  ? 9.635   -10.455 -20.758 1.00 26.33  ? 81  ALA A C   1 
ATOM   639  O O   . ALA A 1 81  ? 9.775   -9.576  -21.608 1.00 22.61  ? 81  ALA A O   1 
ATOM   640  C CB  . ALA A 1 81  ? 7.544   -11.770 -20.487 1.00 29.45  ? 81  ALA A CB  1 
ATOM   641  N N   . VAL A 1 82  ? 10.578  -11.342 -20.473 1.00 20.30  ? 85  VAL A N   1 
ATOM   642  C CA  . VAL A 1 82  ? 11.831  -11.390 -21.219 1.00 25.78  ? 85  VAL A CA  1 
ATOM   643  C C   . VAL A 1 82  ? 11.877  -12.793 -21.832 1.00 24.16  ? 85  VAL A C   1 
ATOM   644  O O   . VAL A 1 82  ? 11.666  -13.783 -21.127 1.00 24.85  ? 85  VAL A O   1 
ATOM   645  C CB  . VAL A 1 82  ? 13.067  -11.211 -20.302 1.00 35.16  ? 85  VAL A CB  1 
ATOM   646  C CG1 . VAL A 1 82  ? 14.332  -11.355 -21.127 1.00 30.51  ? 85  VAL A CG1 1 
ATOM   647  C CG2 . VAL A 1 82  ? 13.035  -9.836  -19.613 1.00 26.44  ? 85  VAL A CG2 1 
ATOM   648  N N   . LEU A 1 83  ? 12.118  -12.884 -23.141 1.00 21.99  ? 86  LEU A N   1 
ATOM   649  C CA  . LEU A 1 83  ? 12.201  -14.185 -23.793 1.00 25.50  ? 86  LEU A CA  1 
ATOM   650  C C   . LEU A 1 83  ? 13.600  -14.808 -23.596 1.00 23.27  ? 86  LEU A C   1 
ATOM   651  O O   . LEU A 1 83  ? 14.563  -14.102 -23.294 1.00 25.76  ? 86  LEU A O   1 
ATOM   652  C CB  . LEU A 1 83  ? 11.901  -14.060 -25.294 1.00 26.69  ? 86  LEU A CB  1 
ATOM   653  C CG  . LEU A 1 83  ? 10.483  -13.739 -25.783 1.00 34.99  ? 86  LEU A CG  1 
ATOM   654  C CD1 . LEU A 1 83  ? 9.480   -14.668 -25.118 1.00 36.59  ? 86  LEU A CD1 1 
ATOM   655  C CD2 . LEU A 1 83  ? 10.164  -12.301 -25.484 1.00 46.04  ? 86  LEU A CD2 1 
ATOM   656  N N   . PRO A 1 84  ? 13.724  -16.137 -23.779 1.00 23.53  ? 87  PRO A N   1 
ATOM   657  C CA  . PRO A 1 84  ? 14.985  -16.882 -23.625 1.00 30.31  ? 87  PRO A CA  1 
ATOM   658  C C   . PRO A 1 84  ? 16.082  -16.477 -24.609 1.00 32.47  ? 87  PRO A C   1 
ATOM   659  O O   . PRO A 1 84  ? 17.264  -16.689 -24.347 1.00 28.86  ? 87  PRO A O   1 
ATOM   660  C CB  . PRO A 1 84  ? 14.568  -18.342 -23.847 1.00 31.87  ? 87  PRO A CB  1 
ATOM   661  C CG  . PRO A 1 84  ? 13.099  -18.346 -23.618 1.00 35.55  ? 87  PRO A CG  1 
ATOM   662  C CD  . PRO A 1 84  ? 12.645  -17.050 -24.192 1.00 25.39  ? 87  PRO A CD  1 
ATOM   663  N N   . ARG A 1 85  ? 15.684  -15.914 -25.744 1.00 25.03  ? 88  ARG A N   1 
ATOM   664  C CA  . ARG A 1 85  ? 16.625  -15.483 -26.774 1.00 22.65  ? 88  ARG A CA  1 
ATOM   665  C C   . ARG A 1 85  ? 16.065  -14.281 -27.520 1.00 28.17  ? 88  ARG A C   1 
ATOM   666  O O   . ARG A 1 85  ? 14.854  -14.139 -27.638 1.00 29.68  ? 88  ARG A O   1 
ATOM   667  C CB  . ARG A 1 85  ? 16.878  -16.619 -27.765 1.00 19.93  ? 88  ARG A CB  1 
ATOM   668  C CG  . ARG A 1 85  ? 18.045  -17.531 -27.416 1.00 44.32  ? 88  ARG A CG  1 
ATOM   669  C CD  . ARG A 1 85  ? 17.553  -18.892 -26.961 1.00 45.45  ? 88  ARG A CD  1 
ATOM   670  N NE  . ARG A 1 85  ? 16.347  -19.292 -27.681 1.00 35.03  ? 88  ARG A NE  1 
ATOM   671  C CZ  . ARG A 1 85  ? 15.526  -20.250 -27.268 1.00 35.12  ? 88  ARG A CZ  1 
ATOM   672  N NH1 . ARG A 1 85  ? 15.797  -20.912 -26.150 1.00 29.68  ? 88  ARG A NH1 1 
ATOM   673  N NH2 . ARG A 1 85  ? 14.401  -20.500 -27.926 1.00 27.69  ? 88  ARG A NH2 1 
ATOM   674  N N   . ALA A 1 86  ? 16.947  -13.431 -28.047 1.00 30.94  ? 89  ALA A N   1 
ATOM   675  C CA  . ALA A 1 86  ? 16.517  -12.231 -28.760 1.00 29.34  ? 89  ALA A CA  1 
ATOM   676  C C   . ALA A 1 86  ? 15.986  -12.512 -30.166 1.00 29.25  ? 89  ALA A C   1 
ATOM   677  O O   . ALA A 1 86  ? 15.150  -11.767 -30.683 1.00 29.56  ? 89  ALA A O   1 
ATOM   678  C CB  . ALA A 1 86  ? 17.668  -11.218 -28.818 1.00 33.39  ? 89  ALA A CB  1 
ATOM   679  N N   . ARG A 1 87  ? 16.469  -13.575 -30.796 1.00 21.06  ? 90  ARG A N   1 
ATOM   680  C CA  . ARG A 1 87  ? 15.979  -13.900 -32.122 1.00 25.06  ? 90  ARG A CA  1 
ATOM   681  C C   . ARG A 1 87  ? 15.693  -15.385 -32.266 1.00 26.90  ? 90  ARG A C   1 
ATOM   682  O O   . ARG A 1 87  ? 16.201  -16.197 -31.500 1.00 26.02  ? 90  ARG A O   1 
ATOM   683  C CB  . ARG A 1 87  ? 16.979  -13.426 -33.189 1.00 27.73  ? 90  ARG A CB  1 
ATOM   684  C CG  . ARG A 1 87  ? 16.815  -11.949 -33.559 1.00 36.21  ? 90  ARG A CG  1 
ATOM   685  C CD  . ARG A 1 87  ? 15.433  -11.702 -34.175 1.00 40.67  ? 90  ARG A CD  1 
ATOM   686  N NE  . ARG A 1 87  ? 15.248  -10.338 -34.664 1.00 52.60  ? 90  ARG A NE  1 
ATOM   687  C CZ  . ARG A 1 87  ? 15.067  -9.274  -33.887 1.00 62.65  ? 90  ARG A CZ  1 
ATOM   688  N NH1 . ARG A 1 87  ? 15.043  -9.402  -32.565 1.00 65.33  ? 90  ARG A NH1 1 
ATOM   689  N NH2 . ARG A 1 87  ? 14.904  -8.077  -34.435 1.00 53.77  ? 90  ARG A NH2 1 
ATOM   690  N N   . GLY A 1 88  ? 14.871  -15.726 -33.254 1.00 22.35  ? 91  GLY A N   1 
ATOM   691  C CA  . GLY A 1 88  ? 14.515  -17.109 -33.492 1.00 26.22  ? 91  GLY A CA  1 
ATOM   692  C C   . GLY A 1 88  ? 13.286  -17.516 -32.692 1.00 21.97  ? 91  GLY A C   1 
ATOM   693  O O   . GLY A 1 88  ? 12.786  -16.752 -31.874 1.00 21.65  ? 91  GLY A O   1 
ATOM   694  N N   . ARG A 1 89  ? 12.797  -18.724 -32.928 1.00 22.50  ? 92  ARG A N   1 
ATOM   695  C CA  . ARG A 1 89  ? 11.624  -19.215 -32.218 1.00 30.41  ? 92  ARG A CA  1 
ATOM   696  C C   . ARG A 1 89  ? 11.834  -19.281 -30.698 1.00 28.26  ? 92  ARG A C   1 
ATOM   697  O O   . ARG A 1 89  ? 12.923  -19.611 -30.225 1.00 24.06  ? 92  ARG A O   1 
ATOM   698  C CB  . ARG A 1 89  ? 11.272  -20.605 -32.753 1.00 32.25  ? 92  ARG A CB  1 
ATOM   699  C CG  . ARG A 1 89  ? 10.218  -21.352 -31.994 1.00 39.96  ? 92  ARG A CG  1 
ATOM   700  C CD  . ARG A 1 89  ? 10.061  -22.744 -32.599 1.00 39.05  ? 92  ARG A CD  1 
ATOM   701  N NE  . ARG A 1 89  ? 8.924   -23.466 -32.049 1.00 36.31  ? 92  ARG A NE  1 
ATOM   702  C CZ  . ARG A 1 89  ? 8.346   -24.504 -32.642 1.00 38.00  ? 92  ARG A CZ  1 
ATOM   703  N NH1 . ARG A 1 89  ? 8.804   -24.943 -33.809 1.00 33.81  ? 92  ARG A NH1 1 
ATOM   704  N NH2 . ARG A 1 89  ? 7.305   -25.094 -32.070 1.00 49.30  ? 92  ARG A NH2 1 
ATOM   705  N N   . ALA A 1 90  ? 10.784  -18.954 -29.946 1.00 25.51  ? 93  ALA A N   1 
ATOM   706  C CA  . ALA A 1 90  ? 10.801  -19.013 -28.487 1.00 26.27  ? 93  ALA A CA  1 
ATOM   707  C C   . ALA A 1 90  ? 9.473   -19.649 -28.106 1.00 20.63  ? 93  ALA A C   1 
ATOM   708  O O   . ALA A 1 90  ? 8.440   -19.328 -28.702 1.00 24.27  ? 93  ALA A O   1 
ATOM   709  C CB  . ALA A 1 90  ? 10.915  -17.621 -27.884 1.00 25.64  ? 93  ALA A CB  1 
ATOM   710  N N   . ASP A 1 91  ? 9.509   -20.563 -27.142 1.00 21.10  ? 94  ASP A N   1 
ATOM   711  C CA  . ASP A 1 91  ? 8.319   -21.267 -26.703 1.00 22.14  ? 94  ASP A CA  1 
ATOM   712  C C   . ASP A 1 91  ? 8.055   -21.176 -25.207 1.00 23.54  ? 94  ASP A C   1 
ATOM   713  O O   . ASP A 1 91  ? 7.222   -21.909 -24.676 1.00 23.81  ? 94  ASP A O   1 
ATOM   714  C CB  . ASP A 1 91  ? 8.396   -22.734 -27.146 1.00 24.58  ? 94  ASP A CB  1 
ATOM   715  C CG  . ASP A 1 91  ? 8.327   -22.885 -28.664 1.00 29.92  ? 94  ASP A CG  1 
ATOM   716  O OD1 . ASP A 1 91  ? 7.215   -22.950 -29.220 1.00 29.55  ? 94  ASP A OD1 1 
ATOM   717  O OD2 . ASP A 1 91  ? 9.388   -22.916 -29.306 1.00 30.77  ? 94  ASP A OD2 1 
ATOM   718  N N   . ILE A 1 92  ? 8.752   -20.265 -24.532 1.00 18.14  ? 95  ILE A N   1 
ATOM   719  C CA  . ILE A 1 92  ? 8.567   -20.088 -23.100 1.00 19.35  ? 95  ILE A CA  1 
ATOM   720  C C   . ILE A 1 92  ? 9.097   -18.720 -22.691 1.00 21.36  ? 95  ILE A C   1 
ATOM   721  O O   . ILE A 1 92  ? 9.901   -18.128 -23.396 1.00 25.11  ? 95  ILE A O   1 
ATOM   722  C CB  . ILE A 1 92  ? 9.326   -21.195 -22.297 1.00 24.30  ? 95  ILE A CB  1 
ATOM   723  C CG1 . ILE A 1 92  ? 8.870   -21.204 -20.837 1.00 23.57  ? 95  ILE A CG1 1 
ATOM   724  C CG2 . ILE A 1 92  ? 10.825  -20.946 -22.353 1.00 26.16  ? 95  ILE A CG2 1 
ATOM   725  C CD1 . ILE A 1 92  ? 9.502   -22.348 -20.028 1.00 30.35  ? 95  ILE A CD1 1 
ATOM   726  N N   . ILE A 1 93  ? 8.618   -18.220 -21.555 1.00 19.66  ? 96  ILE A N   1 
ATOM   727  C CA  . ILE A 1 93  ? 9.058   -16.930 -21.024 1.00 23.35  ? 96  ILE A CA  1 
ATOM   728  C C   . ILE A 1 93  ? 10.172  -17.242 -20.050 1.00 23.78  ? 96  ILE A C   1 
ATOM   729  O O   . ILE A 1 93  ? 10.042  -18.154 -19.243 1.00 32.16  ? 96  ILE A O   1 
ATOM   730  C CB  . ILE A 1 93  ? 7.896   -16.219 -20.273 1.00 24.34  ? 96  ILE A CB  1 
ATOM   731  C CG1 . ILE A 1 93  ? 6.815   -15.829 -21.275 1.00 24.23  ? 96  ILE A CG1 1 
ATOM   732  C CG2 . ILE A 1 93  ? 8.405   -15.019 -19.503 1.00 37.15  ? 96  ILE A CG2 1 
ATOM   733  C CD1 . ILE A 1 93  ? 7.301   -14.992 -22.419 1.00 37.15  ? 96  ILE A CD1 1 
ATOM   734  N N   . LYS A 1 94  ? 11.274  -16.498 -20.135 1.00 18.63  ? 97  LYS A N   1 
ATOM   735  C CA  . LYS A 1 94  ? 12.415  -16.722 -19.253 1.00 27.85  ? 97  LYS A CA  1 
ATOM   736  C C   . LYS A 1 94  ? 12.104  -16.188 -17.856 1.00 35.98  ? 97  LYS A C   1 
ATOM   737  O O   . LYS A 1 94  ? 12.208  -16.905 -16.858 1.00 28.94  ? 97  LYS A O   1 
ATOM   738  C CB  . LYS A 1 94  ? 13.649  -16.015 -19.826 1.00 31.45  ? 97  LYS A CB  1 
ATOM   739  C CG  . LYS A 1 94  ? 14.927  -16.183 -19.008 1.00 53.91  ? 97  LYS A CG  1 
ATOM   740  C CD  . LYS A 1 94  ? 16.044  -15.310 -19.578 1.00 66.45  ? 97  LYS A CD  1 
ATOM   741  C CE  . LYS A 1 94  ? 17.362  -15.501 -18.840 1.00 68.11  ? 97  LYS A CE  1 
ATOM   742  N NZ  . LYS A 1 94  ? 17.916  -16.867 -19.051 1.00 66.51  ? 97  LYS A NZ  1 
ATOM   743  N N   . LYS A 1 95  ? 11.719  -14.919 -17.796 1.00 31.57  ? 98  LYS A N   1 
ATOM   744  C CA  . LYS A 1 95  ? 11.390  -14.281 -16.529 1.00 33.99  ? 98  LYS A CA  1 
ATOM   745  C C   . LYS A 1 95  ? 10.530  -13.070 -16.807 1.00 27.05  ? 98  LYS A C   1 
ATOM   746  O O   . LYS A 1 95  ? 10.295  -12.724 -17.961 1.00 23.82  ? 98  LYS A O   1 
ATOM   747  C CB  . LYS A 1 95  ? 12.668  -13.844 -15.792 1.00 36.57  ? 98  LYS A CB  1 
ATOM   748  C CG  . LYS A 1 95  ? 13.443  -14.982 -15.130 1.00 57.95  ? 98  LYS A CG  1 
ATOM   749  C CD  . LYS A 1 95  ? 14.673  -14.480 -14.378 1.00 69.84  ? 98  LYS A CD  1 
ATOM   750  C CE  . LYS A 1 95  ? 15.864  -14.255 -15.302 1.00 74.07  ? 98  LYS A CE  1 
ATOM   751  N NZ  . LYS A 1 95  ? 16.437  -15.536 -15.805 1.00 79.29  ? 98  LYS A NZ  1 
ATOM   752  N N   . ARG A 1 96  ? 10.057  -12.429 -15.745 1.00 27.01  ? 99  ARG A N   1 
ATOM   753  C CA  . ARG A 1 96  ? 9.240   -11.230 -15.881 1.00 26.41  ? 99  ARG A CA  1 
ATOM   754  C C   . ARG A 1 96  ? 10.025  -10.088 -15.229 1.00 31.07  ? 99  ARG A C   1 
ATOM   755  O O   . ARG A 1 96  ? 10.882  -10.326 -14.366 1.00 25.37  ? 99  ARG A O   1 
ATOM   756  C CB  . ARG A 1 96  ? 7.907   -11.425 -15.160 1.00 29.26  ? 99  ARG A CB  1 
ATOM   757  C CG  . ARG A 1 96  ? 6.749   -10.664 -15.753 1.00 51.82  ? 99  ARG A CG  1 
ATOM   758  C CD  . ARG A 1 96  ? 5.985   -11.491 -16.780 1.00 45.17  ? 99  ARG A CD  1 
ATOM   759  N NE  . ARG A 1 96  ? 4.975   -10.669 -17.440 1.00 60.37  ? 99  ARG A NE  1 
ATOM   760  C CZ  . ARG A 1 96  ? 4.039   -11.132 -18.259 1.00 59.80  ? 99  ARG A CZ  1 
ATOM   761  N NH1 . ARG A 1 96  ? 3.969   -12.428 -18.529 1.00 54.69  ? 99  ARG A NH1 1 
ATOM   762  N NH2 . ARG A 1 96  ? 3.175   -10.294 -18.812 1.00 71.83  ? 99  ARG A NH2 1 
ATOM   763  N N   . THR A 1 97  ? 9.760   -8.859  -15.655 1.00 24.85  ? 100 THR A N   1 
ATOM   764  C CA  . THR A 1 97  ? 10.435  -7.702  -15.070 1.00 20.27  ? 100 THR A CA  1 
ATOM   765  C C   . THR A 1 97  ? 9.481   -7.173  -14.000 1.00 22.41  ? 100 THR A C   1 
ATOM   766  O O   . THR A 1 97  ? 8.407   -7.734  -13.793 1.00 21.33  ? 100 THR A O   1 
ATOM   767  C CB  . THR A 1 97  ? 10.670  -6.603  -16.100 1.00 25.41  ? 100 THR A CB  1 
ATOM   768  O OG1 . THR A 1 97  ? 9.422   -6.248  -16.710 1.00 20.16  ? 100 THR A OG1 1 
ATOM   769  C CG2 . THR A 1 97  ? 11.660  -7.064  -17.168 1.00 32.50  ? 100 THR A CG2 1 
ATOM   770  N N   . SER A 1 98  ? 9.849   -6.095  -13.318 1.00 20.31  ? 101 SER A N   1 
ATOM   771  C CA  . SER A 1 98  ? 8.950   -5.587  -12.284 1.00 22.62  ? 101 SER A CA  1 
ATOM   772  C C   . SER A 1 98  ? 8.890   -4.066  -12.212 1.00 23.51  ? 101 SER A C   1 
ATOM   773  O O   . SER A 1 98  ? 9.807   -3.376  -12.666 1.00 22.94  ? 101 SER A O   1 
ATOM   774  C CB  . SER A 1 98  ? 9.356   -6.167  -10.922 1.00 28.11  ? 101 SER A CB  1 
ATOM   775  O OG  . SER A 1 98  ? 10.673  -5.813  -10.585 1.00 41.80  ? 101 SER A OG  1 
ATOM   776  N N   . HIS A 1 99  ? 7.780   -3.567  -11.667 1.00 16.49  ? 102 HIS A N   1 
ATOM   777  C CA  . HIS A 1 99  ? 7.548   -2.141  -11.460 1.00 13.39  ? 102 HIS A CA  1 
ATOM   778  C C   . HIS A 1 99  ? 7.467   -1.995  -9.946  1.00 20.27  ? 102 HIS A C   1 
ATOM   779  O O   . HIS A 1 99  ? 6.735   -2.730  -9.296  1.00 20.49  ? 102 HIS A O   1 
ATOM   780  C CB  . HIS A 1 99  ? 6.217   -1.703  -12.050 1.00 15.48  ? 102 HIS A CB  1 
ATOM   781  C CG  . HIS A 1 99  ? 6.048   -2.047  -13.494 1.00 21.22  ? 102 HIS A CG  1 
ATOM   782  N ND1 . HIS A 1 99  ? 6.990   -1.727  -14.447 1.00 25.30  ? 102 HIS A ND1 1 
ATOM   783  C CD2 . HIS A 1 99  ? 5.007   -2.599  -14.159 1.00 21.59  ? 102 HIS A CD2 1 
ATOM   784  C CE1 . HIS A 1 99  ? 6.531   -2.063  -15.642 1.00 24.22  ? 102 HIS A CE1 1 
ATOM   785  N NE2 . HIS A 1 99  ? 5.330   -2.593  -15.494 1.00 24.17  ? 102 HIS A NE2 1 
ATOM   786  N N   . ILE A 1 100 ? 8.196   -1.045  -9.385  1.00 15.76  ? 103 ILE A N   1 
ATOM   787  C CA  . ILE A 1 100 ? 8.192   -0.901  -7.945  1.00 17.32  ? 103 ILE A CA  1 
ATOM   788  C C   . ILE A 1 100 ? 7.624   0.447   -7.555  1.00 19.26  ? 103 ILE A C   1 
ATOM   789  O O   . ILE A 1 100 ? 7.999   1.478   -8.118  1.00 22.29  ? 103 ILE A O   1 
ATOM   790  C CB  . ILE A 1 100 ? 9.631   -1.097  -7.374  1.00 14.84  ? 103 ILE A CB  1 
ATOM   791  C CG1 . ILE A 1 100 ? 9.680   -0.729  -5.889  1.00 19.58  ? 103 ILE A CG1 1 
ATOM   792  C CG2 . ILE A 1 100 ? 10.615  -0.280  -8.173  1.00 48.94  ? 103 ILE A CG2 1 
ATOM   793  C CD1 . ILE A 1 100 ? 11.054  -0.814  -5.274  1.00 47.55  ? 103 ILE A CD1 1 
ATOM   794  N N   . THR A 1 101 ? 6.687   0.420   -6.609  1.00 18.54  ? 104 THR A N   1 
ATOM   795  C CA  . THR A 1 101 ? 6.062   1.638   -6.114  1.00 19.66  ? 104 THR A CA  1 
ATOM   796  C C   . THR A 1 101 ? 6.321   1.826   -4.620  1.00 23.99  ? 104 THR A C   1 
ATOM   797  O O   . THR A 1 101 ? 6.316   0.860   -3.853  1.00 19.18  ? 104 THR A O   1 
ATOM   798  C CB  . THR A 1 101 ? 4.522   1.621   -6.338  1.00 20.76  ? 104 THR A CB  1 
ATOM   799  O OG1 . THR A 1 101 ? 4.229   1.538   -7.739  1.00 22.82  ? 104 THR A OG1 1 
ATOM   800  C CG2 . THR A 1 101 ? 3.904   2.879   -5.792  1.00 20.50  ? 104 THR A CG2 1 
ATOM   801  N N   . VAL A 1 102 ? 6.585   3.074   -4.227  1.00 19.15  ? 105 VAL A N   1 
ATOM   802  C CA  . VAL A 1 102 ? 6.774   3.420   -2.826  1.00 20.15  ? 105 VAL A CA  1 
ATOM   803  C C   . VAL A 1 102 ? 5.968   4.695   -2.565  1.00 17.04  ? 105 VAL A C   1 
ATOM   804  O O   . VAL A 1 102 ? 6.036   5.666   -3.331  1.00 18.41  ? 105 VAL A O   1 
ATOM   805  C CB  . VAL A 1 102 ? 8.260   3.683   -2.454  1.00 20.81  ? 105 VAL A CB  1 
ATOM   806  C CG1 . VAL A 1 102 ? 8.355   4.215   -1.015  1.00 25.42  ? 105 VAL A CG1 1 
ATOM   807  C CG2 . VAL A 1 102 ? 9.064   2.398   -2.557  1.00 18.97  ? 105 VAL A CG2 1 
ATOM   808  N N   . ILE A 1 103 ? 5.210   4.687   -1.481  1.00 15.53  ? 106 ILE A N   1 
ATOM   809  C CA  . ILE A 1 103 ? 4.401   5.848   -1.099  1.00 14.39  ? 106 ILE A CA  1 
ATOM   810  C C   . ILE A 1 103 ? 4.779   6.266   0.311   1.00 18.84  ? 106 ILE A C   1 
ATOM   811  O O   . ILE A 1 103 ? 4.706   5.464   1.244   1.00 19.11  ? 106 ILE A O   1 
ATOM   812  C CB  . ILE A 1 103 ? 2.886   5.507   -1.150  1.00 20.91  ? 106 ILE A CB  1 
ATOM   813  C CG1 . ILE A 1 103 ? 2.525   5.055   -2.560  1.00 18.59  ? 106 ILE A CG1 1 
ATOM   814  C CG2 . ILE A 1 103 ? 2.035   6.734   -0.783  1.00 19.55  ? 106 ILE A CG2 1 
ATOM   815  C CD1 . ILE A 1 103 ? 1.048   4.687   -2.745  1.00 21.36  ? 106 ILE A CD1 1 
ATOM   816  N N   . LEU A 1 104 ? 5.223   7.514   0.461   1.00 15.20  ? 107 LEU A N   1 
ATOM   817  C CA  . LEU A 1 104 ? 5.609   8.009   1.762   1.00 15.41  ? 107 LEU A CA  1 
ATOM   818  C C   . LEU A 1 104 ? 4.531   8.945   2.286   1.00 23.54  ? 107 LEU A C   1 
ATOM   819  O O   . LEU A 1 104 ? 3.869   9.626   1.511   1.00 22.16  ? 107 LEU A O   1 
ATOM   820  C CB  . LEU A 1 104 ? 6.929   8.770   1.688   1.00 20.42  ? 107 LEU A CB  1 
ATOM   821  C CG  . LEU A 1 104 ? 8.148   7.994   1.204   1.00 20.96  ? 107 LEU A CG  1 
ATOM   822  C CD1 . LEU A 1 104 ? 9.362   8.914   1.230   1.00 27.21  ? 107 LEU A CD1 1 
ATOM   823  C CD2 . LEU A 1 104 ? 8.376   6.780   2.088   1.00 30.14  ? 107 LEU A CD2 1 
ATOM   824  N N   . GLY A 1 105 ? 4.389   8.968   3.605   1.00 23.77  ? 108 GLY A N   1 
ATOM   825  C CA  . GLY A 1 105 ? 3.407   9.820   4.258   1.00 26.75  ? 108 GLY A CA  1 
ATOM   826  C C   . GLY A 1 105 ? 3.988   10.278  5.577   1.00 35.02  ? 108 GLY A C   1 
ATOM   827  O O   . GLY A 1 105 ? 5.031   9.784   5.990   1.00 23.45  ? 108 GLY A O   1 
ATOM   828  N N   . GLU A 1 106 ? 3.338   11.227  6.243   1.00 30.37  ? 109 GLU A N   1 
ATOM   829  C CA  . GLU A 1 106 ? 3.862   11.706  7.512   1.00 33.21  ? 109 GLU A CA  1 
ATOM   830  C C   . GLU A 1 106 ? 3.251   10.989  8.716   1.00 45.68  ? 109 GLU A C   1 
ATOM   831  O O   . GLU A 1 106 ? 2.084   10.597  8.696   1.00 43.88  ? 109 GLU A O   1 
ATOM   832  C CB  . GLU A 1 106 ? 3.670   13.227  7.627   1.00 40.26  ? 109 GLU A CB  1 
ATOM   833  C CG  . GLU A 1 106 ? 4.879   14.034  7.116   1.00 38.42  ? 109 GLU A CG  1 
ATOM   834  C CD  . GLU A 1 106 ? 4.641   15.545  7.086   1.00 47.67  ? 109 GLU A CD  1 
ATOM   835  O OE1 . GLU A 1 106 ? 5.605   16.313  7.311   1.00 40.85  ? 109 GLU A OE1 1 
ATOM   836  O OE2 . GLU A 1 106 ? 3.500   15.964  6.819   1.00 48.88  ? 109 GLU A OE2 1 
ATOM   837  N N   . LYS A 1 107 ? 4.089   10.813  9.739   1.00 47.52  ? 110 LYS A N   1 
ATOM   838  C CA  . LYS A 1 107 ? 3.788   10.160  11.018  1.00 64.85  ? 110 LYS A CA  1 
ATOM   839  C C   . LYS A 1 107 ? 2.530   9.297   11.180  1.00 75.75  ? 110 LYS A C   1 
ATOM   840  O O   . LYS A 1 107 ? 2.177   8.512   10.302  1.00 80.28  ? 110 LYS A O   1 
ATOM   841  C CB  . LYS A 1 107 ? 3.814   11.202  12.144  1.00 58.90  ? 110 LYS A CB  1 
ATOM   842  C CG  . LYS A 1 107 ? 2.648   12.176  12.130  1.00 72.17  ? 110 LYS A CG  1 
ATOM   843  C CD  . LYS A 1 107 ? 2.473   12.822  13.492  1.00 78.62  ? 110 LYS A CD  1 
ATOM   844  C CE  . LYS A 1 107 ? 1.137   13.534  13.602  1.00 85.60  ? 110 LYS A CE  1 
ATOM   845  N NZ  . LYS A 1 107 ? 0.871   13.954  15.005  1.00 89.97  ? 110 LYS A NZ  1 
ATOM   846  N N   . HIS A 1 108 ? 1.888   9.449   12.341  1.00 86.44  ? 111 HIS A N   1 
ATOM   847  C CA  . HIS A 1 108 ? 0.680   8.723   12.744  1.00 90.87  ? 111 HIS A CA  1 
ATOM   848  C C   . HIS A 1 108 ? -0.076  7.924   11.690  1.00 92.55  ? 111 HIS A C   1 
ATOM   849  O O   . HIS A 1 108 ? -0.239  8.353   10.547  1.00 93.54  ? 111 HIS A O   1 
ATOM   850  C CB  . HIS A 1 108 ? -0.291  9.676   13.448  1.00 94.92  ? 111 HIS A CB  1 
ATOM   851  C CG  . HIS A 1 108 ? 0.137   10.060  14.832  1.00 101.45 ? 111 HIS A CG  1 
ATOM   852  N ND1 . HIS A 1 108 ? -0.626  10.865  15.652  1.00 101.94 ? 111 HIS A ND1 1 
ATOM   853  C CD2 . HIS A 1 108 ? 1.245   9.743   15.545  1.00 99.54  ? 111 HIS A CD2 1 
ATOM   854  C CE1 . HIS A 1 108 ? -0.008  11.027  16.808  1.00 101.81 ? 111 HIS A CE1 1 
ATOM   855  N NE2 . HIS A 1 108 ? 1.131   10.357  16.769  1.00 103.42 ? 111 HIS A NE2 1 
ATOM   856  N N   . GLY A 1 109 ? -0.556  6.756   12.110  1.00 93.04  ? 112 GLY A N   1 
ATOM   857  C CA  . GLY A 1 109 ? -1.281  5.876   11.218  1.00 89.92  ? 112 GLY A CA  1 
ATOM   858  C C   . GLY A 1 109 ? -0.336  4.791   10.744  1.00 93.09  ? 112 GLY A C   1 
ATOM   859  O O   . GLY A 1 109 ? 0.879   4.904   10.922  1.00 93.32  ? 112 GLY A O   1 
ATOM   860  N N   . LYS A 1 110 ? -0.880  3.735   10.151  1.00 91.48  ? 113 LYS A N   1 
ATOM   861  C CA  . LYS A 1 110 ? -0.058  2.638   9.652   1.00 92.17  ? 113 LYS A CA  1 
ATOM   862  C C   . LYS A 1 110 ? -0.838  1.844   8.613   1.00 85.77  ? 113 LYS A C   1 
ATOM   863  O O   . LYS A 1 110 ? -1.047  0.630   8.820   1.00 89.25  ? 113 LYS A O   1 
ATOM   864  C CB  . LYS A 1 110 ? 0.370   1.723   10.805  1.00 93.02  ? 113 LYS A CB  1 
ATOM   865  C CG  . LYS A 1 110 ? 1.383   0.645   10.425  1.00 91.41  ? 113 LYS A CG  1 
ATOM   866  C CD  . LYS A 1 110 ? 2.711   1.235   9.953   1.00 93.19  ? 113 LYS A CD  1 
ATOM   867  C CE  . LYS A 1 110 ? 3.478   1.917   11.080  1.00 88.52  ? 113 LYS A CE  1 
ATOM   868  N NZ  . LYS A 1 110 ? 2.806   3.145   11.586  1.00 95.64  ? 113 LYS A NZ  1 
ATOM   869  O OXT . LYS A 1 110 ? -1.232  2.460   7.602   1.00 75.31  ? 113 LYS A OXT 1 
ATOM   870  N N   . MET B 1 1   ? -5.074  -0.983  -14.375 1.00 52.68  ? 1   MET B N   1 
ATOM   871  C CA  . MET B 1 1   ? -3.903  -1.561  -13.651 1.00 60.67  ? 1   MET B CA  1 
ATOM   872  C C   . MET B 1 1   ? -4.097  -1.581  -12.132 1.00 51.12  ? 1   MET B C   1 
ATOM   873  O O   . MET B 1 1   ? -3.811  -2.585  -11.483 1.00 60.83  ? 1   MET B O   1 
ATOM   874  C CB  . MET B 1 1   ? -2.633  -0.779  -14.000 1.00 68.15  ? 1   MET B CB  1 
ATOM   875  C CG  . MET B 1 1   ? -2.725  0.717   -13.738 1.00 83.35  ? 1   MET B CG  1 
ATOM   876  S SD  . MET B 1 1   ? -1.211  1.604   -14.176 1.00 100.17 ? 1   MET B SD  1 
ATOM   877  C CE  . MET B 1 1   ? -0.365  1.638   -12.587 1.00 86.77  ? 1   MET B CE  1 
ATOM   878  N N   . GLU B 1 2   ? -4.588  -0.482  -11.566 1.00 51.96  ? 2   GLU B N   1 
ATOM   879  C CA  . GLU B 1 2   ? -4.802  -0.410  -10.122 1.00 37.69  ? 2   GLU B CA  1 
ATOM   880  C C   . GLU B 1 2   ? -6.139  0.242   -9.790  1.00 29.57  ? 2   GLU B C   1 
ATOM   881  O O   . GLU B 1 2   ? -6.620  1.109   -10.514 1.00 32.02  ? 2   GLU B O   1 
ATOM   882  C CB  . GLU B 1 2   ? -3.661  0.371   -9.449  1.00 39.55  ? 2   GLU B CB  1 
ATOM   883  C CG  . GLU B 1 2   ? -3.603  1.847   -9.841  1.00 60.18  ? 2   GLU B CG  1 
ATOM   884  C CD  . GLU B 1 2   ? -2.421  2.588   -9.227  1.00 70.35  ? 2   GLU B CD  1 
ATOM   885  O OE1 . GLU B 1 2   ? -2.275  2.564   -7.980  1.00 41.89  ? 2   GLU B OE1 1 
ATOM   886  O OE2 . GLU B 1 2   ? -1.640  3.199   -9.993  1.00 65.13  ? 2   GLU B OE2 1 
ATOM   887  N N   . ALA B 1 3   ? -6.745  -0.186  -8.691  1.00 24.82  ? 3   ALA B N   1 
ATOM   888  C CA  . ALA B 1 3   ? -8.020  0.372   -8.273  1.00 21.66  ? 3   ALA B CA  1 
ATOM   889  C C   . ALA B 1 3   ? -7.910  0.731   -6.808  1.00 26.43  ? 3   ALA B C   1 
ATOM   890  O O   . ALA B 1 3   ? -7.259  0.031   -6.030  1.00 26.95  ? 3   ALA B O   1 
ATOM   891  C CB  . ALA B 1 3   ? -9.130  -0.636  -8.482  1.00 29.44  ? 3   ALA B CB  1 
ATOM   892  N N   . LYS B 1 4   ? -8.526  1.828   -6.415  1.00 23.50  ? 4   LYS B N   1 
ATOM   893  C CA  . LYS B 1 4   ? -8.433  2.180   -5.022  1.00 20.79  ? 4   LYS B CA  1 
ATOM   894  C C   . LYS B 1 4   ? -9.688  2.879   -4.570  1.00 18.68  ? 4   LYS B C   1 
ATOM   895  O O   . LYS B 1 4   ? -10.509 3.310   -5.387  1.00 22.88  ? 4   LYS B O   1 
ATOM   896  C CB  . LYS B 1 4   ? -7.223  3.076   -4.786  1.00 23.47  ? 4   LYS B CB  1 
ATOM   897  C CG  . LYS B 1 4   ? -7.402  4.488   -5.226  1.00 27.16  ? 4   LYS B CG  1 
ATOM   898  C CD  . LYS B 1 4   ? -6.226  5.378   -4.811  1.00 36.39  ? 4   LYS B CD  1 
ATOM   899  C CE  . LYS B 1 4   ? -6.439  6.802   -5.330  1.00 47.10  ? 4   LYS B CE  1 
ATOM   900  N NZ  . LYS B 1 4   ? -5.318  7.723   -4.981  1.00 52.46  ? 4   LYS B NZ  1 
ATOM   901  N N   . ALA B 1 5   ? -9.844  2.962   -3.261  1.00 18.15  ? 5   ALA B N   1 
ATOM   902  C CA  . ALA B 1 5   ? -10.985 3.661   -2.676  1.00 21.97  ? 5   ALA B CA  1 
ATOM   903  C C   . ALA B 1 5   ? -10.499 4.254   -1.372  1.00 17.62  ? 5   ALA B C   1 
ATOM   904  O O   . ALA B 1 5   ? -9.582  3.732   -0.745  1.00 15.35  ? 5   ALA B O   1 
ATOM   905  C CB  . ALA B 1 5   ? -12.141 2.689   -2.413  1.00 20.54  ? 5   ALA B CB  1 
ATOM   906  N N   . ILE B 1 6   ? -11.108 5.355   -0.957  1.00 15.08  ? 6   ILE B N   1 
ATOM   907  C CA  . ILE B 1 6   ? -10.712 5.975   0.291   1.00 21.22  ? 6   ILE B CA  1 
ATOM   908  C C   . ILE B 1 6   ? -11.959 6.385   1.053   1.00 18.86  ? 6   ILE B C   1 
ATOM   909  O O   . ILE B 1 6   ? -12.911 6.892   0.458   1.00 24.63  ? 6   ILE B O   1 
ATOM   910  C CB  . ILE B 1 6   ? -9.859  7.245   0.048   1.00 20.78  ? 6   ILE B CB  1 
ATOM   911  C CG1 . ILE B 1 6   ? -10.619 8.205   -0.858  1.00 38.87  ? 6   ILE B CG1 1 
ATOM   912  C CG2 . ILE B 1 6   ? -8.526  6.871   -0.597  1.00 36.40  ? 6   ILE B CG2 1 
ATOM   913  C CD1 . ILE B 1 6   ? -9.813  9.388   -1.293  1.00 60.10  ? 6   ILE B CD1 1 
ATOM   914  N N   . ALA B 1 7   ? -11.948 6.142   2.361   1.00 21.36  ? 7   ALA B N   1 
ATOM   915  C CA  . ALA B 1 7   ? -13.049 6.527   3.233   1.00 20.87  ? 7   ALA B CA  1 
ATOM   916  C C   . ALA B 1 7   ? -12.433 7.572   4.144   1.00 21.76  ? 7   ALA B C   1 
ATOM   917  O O   . ALA B 1 7   ? -11.432 7.302   4.791   1.00 17.49  ? 7   ALA B O   1 
ATOM   918  C CB  . ALA B 1 7   ? -13.531 5.335   4.053   1.00 24.71  ? 7   ALA B CB  1 
ATOM   919  N N   . ARG B 1 8   ? -13.044 8.754   4.198   1.00 23.82  ? 8   ARG B N   1 
ATOM   920  C CA  . ARG B 1 8   ? -12.530 9.853   4.995   1.00 20.78  ? 8   ARG B CA  1 
ATOM   921  C C   . ARG B 1 8   ? -13.355 10.139  6.244   1.00 15.27  ? 8   ARG B C   1 
ATOM   922  O O   . ARG B 1 8   ? -14.564 9.899   6.277   1.00 17.74  ? 8   ARG B O   1 
ATOM   923  C CB  . ARG B 1 8   ? -12.484 11.116  4.142   1.00 23.56  ? 8   ARG B CB  1 
ATOM   924  C CG  . ARG B 1 8   ? -11.787 10.908  2.810   1.00 37.59  ? 8   ARG B CG  1 
ATOM   925  C CD  . ARG B 1 8   ? -10.536 11.714  2.762   1.00 33.64  ? 8   ARG B CD  1 
ATOM   926  N NE  . ARG B 1 8   ? -10.831 13.136  2.864   1.00 34.54  ? 8   ARG B NE  1 
ATOM   927  C CZ  . ARG B 1 8   ? -9.964  14.037  3.307   1.00 44.49  ? 8   ARG B CZ  1 
ATOM   928  N NH1 . ARG B 1 8   ? -8.750  13.656  3.690   1.00 43.31  ? 8   ARG B NH1 1 
ATOM   929  N NH2 . ARG B 1 8   ? -10.311 15.315  3.368   1.00 42.83  ? 8   ARG B NH2 1 
ATOM   930  N N   . TYR B 1 9   ? -12.682 10.663  7.255   1.00 17.64  ? 9   TYR B N   1 
ATOM   931  C CA  . TYR B 1 9   ? -13.307 11.022  8.530   1.00 23.90  ? 9   TYR B CA  1 
ATOM   932  C C   . TYR B 1 9   ? -14.087 9.885   9.193   1.00 26.15  ? 9   TYR B C   1 
ATOM   933  O O   . TYR B 1 9   ? -15.176 10.100  9.743   1.00 25.39  ? 9   TYR B O   1 
ATOM   934  C CB  . TYR B 1 9   ? -14.226 12.237  8.332   1.00 23.97  ? 9   TYR B CB  1 
ATOM   935  C CG  . TYR B 1 9   ? -13.509 13.466  7.824   1.00 19.40  ? 9   TYR B CG  1 
ATOM   936  C CD1 . TYR B 1 9   ? -12.625 14.187  8.647   1.00 21.94  ? 9   TYR B CD1 1 
ATOM   937  C CD2 . TYR B 1 9   ? -13.703 13.907  6.532   1.00 22.46  ? 9   TYR B CD2 1 
ATOM   938  C CE1 . TYR B 1 9   ? -11.953 15.320  8.162   1.00 21.65  ? 9   TYR B CE1 1 
ATOM   939  C CE2 . TYR B 1 9   ? -13.052 15.038  6.044   1.00 23.79  ? 9   TYR B CE2 1 
ATOM   940  C CZ  . TYR B 1 9   ? -12.179 15.734  6.859   1.00 31.98  ? 9   TYR B CZ  1 
ATOM   941  O OH  . TYR B 1 9   ? -11.535 16.839  6.348   1.00 33.53  ? 9   TYR B OH  1 
ATOM   942  N N   . VAL B 1 10  ? -13.535 8.677   9.147   1.00 20.87  ? 10  VAL B N   1 
ATOM   943  C CA  . VAL B 1 10  ? -14.187 7.536   9.774   1.00 19.90  ? 10  VAL B CA  1 
ATOM   944  C C   . VAL B 1 10  ? -14.007 7.733   11.282  1.00 15.64  ? 10  VAL B C   1 
ATOM   945  O O   . VAL B 1 10  ? -12.903 7.994   11.752  1.00 18.66  ? 10  VAL B O   1 
ATOM   946  C CB  . VAL B 1 10  ? -13.545 6.202   9.322   1.00 19.63  ? 10  VAL B CB  1 
ATOM   947  C CG1 . VAL B 1 10  ? -14.348 5.034   9.846   1.00 26.34  ? 10  VAL B CG1 1 
ATOM   948  C CG2 . VAL B 1 10  ? -13.482 6.143   7.798   1.00 23.57  ? 10  VAL B CG2 1 
ATOM   949  N N   . ARG B 1 11  ? -15.096 7.591   12.041  1.00 19.56  ? 11  ARG B N   1 
ATOM   950  C CA  . ARG B 1 11  ? -15.042 7.834   13.482  1.00 22.19  ? 11  ARG B CA  1 
ATOM   951  C C   . ARG B 1 11  ? -14.415 6.719   14.311  1.00 30.83  ? 11  ARG B C   1 
ATOM   952  O O   . ARG B 1 11  ? -15.032 6.188   15.228  1.00 35.12  ? 11  ARG B O   1 
ATOM   953  C CB  . ARG B 1 11  ? -16.455 8.156   14.006  1.00 22.05  ? 11  ARG B CB  1 
ATOM   954  C CG  . ARG B 1 11  ? -17.107 9.367   13.312  1.00 34.13  ? 11  ARG B CG  1 
ATOM   955  C CD  . ARG B 1 11  ? -18.607 9.456   13.591  1.00 27.20  ? 11  ARG B CD  1 
ATOM   956  N NE  . ARG B 1 11  ? -19.225 10.645  12.998  1.00 34.79  ? 11  ARG B NE  1 
ATOM   957  C CZ  . ARG B 1 11  ? -19.252 11.846  13.577  1.00 58.71  ? 11  ARG B CZ  1 
ATOM   958  N NH1 . ARG B 1 11  ? -18.703 12.033  14.773  1.00 49.79  ? 11  ARG B NH1 1 
ATOM   959  N NH2 . ARG B 1 11  ? -19.831 12.867  12.963  1.00 59.90  ? 11  ARG B NH2 1 
ATOM   960  N N   . ILE B 1 12  ? -13.177 6.372   13.984  1.00 24.15  ? 12  ILE B N   1 
ATOM   961  C CA  . ILE B 1 12  ? -12.455 5.328   14.708  1.00 26.48  ? 12  ILE B CA  1 
ATOM   962  C C   . ILE B 1 12  ? -11.001 5.759   14.840  1.00 29.36  ? 12  ILE B C   1 
ATOM   963  O O   . ILE B 1 12  ? -10.446 6.396   13.939  1.00 26.85  ? 12  ILE B O   1 
ATOM   964  C CB  . ILE B 1 12  ? -12.495 3.957   13.974  1.00 30.29  ? 12  ILE B CB  1 
ATOM   965  C CG1 . ILE B 1 12  ? -13.938 3.466   13.828  1.00 49.21  ? 12  ILE B CG1 1 
ATOM   966  C CG2 . ILE B 1 12  ? -11.712 2.909   14.778  1.00 34.28  ? 12  ILE B CG2 1 
ATOM   967  C CD1 . ILE B 1 12  ? -14.767 4.271   12.862  1.00 64.88  ? 12  ILE B CD1 1 
ATOM   968  N N   . SER B 1 13  ? -10.396 5.415   15.971  1.00 26.81  ? 13  SER B N   1 
ATOM   969  C CA  . SER B 1 13  ? -9.008  5.753   16.239  1.00 29.09  ? 13  SER B CA  1 
ATOM   970  C C   . SER B 1 13  ? -8.056  5.076   15.252  1.00 29.03  ? 13  SER B C   1 
ATOM   971  O O   . SER B 1 13  ? -8.145  3.868   15.035  1.00 29.26  ? 13  SER B O   1 
ATOM   972  C CB  . SER B 1 13  ? -8.636  5.310   17.657  1.00 29.88  ? 13  SER B CB  1 
ATOM   973  O OG  . SER B 1 13  ? -7.241  5.410   17.847  1.00 39.63  ? 13  SER B OG  1 
ATOM   974  N N   . PRO B 1 14  ? -7.134  5.847   14.649  1.00 23.47  ? 14  PRO B N   1 
ATOM   975  C CA  . PRO B 1 14  ? -6.164  5.306   13.690  1.00 26.06  ? 14  PRO B CA  1 
ATOM   976  C C   . PRO B 1 14  ? -5.387  4.121   14.267  1.00 28.02  ? 14  PRO B C   1 
ATOM   977  O O   . PRO B 1 14  ? -5.066  3.177   13.563  1.00 25.33  ? 14  PRO B O   1 
ATOM   978  C CB  . PRO B 1 14  ? -5.251  6.494   13.420  1.00 28.86  ? 14  PRO B CB  1 
ATOM   979  C CG  . PRO B 1 14  ? -6.202  7.660   13.509  1.00 28.84  ? 14  PRO B CG  1 
ATOM   980  C CD  . PRO B 1 14  ? -7.041  7.319   14.715  1.00 25.93  ? 14  PRO B CD  1 
ATOM   981  N N   . ARG B 1 15  ? -5.085  4.182   15.557  1.00 30.33  ? 15  ARG B N   1 
ATOM   982  C CA  . ARG B 1 15  ? -4.346  3.098   16.185  1.00 34.52  ? 15  ARG B CA  1 
ATOM   983  C C   . ARG B 1 15  ? -5.153  1.802   16.098  1.00 35.24  ? 15  ARG B C   1 
ATOM   984  O O   . ARG B 1 15  ? -4.601  0.737   15.817  1.00 37.98  ? 15  ARG B O   1 
ATOM   985  C CB  . ARG B 1 15  ? -4.049  3.449   17.649  1.00 50.19  ? 15  ARG B CB  1 
ATOM   986  C CG  . ARG B 1 15  ? -2.838  2.731   18.236  1.00 61.12  ? 15  ARG B CG  1 
ATOM   987  C CD  . ARG B 1 15  ? -3.138  1.293   18.616  1.00 69.30  ? 15  ARG B CD  1 
ATOM   988  N NE  . ARG B 1 15  ? -4.121  1.209   19.692  1.00 73.64  ? 15  ARG B NE  1 
ATOM   989  C CZ  . ARG B 1 15  ? -4.392  0.100   20.376  1.00 74.40  ? 15  ARG B CZ  1 
ATOM   990  N NH1 . ARG B 1 15  ? -3.749  -1.028  20.100  1.00 58.32  ? 15  ARG B NH1 1 
ATOM   991  N NH2 . ARG B 1 15  ? -5.309  0.118   21.334  1.00 75.14  ? 15  ARG B NH2 1 
ATOM   992  N N   . LYS B 1 16  ? -6.464  1.893   16.322  1.00 28.04  ? 16  LYS B N   1 
ATOM   993  C CA  . LYS B 1 16  ? -7.314  0.713   16.263  1.00 29.10  ? 16  LYS B CA  1 
ATOM   994  C C   . LYS B 1 16  ? -7.447  0.193   14.833  1.00 34.31  ? 16  LYS B C   1 
ATOM   995  O O   . LYS B 1 16  ? -7.381  -1.009  14.594  1.00 30.69  ? 16  LYS B O   1 
ATOM   996  C CB  . LYS B 1 16  ? -8.709  1.027   16.812  1.00 35.46  ? 16  LYS B CB  1 
ATOM   997  C CG  . LYS B 1 16  ? -8.792  1.273   18.315  1.00 49.48  ? 16  LYS B CG  1 
ATOM   998  C CD  . LYS B 1 16  ? -10.232 1.595   18.717  1.00 57.66  ? 16  LYS B CD  1 
ATOM   999  C CE  . LYS B 1 16  ? -10.439 1.581   20.226  1.00 62.18  ? 16  LYS B CE  1 
ATOM   1000 N NZ  . LYS B 1 16  ? -9.662  2.639   20.926  1.00 67.30  ? 16  LYS B NZ  1 
ATOM   1001 N N   . VAL B 1 17  ? -7.642  1.101   13.881  1.00 26.19  ? 17  VAL B N   1 
ATOM   1002 C CA  . VAL B 1 17  ? -7.802  0.693   12.487  1.00 27.77  ? 17  VAL B CA  1 
ATOM   1003 C C   . VAL B 1 17  ? -6.541  0.059   11.921  1.00 24.20  ? 17  VAL B C   1 
ATOM   1004 O O   . VAL B 1 17  ? -6.619  -0.870  11.106  1.00 24.46  ? 17  VAL B O   1 
ATOM   1005 C CB  . VAL B 1 17  ? -8.169  1.892   11.568  1.00 28.48  ? 17  VAL B CB  1 
ATOM   1006 C CG1 . VAL B 1 17  ? -8.421  1.386   10.160  1.00 25.54  ? 17  VAL B CG1 1 
ATOM   1007 C CG2 . VAL B 1 17  ? -9.392  2.617   12.102  1.00 42.41  ? 17  VAL B CG2 1 
ATOM   1008 N N   . ARG B 1 18  ? -5.384  0.575   12.334  1.00 19.66  ? 18  ARG B N   1 
ATOM   1009 C CA  . ARG B 1 18  ? -4.091  0.058   11.869  1.00 35.18  ? 18  ARG B CA  1 
ATOM   1010 C C   . ARG B 1 18  ? -3.985  -1.436  12.131  1.00 20.97  ? 18  ARG B C   1 
ATOM   1011 O O   . ARG B 1 18  ? -3.452  -2.178  11.306  1.00 27.84  ? 18  ARG B O   1 
ATOM   1012 C CB  . ARG B 1 18  ? -2.925  0.774   12.564  1.00 33.36  ? 18  ARG B CB  1 
ATOM   1013 C CG  . ARG B 1 18  ? -2.735  2.223   12.139  1.00 64.29  ? 18  ARG B CG  1 
ATOM   1014 C CD  . ARG B 1 18  ? -1.996  3.058   13.187  1.00 72.12  ? 18  ARG B CD  1 
ATOM   1015 N NE  . ARG B 1 18  ? -0.594  2.681   13.347  1.00 83.98  ? 18  ARG B NE  1 
ATOM   1016 C CZ  . ARG B 1 18  ? 0.246   3.267   14.197  1.00 86.36  ? 18  ARG B CZ  1 
ATOM   1017 N NH1 . ARG B 1 18  ? -0.174  4.262   14.969  1.00 86.52  ? 18  ARG B NH1 1 
ATOM   1018 N NH2 . ARG B 1 18  ? 1.510   2.867   14.270  1.00 80.79  ? 18  ARG B NH2 1 
ATOM   1019 N N   . LEU B 1 19  ? -4.480  -1.867  13.283  1.00 26.17  ? 19  LEU B N   1 
ATOM   1020 C CA  . LEU B 1 19  ? -4.474  -3.281  13.646  1.00 29.19  ? 19  LEU B CA  1 
ATOM   1021 C C   . LEU B 1 19  ? -5.197  -4.114  12.594  1.00 29.92  ? 19  LEU B C   1 
ATOM   1022 O O   . LEU B 1 19  ? -4.761  -5.208  12.236  1.00 30.21  ? 19  LEU B O   1 
ATOM   1023 C CB  . LEU B 1 19  ? -5.175  -3.492  14.990  1.00 26.94  ? 19  LEU B CB  1 
ATOM   1024 C CG  . LEU B 1 19  ? -4.376  -3.252  16.268  1.00 41.49  ? 19  LEU B CG  1 
ATOM   1025 C CD1 . LEU B 1 19  ? -5.278  -3.488  17.469  1.00 38.03  ? 19  LEU B CD1 1 
ATOM   1026 C CD2 . LEU B 1 19  ? -3.171  -4.192  16.300  1.00 37.96  ? 19  LEU B CD2 1 
ATOM   1027 N N   . VAL B 1 20  ? -6.312  -3.592  12.105  1.00 25.34  ? 20  VAL B N   1 
ATOM   1028 C CA  . VAL B 1 20  ? -7.098  -4.305  11.108  1.00 23.88  ? 20  VAL B CA  1 
ATOM   1029 C C   . VAL B 1 20  ? -6.510  -4.329  9.697   1.00 23.37  ? 20  VAL B C   1 
ATOM   1030 O O   . VAL B 1 20  ? -6.494  -5.389  9.063   1.00 22.24  ? 20  VAL B O   1 
ATOM   1031 C CB  . VAL B 1 20  ? -8.528  -3.732  11.018  1.00 30.81  ? 20  VAL B CB  1 
ATOM   1032 C CG1 . VAL B 1 20  ? -9.355  -4.564  10.051  1.00 23.73  ? 20  VAL B CG1 1 
ATOM   1033 C CG2 . VAL B 1 20  ? -9.170  -3.709  12.392  1.00 31.56  ? 20  VAL B CG2 1 
ATOM   1034 N N   . VAL B 1 21  ? -6.036  -3.184  9.189   1.00 22.23  ? 21  VAL B N   1 
ATOM   1035 C CA  . VAL B 1 21  ? -5.502  -3.179  7.830   1.00 22.21  ? 21  VAL B CA  1 
ATOM   1036 C C   . VAL B 1 21  ? -4.255  -4.042  7.661   1.00 20.98  ? 21  VAL B C   1 
ATOM   1037 O O   . VAL B 1 21  ? -4.001  -4.544  6.570   1.00 28.98  ? 21  VAL B O   1 
ATOM   1038 C CB  . VAL B 1 21  ? -5.206  -1.752  7.305   1.00 26.58  ? 21  VAL B CB  1 
ATOM   1039 C CG1 . VAL B 1 21  ? -6.506  -0.958  7.214   1.00 29.21  ? 21  VAL B CG1 1 
ATOM   1040 C CG2 . VAL B 1 21  ? -4.209  -1.059  8.199   1.00 40.49  ? 21  VAL B CG2 1 
ATOM   1041 N N   . ASP B 1 22  ? -3.483  -4.229  8.726   1.00 30.31  ? 22  ASP B N   1 
ATOM   1042 C CA  . ASP B 1 22  ? -2.286  -5.062  8.610   1.00 36.81  ? 22  ASP B CA  1 
ATOM   1043 C C   . ASP B 1 22  ? -2.660  -6.528  8.412   1.00 34.48  ? 22  ASP B C   1 
ATOM   1044 O O   . ASP B 1 22  ? -1.870  -7.324  7.895   1.00 29.55  ? 22  ASP B O   1 
ATOM   1045 C CB  . ASP B 1 22  ? -1.389  -4.918  9.846   1.00 44.11  ? 22  ASP B CB  1 
ATOM   1046 C CG  . ASP B 1 22  ? -0.624  -3.603  9.859   1.00 48.22  ? 22  ASP B CG  1 
ATOM   1047 O OD1 . ASP B 1 22  ? -0.161  -3.170  8.778   1.00 54.68  ? 22  ASP B OD1 1 
ATOM   1048 O OD2 . ASP B 1 22  ? -0.475  -3.012  10.950  1.00 57.08  ? 22  ASP B OD2 1 
ATOM   1049 N N   . LEU B 1 23  ? -3.874  -6.891  8.809   1.00 30.29  ? 23  LEU B N   1 
ATOM   1050 C CA  . LEU B 1 23  ? -4.305  -8.270  8.638   1.00 31.30  ? 23  LEU B CA  1 
ATOM   1051 C C   . LEU B 1 23  ? -4.589  -8.594  7.170   1.00 22.33  ? 23  LEU B C   1 
ATOM   1052 O O   . LEU B 1 23  ? -4.420  -9.736  6.744   1.00 32.09  ? 23  LEU B O   1 
ATOM   1053 C CB  . LEU B 1 23  ? -5.579  -8.545  9.444   1.00 32.64  ? 23  LEU B CB  1 
ATOM   1054 C CG  . LEU B 1 23  ? -5.563  -8.481  10.972  1.00 38.49  ? 23  LEU B CG  1 
ATOM   1055 C CD1 . LEU B 1 23  ? -6.975  -8.713  11.501  1.00 39.26  ? 23  LEU B CD1 1 
ATOM   1056 C CD2 . LEU B 1 23  ? -4.616  -9.539  11.522  1.00 40.28  ? 23  LEU B CD2 1 
ATOM   1057 N N   . ILE B 1 24  ? -5.032  -7.606  6.395   1.00 26.88  ? 24  ILE B N   1 
ATOM   1058 C CA  . ILE B 1 24  ? -5.386  -7.874  4.999   1.00 28.23  ? 24  ILE B CA  1 
ATOM   1059 C C   . ILE B 1 24  ? -4.379  -7.515  3.907   1.00 24.54  ? 24  ILE B C   1 
ATOM   1060 O O   . ILE B 1 24  ? -4.545  -7.914  2.755   1.00 21.52  ? 24  ILE B O   1 
ATOM   1061 C CB  . ILE B 1 24  ? -6.731  -7.190  4.604   1.00 24.23  ? 24  ILE B CB  1 
ATOM   1062 C CG1 . ILE B 1 24  ? -6.591  -5.667  4.677   1.00 22.06  ? 24  ILE B CG1 1 
ATOM   1063 C CG2 . ILE B 1 24  ? -7.853  -7.677  5.521   1.00 29.28  ? 24  ILE B CG2 1 
ATOM   1064 C CD1 . ILE B 1 24  ? -7.711  -4.941  3.963   1.00 30.72  ? 24  ILE B CD1 1 
ATOM   1065 N N   . ARG B 1 25  ? -3.358  -6.749  4.247   1.00 28.08  ? 25  ARG B N   1 
ATOM   1066 C CA  . ARG B 1 25  ? -2.379  -6.365  3.237   1.00 23.97  ? 25  ARG B CA  1 
ATOM   1067 C C   . ARG B 1 25  ? -1.752  -7.618  2.618   1.00 30.41  ? 25  ARG B C   1 
ATOM   1068 O O   . ARG B 1 25  ? -1.316  -8.526  3.333   1.00 27.82  ? 25  ARG B O   1 
ATOM   1069 C CB  . ARG B 1 25  ? -1.313  -5.490  3.890   1.00 29.93  ? 25  ARG B CB  1 
ATOM   1070 C CG  . ARG B 1 25  ? -0.605  -4.544  2.932   1.00 45.27  ? 25  ARG B CG  1 
ATOM   1071 C CD  . ARG B 1 25  ? 0.277   -3.576  3.703   1.00 49.71  ? 25  ARG B CD  1 
ATOM   1072 N NE  . ARG B 1 25  ? -0.451  -2.939  4.797   1.00 48.12  ? 25  ARG B NE  1 
ATOM   1073 C CZ  . ARG B 1 25  ? 0.064   -2.022  5.608   1.00 60.81  ? 25  ARG B CZ  1 
ATOM   1074 N NH1 . ARG B 1 25  ? 1.320   -1.626  5.443   1.00 65.72  ? 25  ARG B NH1 1 
ATOM   1075 N NH2 . ARG B 1 25  ? -0.671  -1.514  6.592   1.00 42.73  ? 25  ARG B NH2 1 
ATOM   1076 N N   . GLY B 1 26  ? -1.735  -7.672  1.291   1.00 27.61  ? 26  GLY B N   1 
ATOM   1077 C CA  . GLY B 1 26  ? -1.151  -8.802  0.590   1.00 33.17  ? 26  GLY B CA  1 
ATOM   1078 C C   . GLY B 1 26  ? -2.035  -10.024 0.384   1.00 28.52  ? 26  GLY B C   1 
ATOM   1079 O O   . GLY B 1 26  ? -1.626  -10.967 -0.289  1.00 32.36  ? 26  GLY B O   1 
ATOM   1080 N N   . LYS B 1 27  ? -3.234  -10.018 0.953   1.00 28.47  ? 27  LYS B N   1 
ATOM   1081 C CA  . LYS B 1 27  ? -4.162  -11.150 0.825   1.00 22.93  ? 27  LYS B CA  1 
ATOM   1082 C C   . LYS B 1 27  ? -5.044  -11.019 -0.413  1.00 29.77  ? 27  LYS B C   1 
ATOM   1083 O O   . LYS B 1 27  ? -5.280  -9.911  -0.897  1.00 26.07  ? 27  LYS B O   1 
ATOM   1084 C CB  . LYS B 1 27  ? -5.072  -11.216 2.059   1.00 18.65  ? 27  LYS B CB  1 
ATOM   1085 C CG  . LYS B 1 27  ? -4.345  -11.212 3.393   1.00 26.94  ? 27  LYS B CG  1 
ATOM   1086 C CD  . LYS B 1 27  ? -3.575  -12.500 3.599   1.00 42.91  ? 27  LYS B CD  1 
ATOM   1087 C CE  . LYS B 1 27  ? -2.999  -12.571 5.002   1.00 45.30  ? 27  LYS B CE  1 
ATOM   1088 N NZ  . LYS B 1 27  ? -2.287  -13.861 5.242   1.00 61.76  ? 27  LYS B NZ  1 
ATOM   1089 N N   . SER B 1 28  ? -5.524  -12.149 -0.934  1.00 19.74  ? 28  SER B N   1 
ATOM   1090 C CA  . SER B 1 28  ? -6.435  -12.115 -2.072  1.00 23.67  ? 28  SER B CA  1 
ATOM   1091 C C   . SER B 1 28  ? -7.709  -11.451 -1.557  1.00 24.60  ? 28  SER B C   1 
ATOM   1092 O O   . SER B 1 28  ? -7.926  -11.392 -0.353  1.00 27.93  ? 28  SER B O   1 
ATOM   1093 C CB  . SER B 1 28  ? -6.779  -13.534 -2.538  1.00 33.84  ? 28  SER B CB  1 
ATOM   1094 O OG  . SER B 1 28  ? -5.650  -14.173 -3.101  1.00 45.34  ? 28  SER B OG  1 
ATOM   1095 N N   . LEU B 1 29  ? -8.552  -10.958 -2.462  1.00 30.71  ? 29  LEU B N   1 
ATOM   1096 C CA  . LEU B 1 29  ? -9.801  -10.324 -2.051  1.00 33.04  ? 29  LEU B CA  1 
ATOM   1097 C C   . LEU B 1 29  ? -10.657 -11.305 -1.250  1.00 30.85  ? 29  LEU B C   1 
ATOM   1098 O O   . LEU B 1 29  ? -11.219 -10.967 -0.205  1.00 23.15  ? 29  LEU B O   1 
ATOM   1099 C CB  . LEU B 1 29  ? -10.575 -9.847  -3.281  1.00 27.20  ? 29  LEU B CB  1 
ATOM   1100 C CG  . LEU B 1 29  ? -11.941 -9.210  -3.005  1.00 41.01  ? 29  LEU B CG  1 
ATOM   1101 C CD1 . LEU B 1 29  ? -11.820 -8.160  -1.903  1.00 37.09  ? 29  LEU B CD1 1 
ATOM   1102 C CD2 . LEU B 1 29  ? -12.472 -8.588  -4.303  1.00 35.77  ? 29  LEU B CD2 1 
ATOM   1103 N N   . GLU B 1 30  ? -10.760 -12.530 -1.755  1.00 33.52  ? 30  GLU B N   1 
ATOM   1104 C CA  . GLU B 1 30  ? -11.531 -13.565 -1.077  1.00 35.16  ? 30  GLU B CA  1 
ATOM   1105 C C   . GLU B 1 30  ? -11.010 -13.796 0.350   1.00 26.82  ? 30  GLU B C   1 
ATOM   1106 O O   . GLU B 1 30  ? -11.791 -13.840 1.295   1.00 29.63  ? 30  GLU B O   1 
ATOM   1107 C CB  . GLU B 1 30  ? -11.457 -14.872 -1.874  1.00 49.78  ? 30  GLU B CB  1 
ATOM   1108 C CG  . GLU B 1 30  ? -12.094 -16.069 -1.183  1.00 57.36  ? 30  GLU B CG  1 
ATOM   1109 C CD  . GLU B 1 30  ? -11.779 -17.382 -1.886  1.00 72.36  ? 30  GLU B CD  1 
ATOM   1110 O OE1 . GLU B 1 30  ? -10.578 -17.707 -2.021  1.00 75.74  ? 30  GLU B OE1 1 
ATOM   1111 O OE2 . GLU B 1 30  ? -12.727 -18.088 -2.298  1.00 63.99  ? 30  GLU B OE2 1 
ATOM   1112 N N   . GLU B 1 31  ? -9.700  -13.948 0.506   1.00 23.78  ? 31  GLU B N   1 
ATOM   1113 C CA  . GLU B 1 31  ? -9.117  -14.184 1.834   1.00 29.91  ? 31  GLU B CA  1 
ATOM   1114 C C   . GLU B 1 31  ? -9.309  -12.978 2.745   1.00 28.59  ? 31  GLU B C   1 
ATOM   1115 O O   . GLU B 1 31  ? -9.574  -13.123 3.935   1.00 23.45  ? 31  GLU B O   1 
ATOM   1116 C CB  . GLU B 1 31  ? -7.617  -14.461 1.738   1.00 29.08  ? 31  GLU B CB  1 
ATOM   1117 C CG  . GLU B 1 31  ? -7.214  -15.512 0.726   1.00 50.81  ? 31  GLU B CG  1 
ATOM   1118 C CD  . GLU B 1 31  ? -5.711  -15.698 0.678   1.00 54.24  ? 31  GLU B CD  1 
ATOM   1119 O OE1 . GLU B 1 31  ? -5.171  -16.425 1.542   1.00 59.34  ? 31  GLU B OE1 1 
ATOM   1120 O OE2 . GLU B 1 31  ? -5.069  -15.098 -0.212  1.00 43.08  ? 31  GLU B OE2 1 
ATOM   1121 N N   . ALA B 1 32  ? -9.158  -11.781 2.187   1.00 21.74  ? 32  ALA B N   1 
ATOM   1122 C CA  . ALA B 1 32  ? -9.322  -10.559 2.992   1.00 22.72  ? 32  ALA B CA  1 
ATOM   1123 C C   . ALA B 1 32  ? -10.734 -10.466 3.600   1.00 24.85  ? 32  ALA B C   1 
ATOM   1124 O O   . ALA B 1 32  ? -10.898 -10.147 4.790   1.00 21.38  ? 32  ALA B O   1 
ATOM   1125 C CB  . ALA B 1 32  ? -9.024  -9.349  2.141   1.00 21.26  ? 32  ALA B CB  1 
ATOM   1126 N N   . ARG B 1 33  ? -11.744 -10.758 2.780   1.00 22.67  ? 33  ARG B N   1 
ATOM   1127 C CA  . ARG B 1 33  ? -13.145 -10.744 3.207   1.00 23.22  ? 33  ARG B CA  1 
ATOM   1128 C C   . ARG B 1 33  ? -13.355 -11.714 4.366   1.00 32.83  ? 33  ARG B C   1 
ATOM   1129 O O   . ARG B 1 33  ? -14.016 -11.391 5.354   1.00 29.78  ? 33  ARG B O   1 
ATOM   1130 C CB  . ARG B 1 33  ? -14.055 -11.160 2.045   1.00 24.72  ? 33  ARG B CB  1 
ATOM   1131 C CG  . ARG B 1 33  ? -14.309 -10.050 1.026   1.00 26.05  ? 33  ARG B CG  1 
ATOM   1132 C CD  . ARG B 1 33  ? -14.962 -10.586 -0.237  1.00 29.62  ? 33  ARG B CD  1 
ATOM   1133 N NE  . ARG B 1 33  ? -15.509 -9.498  -1.047  1.00 34.51  ? 33  ARG B NE  1 
ATOM   1134 C CZ  . ARG B 1 33  ? -15.758 -9.584  -2.345  1.00 40.67  ? 33  ARG B CZ  1 
ATOM   1135 N NH1 . ARG B 1 33  ? -15.508 -10.711 -3.000  1.00 42.16  ? 33  ARG B NH1 1 
ATOM   1136 N NH2 . ARG B 1 33  ? -16.257 -8.541  -2.990  1.00 36.18  ? 33  ARG B NH2 1 
ATOM   1137 N N   . ASN B 1 34  ? -12.799 -12.913 4.225   1.00 25.99  ? 34  ASN B N   1 
ATOM   1138 C CA  . ASN B 1 34  ? -12.928 -13.943 5.252   1.00 29.45  ? 34  ASN B CA  1 
ATOM   1139 C C   . ASN B 1 34  ? -12.281 -13.500 6.563   1.00 30.63  ? 34  ASN B C   1 
ATOM   1140 O O   . ASN B 1 34  ? -12.840 -13.686 7.643   1.00 29.55  ? 34  ASN B O   1 
ATOM   1141 C CB  . ASN B 1 34  ? -12.295 -15.251 4.752   1.00 29.54  ? 34  ASN B CB  1 
ATOM   1142 C CG  . ASN B 1 34  ? -13.125 -15.925 3.671   1.00 41.40  ? 34  ASN B CG  1 
ATOM   1143 O OD1 . ASN B 1 34  ? -12.642 -16.810 2.961   1.00 55.43  ? 34  ASN B OD1 1 
ATOM   1144 N ND2 . ASN B 1 34  ? -14.386 -15.519 3.549   1.00 48.18  ? 34  ASN B ND2 1 
ATOM   1145 N N   . ILE B 1 35  ? -11.094 -12.914 6.469   1.00 26.34  ? 35  ILE B N   1 
ATOM   1146 C CA  . ILE B 1 35  ? -10.389 -12.449 7.652   1.00 25.17  ? 35  ILE B CA  1 
ATOM   1147 C C   . ILE B 1 35  ? -11.201 -11.391 8.394   1.00 27.85  ? 35  ILE B C   1 
ATOM   1148 O O   . ILE B 1 35  ? -11.322 -11.439 9.614   1.00 23.69  ? 35  ILE B O   1 
ATOM   1149 C CB  . ILE B 1 35  ? -9.020  -11.827 7.272   1.00 28.52  ? 35  ILE B CB  1 
ATOM   1150 C CG1 . ILE B 1 35  ? -8.087  -12.909 6.716   1.00 43.58  ? 35  ILE B CG1 1 
ATOM   1151 C CG2 . ILE B 1 35  ? -8.423  -11.095 8.465   1.00 28.94  ? 35  ILE B CG2 1 
ATOM   1152 C CD1 . ILE B 1 35  ? -7.766  -14.019 7.686   1.00 57.27  ? 35  ILE B CD1 1 
ATOM   1153 N N   . LEU B 1 36  ? -11.756 -10.433 7.654   1.00 24.78  ? 36  LEU B N   1 
ATOM   1154 C CA  . LEU B 1 36  ? -12.525 -9.359  8.279   1.00 22.40  ? 36  LEU B CA  1 
ATOM   1155 C C   . LEU B 1 36  ? -13.830 -9.866  8.904   1.00 28.46  ? 36  LEU B C   1 
ATOM   1156 O O   . LEU B 1 36  ? -14.330 -9.286  9.861   1.00 29.02  ? 36  LEU B O   1 
ATOM   1157 C CB  . LEU B 1 36  ? -12.821 -8.258  7.248   1.00 22.27  ? 36  LEU B CB  1 
ATOM   1158 C CG  . LEU B 1 36  ? -11.589 -7.537  6.687   1.00 18.43  ? 36  LEU B CG  1 
ATOM   1159 C CD1 . LEU B 1 36  ? -12.000 -6.607  5.537   1.00 23.84  ? 36  LEU B CD1 1 
ATOM   1160 C CD2 . LEU B 1 36  ? -10.900 -6.752  7.809   1.00 29.30  ? 36  LEU B CD2 1 
ATOM   1161 N N   . ARG B 1 37  ? -14.383 -10.945 8.364   1.00 27.34  ? 37  ARG B N   1 
ATOM   1162 C CA  . ARG B 1 37  ? -15.623 -11.487 8.904   1.00 27.52  ? 37  ARG B CA  1 
ATOM   1163 C C   . ARG B 1 37  ? -15.395 -12.216 10.213  1.00 30.65  ? 37  ARG B C   1 
ATOM   1164 O O   . ARG B 1 37  ? -16.249 -12.214 11.097  1.00 36.28  ? 37  ARG B O   1 
ATOM   1165 C CB  . ARG B 1 37  ? -16.268 -12.451 7.911   1.00 38.15  ? 37  ARG B CB  1 
ATOM   1166 C CG  . ARG B 1 37  ? -17.410 -11.849 7.097   1.00 57.46  ? 37  ARG B CG  1 
ATOM   1167 C CD  . ARG B 1 37  ? -18.646 -11.576 7.968   1.00 64.58  ? 37  ARG B CD  1 
ATOM   1168 N NE  . ARG B 1 37  ? -19.794 -11.131 7.176   1.00 61.16  ? 37  ARG B NE  1 
ATOM   1169 C CZ  . ARG B 1 37  ? -20.373 -11.856 6.221   1.00 59.69  ? 37  ARG B CZ  1 
ATOM   1170 N NH1 . ARG B 1 37  ? -19.923 -13.072 5.932   1.00 71.68  ? 37  ARG B NH1 1 
ATOM   1171 N NH2 . ARG B 1 37  ? -21.392 -11.362 5.537   1.00 35.53  ? 37  ARG B NH2 1 
ATOM   1172 N N   . TYR B 1 38  ? -14.227 -12.820 10.357  1.00 23.95  ? 38  TYR B N   1 
ATOM   1173 C CA  . TYR B 1 38  ? -13.979 -13.586 11.563  1.00 30.92  ? 38  TYR B CA  1 
ATOM   1174 C C   . TYR B 1 38  ? -13.150 -12.921 12.628  1.00 32.86  ? 38  TYR B C   1 
ATOM   1175 O O   . TYR B 1 38  ? -12.908 -13.502 13.681  1.00 41.82  ? 38  TYR B O   1 
ATOM   1176 C CB  . TYR B 1 38  ? -13.440 -14.964 11.176  1.00 48.11  ? 38  TYR B CB  1 
ATOM   1177 C CG  . TYR B 1 38  ? -14.452 -15.683 10.311  1.00 57.03  ? 38  TYR B CG  1 
ATOM   1178 C CD1 . TYR B 1 38  ? -15.767 -15.855 10.756  1.00 62.47  ? 38  TYR B CD1 1 
ATOM   1179 C CD2 . TYR B 1 38  ? -14.138 -16.094 9.014   1.00 57.96  ? 38  TYR B CD2 1 
ATOM   1180 C CE1 . TYR B 1 38  ? -16.746 -16.406 9.931   1.00 61.86  ? 38  TYR B CE1 1 
ATOM   1181 C CE2 . TYR B 1 38  ? -15.115 -16.650 8.176   1.00 60.16  ? 38  TYR B CE2 1 
ATOM   1182 C CZ  . TYR B 1 38  ? -16.416 -16.796 8.643   1.00 65.00  ? 38  TYR B CZ  1 
ATOM   1183 O OH  . TYR B 1 38  ? -17.398 -17.308 7.826   1.00 56.44  ? 38  TYR B OH  1 
ATOM   1184 N N   . THR B 1 39  ? -12.736 -11.682 12.379  1.00 31.21  ? 39  THR B N   1 
ATOM   1185 C CA  . THR B 1 39  ? -12.000 -10.973 13.398  1.00 27.88  ? 39  THR B CA  1 
ATOM   1186 C C   . THR B 1 39  ? -13.092 -10.262 14.195  1.00 27.07  ? 39  THR B C   1 
ATOM   1187 O O   . THR B 1 39  ? -14.157 -9.967  13.663  1.00 36.23  ? 39  THR B O   1 
ATOM   1188 C CB  . THR B 1 39  ? -11.005 -9.944  12.801  1.00 30.66  ? 39  THR B CB  1 
ATOM   1189 O OG1 . THR B 1 39  ? -10.205 -9.389  13.856  1.00 37.26  ? 39  THR B OG1 1 
ATOM   1190 C CG2 . THR B 1 39  ? -11.740 -8.820  12.121  1.00 34.31  ? 39  THR B CG2 1 
ATOM   1191 N N   . ASN B 1 40  ? -12.847 -10.007 15.471  1.00 28.45  ? 40  ASN B N   1 
ATOM   1192 C CA  . ASN B 1 40  ? -13.848 -9.325  16.291  1.00 30.62  ? 40  ASN B CA  1 
ATOM   1193 C C   . ASN B 1 40  ? -13.347 -7.934  16.689  1.00 32.08  ? 40  ASN B C   1 
ATOM   1194 O O   . ASN B 1 40  ? -13.883 -7.302  17.596  1.00 40.00  ? 40  ASN B O   1 
ATOM   1195 C CB  . ASN B 1 40  ? -14.141 -10.159 17.544  1.00 44.89  ? 40  ASN B CB  1 
ATOM   1196 C CG  . ASN B 1 40  ? -14.241 -11.648 17.241  1.00 57.45  ? 40  ASN B CG  1 
ATOM   1197 O OD1 . ASN B 1 40  ? -13.264 -12.271 16.825  1.00 68.15  ? 40  ASN B OD1 1 
ATOM   1198 N ND2 . ASN B 1 40  ? -15.423 -12.221 17.438  1.00 59.69  ? 40  ASN B ND2 1 
ATOM   1199 N N   . LYS B 1 41  ? -12.320 -7.457  16.004  1.00 31.54  ? 41  LYS B N   1 
ATOM   1200 C CA  . LYS B 1 41  ? -11.741 -6.156  16.314  1.00 37.73  ? 41  LYS B CA  1 
ATOM   1201 C C   . LYS B 1 41  ? -12.569 -4.973  15.856  1.00 38.11  ? 41  LYS B C   1 
ATOM   1202 O O   . LYS B 1 41  ? -13.136 -4.976  14.763  1.00 32.79  ? 41  LYS B O   1 
ATOM   1203 C CB  . LYS B 1 41  ? -10.334 -6.051  15.720  1.00 31.42  ? 41  LYS B CB  1 
ATOM   1204 C CG  . LYS B 1 41  ? -9.308  -6.887  16.479  1.00 45.73  ? 41  LYS B CG  1 
ATOM   1205 C CD  . LYS B 1 41  ? -7.938  -6.840  15.838  1.00 59.93  ? 41  LYS B CD  1 
ATOM   1206 C CE  . LYS B 1 41  ? -6.908  -7.528  16.727  1.00 70.29  ? 41  LYS B CE  1 
ATOM   1207 N NZ  . LYS B 1 41  ? -7.302  -8.927  17.065  1.00 76.71  ? 41  LYS B NZ  1 
ATOM   1208 N N   . ARG B 1 42  ? -12.641 -3.957  16.712  1.00 36.83  ? 42  ARG B N   1 
ATOM   1209 C CA  . ARG B 1 42  ? -13.374 -2.752  16.372  1.00 36.20  ? 42  ARG B CA  1 
ATOM   1210 C C   . ARG B 1 42  ? -12.649 -2.162  15.168  1.00 36.39  ? 42  ARG B C   1 
ATOM   1211 O O   . ARG B 1 42  ? -11.422 -2.022  15.165  1.00 38.01  ? 42  ARG B O   1 
ATOM   1212 C CB  . ARG B 1 42  ? -13.356 -1.758  17.541  1.00 44.69  ? 42  ARG B CB  1 
ATOM   1213 C CG  . ARG B 1 42  ? -14.246 -2.168  18.703  1.00 57.37  ? 42  ARG B CG  1 
ATOM   1214 C CD  . ARG B 1 42  ? -13.831 -3.514  19.293  1.00 69.65  ? 42  ARG B CD  1 
ATOM   1215 N NE  . ARG B 1 42  ? -14.966 -4.241  19.857  1.00 73.41  ? 42  ARG B NE  1 
ATOM   1216 C CZ  . ARG B 1 42  ? -15.732 -3.792  20.848  1.00 82.07  ? 42  ARG B CZ  1 
ATOM   1217 N NH1 . ARG B 1 42  ? -15.487 -2.609  21.398  1.00 81.47  ? 42  ARG B NH1 1 
ATOM   1218 N NH2 . ARG B 1 42  ? -16.748 -4.524  21.284  1.00 77.85  ? 42  ARG B NH2 1 
ATOM   1219 N N   . GLY B 1 43  ? -13.407 -1.834  14.135  1.00 30.63  ? 43  GLY B N   1 
ATOM   1220 C CA  . GLY B 1 43  ? -12.792 -1.279  12.949  1.00 36.65  ? 43  GLY B CA  1 
ATOM   1221 C C   . GLY B 1 43  ? -12.904 -2.183  11.735  1.00 26.61  ? 43  GLY B C   1 
ATOM   1222 O O   . GLY B 1 43  ? -12.798 -1.705  10.614  1.00 24.75  ? 43  GLY B O   1 
ATOM   1223 N N   . ALA B 1 44  ? -13.112 -3.480  11.948  1.00 24.06  ? 44  ALA B N   1 
ATOM   1224 C CA  . ALA B 1 44  ? -13.234 -4.420  10.836  1.00 26.07  ? 44  ALA B CA  1 
ATOM   1225 C C   . ALA B 1 44  ? -14.337 -4.004  9.874   1.00 22.46  ? 44  ALA B C   1 
ATOM   1226 O O   . ALA B 1 44  ? -14.170 -4.058  8.657   1.00 24.40  ? 44  ALA B O   1 
ATOM   1227 C CB  . ALA B 1 44  ? -13.528 -5.837  11.352  1.00 24.89  ? 44  ALA B CB  1 
ATOM   1228 N N   . TYR B 1 45  ? -15.473 -3.608  10.425  1.00 21.91  ? 45  TYR B N   1 
ATOM   1229 C CA  . TYR B 1 45  ? -16.596 -3.223  9.601   1.00 22.40  ? 45  TYR B CA  1 
ATOM   1230 C C   . TYR B 1 45  ? -16.238 -2.076  8.653   1.00 22.36  ? 45  TYR B C   1 
ATOM   1231 O O   . TYR B 1 45  ? -16.580 -2.107  7.466   1.00 16.41  ? 45  TYR B O   1 
ATOM   1232 C CB  . TYR B 1 45  ? -17.773 -2.813  10.492  1.00 28.71  ? 45  TYR B CB  1 
ATOM   1233 C CG  . TYR B 1 45  ? -18.905 -2.186  9.727   1.00 19.48  ? 45  TYR B CG  1 
ATOM   1234 C CD1 . TYR B 1 45  ? -19.699 -2.944  8.868   1.00 18.99  ? 45  TYR B CD1 1 
ATOM   1235 C CD2 . TYR B 1 45  ? -19.154 -0.819  9.820   1.00 23.37  ? 45  TYR B CD2 1 
ATOM   1236 C CE1 . TYR B 1 45  ? -20.707 -2.355  8.125   1.00 25.52  ? 45  TYR B CE1 1 
ATOM   1237 C CE2 . TYR B 1 45  ? -20.155 -0.219  9.072   1.00 27.41  ? 45  TYR B CE2 1 
ATOM   1238 C CZ  . TYR B 1 45  ? -20.928 -0.990  8.226   1.00 28.49  ? 45  TYR B CZ  1 
ATOM   1239 O OH  . TYR B 1 45  ? -21.904 -0.385  7.466   1.00 35.80  ? 45  TYR B OH  1 
ATOM   1240 N N   . PHE B 1 46  ? -15.539 -1.070  9.167   1.00 20.60  ? 46  PHE B N   1 
ATOM   1241 C CA  . PHE B 1 46  ? -15.189 0.077   8.336   1.00 20.91  ? 46  PHE B CA  1 
ATOM   1242 C C   . PHE B 1 46  ? -14.162 -0.283  7.271   1.00 20.27  ? 46  PHE B C   1 
ATOM   1243 O O   . PHE B 1 46  ? -14.233 0.223   6.154   1.00 16.46  ? 46  PHE B O   1 
ATOM   1244 C CB  . PHE B 1 46  ? -14.686 1.231   9.212   1.00 23.21  ? 46  PHE B CB  1 
ATOM   1245 C CG  . PHE B 1 46  ? -15.751 1.808   10.097  1.00 29.29  ? 46  PHE B CG  1 
ATOM   1246 C CD1 . PHE B 1 46  ? -16.780 2.571   9.556   1.00 31.78  ? 46  PHE B CD1 1 
ATOM   1247 C CD2 . PHE B 1 46  ? -15.744 1.559   11.460  1.00 35.55  ? 46  PHE B CD2 1 
ATOM   1248 C CE1 . PHE B 1 46  ? -17.792 3.080   10.365  1.00 42.07  ? 46  PHE B CE1 1 
ATOM   1249 C CE2 . PHE B 1 46  ? -16.752 2.062   12.280  1.00 37.91  ? 46  PHE B CE2 1 
ATOM   1250 C CZ  . PHE B 1 46  ? -17.777 2.824   11.732  1.00 41.20  ? 46  PHE B CZ  1 
ATOM   1251 N N   . VAL B 1 47  ? -13.228 -1.172  7.604   1.00 18.73  ? 47  VAL B N   1 
ATOM   1252 C CA  . VAL B 1 47  ? -12.229 -1.584  6.619   1.00 18.41  ? 47  VAL B CA  1 
ATOM   1253 C C   . VAL B 1 47  ? -12.881 -2.452  5.561   1.00 20.22  ? 47  VAL B C   1 
ATOM   1254 O O   . VAL B 1 47  ? -12.531 -2.383  4.380   1.00 22.35  ? 47  VAL B O   1 
ATOM   1255 C CB  . VAL B 1 47  ? -11.063 -2.361  7.270   1.00 18.57  ? 47  VAL B CB  1 
ATOM   1256 C CG1 . VAL B 1 47  ? -10.161 -2.990  6.175   1.00 22.99  ? 47  VAL B CG1 1 
ATOM   1257 C CG2 . VAL B 1 47  ? -10.236 -1.409  8.122   1.00 21.77  ? 47  VAL B CG2 1 
ATOM   1258 N N   . ALA B 1 48  ? -13.845 -3.273  5.978   1.00 19.70  ? 48  ALA B N   1 
ATOM   1259 C CA  . ALA B 1 48  ? -14.531 -4.126  5.026   1.00 16.00  ? 48  ALA B CA  1 
ATOM   1260 C C   . ALA B 1 48  ? -15.312 -3.246  4.060   1.00 19.35  ? 48  ALA B C   1 
ATOM   1261 O O   . ALA B 1 48  ? -15.398 -3.551  2.870   1.00 19.14  ? 48  ALA B O   1 
ATOM   1262 C CB  . ALA B 1 48  ? -15.467 -5.096  5.749   1.00 20.56  ? 48  ALA B CB  1 
ATOM   1263 N N   . LYS B 1 49  ? -15.856 -2.142  4.566   1.00 16.65  ? 49  LYS B N   1 
ATOM   1264 C CA  . LYS B 1 49  ? -16.624 -1.261  3.707   1.00 23.87  ? 49  LYS B CA  1 
ATOM   1265 C C   . LYS B 1 49  ? -15.741 -0.640  2.625   1.00 26.52  ? 49  LYS B C   1 
ATOM   1266 O O   . LYS B 1 49  ? -16.143 -0.571  1.467   1.00 17.62  ? 49  LYS B O   1 
ATOM   1267 C CB  . LYS B 1 49  ? -17.326 -0.176  4.540   1.00 21.11  ? 49  LYS B CB  1 
ATOM   1268 C CG  . LYS B 1 49  ? -18.303 0.665   3.732   1.00 42.62  ? 49  LYS B CG  1 
ATOM   1269 C CD  . LYS B 1 49  ? -19.358 1.333   4.608   1.00 37.03  ? 49  LYS B CD  1 
ATOM   1270 C CE  . LYS B 1 49  ? -18.746 2.357   5.543   1.00 43.98  ? 49  LYS B CE  1 
ATOM   1271 N NZ  . LYS B 1 49  ? -19.797 3.217   6.153   1.00 52.16  ? 49  LYS B NZ  1 
ATOM   1272 N N   . VAL B 1 50  ? -14.537 -0.198  2.991   1.00 19.99  ? 50  VAL B N   1 
ATOM   1273 C CA  . VAL B 1 50  ? -13.648 0.399   2.000   1.00 20.98  ? 50  VAL B CA  1 
ATOM   1274 C C   . VAL B 1 50  ? -13.156 -0.646  1.002   1.00 18.64  ? 50  VAL B C   1 
ATOM   1275 O O   . VAL B 1 50  ? -12.986 -0.351  -0.171  1.00 19.10  ? 50  VAL B O   1 
ATOM   1276 C CB  . VAL B 1 50  ? -12.421 1.070   2.659   1.00 22.64  ? 50  VAL B CB  1 
ATOM   1277 C CG1 . VAL B 1 50  ? -11.572 1.745   1.580   1.00 21.40  ? 50  VAL B CG1 1 
ATOM   1278 C CG2 . VAL B 1 50  ? -12.880 2.097   3.671   1.00 23.81  ? 50  VAL B CG2 1 
ATOM   1279 N N   . LEU B 1 51  ? -12.921 -1.868  1.477   1.00 17.25  ? 51  LEU B N   1 
ATOM   1280 C CA  . LEU B 1 51  ? -12.472 -2.954  0.615   1.00 16.84  ? 51  LEU B CA  1 
ATOM   1281 C C   . LEU B 1 51  ? -13.531 -3.228  -0.445  1.00 21.71  ? 51  LEU B C   1 
ATOM   1282 O O   . LEU B 1 51  ? -13.222 -3.428  -1.618  1.00 19.84  ? 51  LEU B O   1 
ATOM   1283 C CB  . LEU B 1 51  ? -12.239 -4.220  1.444   1.00 16.93  ? 51  LEU B CB  1 
ATOM   1284 C CG  . LEU B 1 51  ? -11.786 -5.458  0.676   1.00 21.52  ? 51  LEU B CG  1 
ATOM   1285 C CD1 . LEU B 1 51  ? -10.428 -5.200  0.032   1.00 17.88  ? 51  LEU B CD1 1 
ATOM   1286 C CD2 . LEU B 1 51  ? -11.695 -6.623  1.632   1.00 24.64  ? 51  LEU B CD2 1 
ATOM   1287 N N   . GLU B 1 52  ? -14.792 -3.233  -0.036  1.00 18.74  ? 52  GLU B N   1 
ATOM   1288 C CA  . GLU B 1 52  ? -15.861 -3.491  -0.988  1.00 19.76  ? 52  GLU B CA  1 
ATOM   1289 C C   . GLU B 1 52  ? -15.999 -2.354  -2.001  1.00 22.60  ? 52  GLU B C   1 
ATOM   1290 O O   . GLU B 1 52  ? -16.375 -2.587  -3.149  1.00 27.12  ? 52  GLU B O   1 
ATOM   1291 C CB  . GLU B 1 52  ? -17.186 -3.729  -0.242  1.00 21.80  ? 52  GLU B CB  1 
ATOM   1292 C CG  . GLU B 1 52  ? -17.223 -5.052  0.545   1.00 30.49  ? 52  GLU B CG  1 
ATOM   1293 C CD  . GLU B 1 52  ? -16.957 -6.279  -0.329  1.00 40.21  ? 52  GLU B CD  1 
ATOM   1294 O OE1 . GLU B 1 52  ? -17.371 -6.285  -1.508  1.00 34.69  ? 52  GLU B OE1 1 
ATOM   1295 O OE2 . GLU B 1 52  ? -16.337 -7.245  0.165   1.00 36.84  ? 52  GLU B OE2 1 
ATOM   1296 N N   . SER B 1 53  ? -15.690 -1.128  -1.591  1.00 24.29  ? 53  SER B N   1 
ATOM   1297 C CA  . SER B 1 53  ? -15.756 0.010   -2.506  1.00 25.33  ? 53  SER B CA  1 
ATOM   1298 C C   . SER B 1 53  ? -14.626 -0.083  -3.528  1.00 21.74  ? 53  SER B C   1 
ATOM   1299 O O   . SER B 1 53  ? -14.823 0.231   -4.705  1.00 19.81  ? 53  SER B O   1 
ATOM   1300 C CB  . SER B 1 53  ? -15.636 1.337   -1.751  1.00 25.77  ? 53  SER B CB  1 
ATOM   1301 O OG  . SER B 1 53  ? -16.746 1.540   -0.895  0.43 19.92  ? 53  SER B OG  1 
ATOM   1302 N N   . ALA B 1 54  ? -13.445 -0.507  -3.079  1.00 20.66  ? 54  ALA B N   1 
ATOM   1303 C CA  . ALA B 1 54  ? -12.303 -0.639  -3.975  1.00 21.78  ? 54  ALA B CA  1 
ATOM   1304 C C   . ALA B 1 54  ? -12.574 -1.734  -4.993  1.00 26.05  ? 54  ALA B C   1 
ATOM   1305 O O   . ALA B 1 54  ? -12.212 -1.602  -6.166  1.00 18.06  ? 54  ALA B O   1 
ATOM   1306 C CB  . ALA B 1 54  ? -11.026 -0.965  -3.184  1.00 19.86  ? 54  ALA B CB  1 
ATOM   1307 N N   . ALA B 1 55  ? -13.197 -2.818  -4.550  1.00 19.00  ? 55  ALA B N   1 
ATOM   1308 C CA  . ALA B 1 55  ? -13.502 -3.912  -5.473  1.00 27.46  ? 55  ALA B CA  1 
ATOM   1309 C C   . ALA B 1 55  ? -14.499 -3.432  -6.542  1.00 27.16  ? 55  ALA B C   1 
ATOM   1310 O O   . ALA B 1 55  ? -14.341 -3.718  -7.742  1.00 23.23  ? 55  ALA B O   1 
ATOM   1311 C CB  . ALA B 1 55  ? -14.072 -5.106  -4.704  1.00 23.34  ? 55  ALA B CB  1 
ATOM   1312 N N   . ALA B 1 56  ? -15.525 -2.710  -6.108  1.00 26.78  ? 56  ALA B N   1 
ATOM   1313 C CA  . ALA B 1 56  ? -16.520 -2.191  -7.037  1.00 28.62  ? 56  ALA B CA  1 
ATOM   1314 C C   . ALA B 1 56  ? -15.850 -1.263  -8.059  1.00 30.41  ? 56  ALA B C   1 
ATOM   1315 O O   . ALA B 1 56  ? -16.202 -1.286  -9.236  1.00 26.84  ? 56  ALA B O   1 
ATOM   1316 C CB  . ALA B 1 56  ? -17.627 -1.444  -6.276  1.00 29.34  ? 56  ALA B CB  1 
ATOM   1317 N N   . ASN B 1 57  ? -14.896 -0.448  -7.604  1.00 23.91  ? 57  ASN B N   1 
ATOM   1318 C CA  . ASN B 1 57  ? -14.169 0.463   -8.484  1.00 23.24  ? 57  ASN B CA  1 
ATOM   1319 C C   . ASN B 1 57  ? -13.337 -0.313  -9.488  1.00 32.34  ? 57  ASN B C   1 
ATOM   1320 O O   . ASN B 1 57  ? -13.173 0.120   -10.636 1.00 26.19  ? 57  ASN B O   1 
ATOM   1321 C CB  . ASN B 1 57  ? -13.232 1.385   -7.685  1.00 26.63  ? 57  ASN B CB  1 
ATOM   1322 C CG  . ASN B 1 57  ? -13.970 2.554   -7.010  1.00 26.67  ? 57  ASN B CG  1 
ATOM   1323 O OD1 . ASN B 1 57  ? -13.362 3.366   -6.296  1.00 31.49  ? 57  ASN B OD1 1 
ATOM   1324 N ND2 . ASN B 1 57  ? -15.273 2.638   -7.229  1.00 21.60  ? 57  ASN B ND2 1 
ATOM   1325 N N   . ALA B 1 58  ? -12.790 -1.449  -9.055  1.00 28.42  ? 58  ALA B N   1 
ATOM   1326 C CA  . ALA B 1 58  ? -11.969 -2.274  -9.935  1.00 27.89  ? 58  ALA B CA  1 
ATOM   1327 C C   . ALA B 1 58  ? -12.853 -2.876  -11.031 1.00 40.04  ? 58  ALA B C   1 
ATOM   1328 O O   . ALA B 1 58  ? -12.494 -2.876  -12.210 1.00 37.79  ? 58  ALA B O   1 
ATOM   1329 C CB  . ALA B 1 58  ? -11.291 -3.378  -9.144  1.00 33.30  ? 58  ALA B CB  1 
ATOM   1330 N N   . VAL B 1 59  ? -14.020 -3.370  -10.637 1.00 27.18  ? 59  VAL B N   1 
ATOM   1331 C CA  . VAL B 1 59  ? -14.950 -3.969  -11.596 1.00 36.32  ? 59  VAL B CA  1 
ATOM   1332 C C   . VAL B 1 59  ? -15.625 -2.934  -12.503 1.00 38.82  ? 59  VAL B C   1 
ATOM   1333 O O   . VAL B 1 59  ? -15.820 -3.185  -13.685 1.00 45.82  ? 59  VAL B O   1 
ATOM   1334 C CB  . VAL B 1 59  ? -16.036 -4.789  -10.870 1.00 40.40  ? 59  VAL B CB  1 
ATOM   1335 C CG1 . VAL B 1 59  ? -17.141 -5.191  -11.848 1.00 35.47  ? 59  VAL B CG1 1 
ATOM   1336 C CG2 . VAL B 1 59  ? -15.409 -6.034  -10.250 1.00 33.37  ? 59  VAL B CG2 1 
ATOM   1337 N N   . ASN B 1 60  ? -15.972 -1.773  -11.962 1.00 32.20  ? 60  ASN B N   1 
ATOM   1338 C CA  . ASN B 1 60  ? -16.628 -0.749  -12.774 1.00 44.31  ? 60  ASN B CA  1 
ATOM   1339 C C   . ASN B 1 60  ? -15.686 0.088   -13.624 1.00 42.52  ? 60  ASN B C   1 
ATOM   1340 O O   . ASN B 1 60  ? -15.972 0.362   -14.786 1.00 46.06  ? 60  ASN B O   1 
ATOM   1341 C CB  . ASN B 1 60  ? -17.471 0.183   -11.900 1.00 36.11  ? 60  ASN B CB  1 
ATOM   1342 C CG  . ASN B 1 60  ? -18.651 -0.522  -11.279 1.00 47.04  ? 60  ASN B CG  1 
ATOM   1343 O OD1 . ASN B 1 60  ? -19.357 -1.277  -11.952 1.00 47.97  ? 60  ASN B OD1 1 
ATOM   1344 N ND2 . ASN B 1 60  ? -18.885 -0.274  -9.995  1.00 32.55  ? 60  ASN B ND2 1 
ATOM   1345 N N   . ASN B 1 61  ? -14.563 0.507   -13.055 1.00 38.84  ? 61  ASN B N   1 
ATOM   1346 C CA  . ASN B 1 61  ? -13.628 1.329   -13.808 1.00 33.75  ? 61  ASN B CA  1 
ATOM   1347 C C   . ASN B 1 61  ? -12.861 0.556   -14.878 1.00 40.38  ? 61  ASN B C   1 
ATOM   1348 O O   . ASN B 1 61  ? -13.008 0.832   -16.067 1.00 49.38  ? 61  ASN B O   1 
ATOM   1349 C CB  . ASN B 1 61  ? -12.622 2.005   -12.880 1.00 30.61  ? 61  ASN B CB  1 
ATOM   1350 C CG  . ASN B 1 61  ? -13.256 3.049   -11.989 1.00 38.61  ? 61  ASN B CG  1 
ATOM   1351 O OD1 . ASN B 1 61  ? -14.380 3.501   -12.236 1.00 28.27  ? 61  ASN B OD1 1 
ATOM   1352 N ND2 . ASN B 1 61  ? -12.528 3.453   -10.951 1.00 27.44  ? 61  ASN B ND2 1 
ATOM   1353 N N   . HIS B 1 62  ? -12.055 -0.414  -14.458 1.00 36.80  ? 62  HIS B N   1 
ATOM   1354 C CA  . HIS B 1 62  ? -11.242 -1.178  -15.401 1.00 44.00  ? 62  HIS B CA  1 
ATOM   1355 C C   . HIS B 1 62  ? -11.771 -2.559  -15.772 1.00 41.64  ? 62  HIS B C   1 
ATOM   1356 O O   . HIS B 1 62  ? -11.053 -3.350  -16.386 1.00 47.46  ? 62  HIS B O   1 
ATOM   1357 C CB  . HIS B 1 62  ? -9.819  -1.331  -14.857 1.00 45.43  ? 62  HIS B CB  1 
ATOM   1358 C CG  . HIS B 1 62  ? -9.293  -0.104  -14.180 1.00 49.64  ? 62  HIS B CG  1 
ATOM   1359 N ND1 . HIS B 1 62  ? -9.435  0.115   -12.828 1.00 40.09  ? 62  HIS B ND1 1 
ATOM   1360 C CD2 . HIS B 1 62  ? -8.655  0.984   -14.674 1.00 51.04  ? 62  HIS B CD2 1 
ATOM   1361 C CE1 . HIS B 1 62  ? -8.909  1.286   -12.516 1.00 51.24  ? 62  HIS B CE1 1 
ATOM   1362 N NE2 . HIS B 1 62  ? -8.429  1.833   -13.618 1.00 56.50  ? 62  HIS B NE2 1 
ATOM   1363 N N   . ASP B 1 63  ? -13.015 -2.850  -15.412 1.00 45.42  ? 63  ASP B N   1 
ATOM   1364 C CA  . ASP B 1 63  ? -13.602 -4.153  -15.712 1.00 52.39  ? 63  ASP B CA  1 
ATOM   1365 C C   . ASP B 1 63  ? -12.692 -5.289  -15.248 1.00 55.94  ? 63  ASP B C   1 
ATOM   1366 O O   . ASP B 1 63  ? -12.653 -6.357  -15.855 1.00 56.16  ? 63  ASP B O   1 
ATOM   1367 C CB  . ASP B 1 63  ? -13.869 -4.287  -17.216 1.00 63.67  ? 63  ASP B CB  1 
ATOM   1368 C CG  . ASP B 1 63  ? -15.051 -3.454  -17.676 1.00 70.25  ? 63  ASP B CG  1 
ATOM   1369 O OD1 . ASP B 1 63  ? -15.332 -3.439  -18.892 1.00 70.87  ? 63  ASP B OD1 1 
ATOM   1370 O OD2 . ASP B 1 63  ? -15.704 -2.818  -16.821 1.00 80.74  ? 63  ASP B OD2 1 
ATOM   1371 N N   . ALA B 1 64  ? -11.951 -5.050  -14.172 1.00 42.85  ? 64  ALA B N   1 
ATOM   1372 C CA  . ALA B 1 64  ? -11.052 -6.060  -13.636 1.00 48.89  ? 64  ALA B CA  1 
ATOM   1373 C C   . ALA B 1 64  ? -11.869 -7.243  -13.112 1.00 41.39  ? 64  ALA B C   1 
ATOM   1374 O O   . ALA B 1 64  ? -13.076 -7.124  -12.893 1.00 42.70  ? 64  ALA B O   1 
ATOM   1375 C CB  . ALA B 1 64  ? -10.196 -5.451  -12.517 1.00 46.85  ? 64  ALA B CB  1 
ATOM   1376 N N   . LEU B 1 65  ? -11.202 -8.379  -12.910 1.00 51.36  ? 65  LEU B N   1 
ATOM   1377 C CA  . LEU B 1 65  ? -11.850 -9.596  -12.413 1.00 50.11  ? 65  LEU B CA  1 
ATOM   1378 C C   . LEU B 1 65  ? -11.671 -9.754  -10.902 1.00 50.47  ? 65  LEU B C   1 
ATOM   1379 O O   . LEU B 1 65  ? -10.546 -9.786  -10.407 1.00 40.04  ? 65  LEU B O   1 
ATOM   1380 C CB  . LEU B 1 65  ? -11.261 -10.818 -13.121 1.00 56.12  ? 65  LEU B CB  1 
ATOM   1381 C CG  . LEU B 1 65  ? -11.327 -10.784 -14.650 1.00 60.70  ? 65  LEU B CG  1 
ATOM   1382 C CD1 . LEU B 1 65  ? -10.614 -11.996 -15.238 1.00 69.21  ? 65  LEU B CD1 1 
ATOM   1383 C CD2 . LEU B 1 65  ? -12.780 -10.757 -15.079 1.00 66.07  ? 65  LEU B CD2 1 
ATOM   1384 N N   . GLU B 1 66  ? -12.782 -9.868  -10.181 1.00 48.44  ? 66  GLU B N   1 
ATOM   1385 C CA  . GLU B 1 66  ? -12.741 -10.009 -8.728  1.00 52.17  ? 66  GLU B CA  1 
ATOM   1386 C C   . GLU B 1 66  ? -11.954 -11.196 -8.194  1.00 49.39  ? 66  GLU B C   1 
ATOM   1387 O O   . GLU B 1 66  ? -11.414 -11.129 -7.093  1.00 41.69  ? 66  GLU B O   1 
ATOM   1388 C CB  . GLU B 1 66  ? -14.158 -10.058 -8.149  1.00 50.86  ? 66  GLU B CB  1 
ATOM   1389 C CG  . GLU B 1 66  ? -14.810 -8.692  -7.987  1.00 61.41  ? 66  GLU B CG  1 
ATOM   1390 C CD  . GLU B 1 66  ? -15.883 -8.681  -6.910  1.00 68.09  ? 66  GLU B CD  1 
ATOM   1391 O OE1 . GLU B 1 66  ? -16.472 -7.606  -6.660  1.00 70.21  ? 66  GLU B OE1 1 
ATOM   1392 O OE2 . GLU B 1 66  ? -16.137 -9.746  -6.309  1.00 69.38  ? 66  GLU B OE2 1 
ATOM   1393 N N   . ASP B 1 67  ? -11.888 -12.283 -8.958  1.00 50.03  ? 67  ASP B N   1 
ATOM   1394 C CA  . ASP B 1 67  ? -11.156 -13.463 -8.502  1.00 50.15  ? 67  ASP B CA  1 
ATOM   1395 C C   . ASP B 1 67  ? -9.650  -13.311 -8.688  1.00 46.24  ? 67  ASP B C   1 
ATOM   1396 O O   . ASP B 1 67  ? -8.858  -14.128 -8.209  1.00 46.69  ? 67  ASP B O   1 
ATOM   1397 C CB  . ASP B 1 67  ? -11.665 -14.713 -9.231  1.00 62.72  ? 67  ASP B CB  1 
ATOM   1398 C CG  . ASP B 1 67  ? -11.767 -14.515 -10.729 1.00 69.97  ? 67  ASP B CG  1 
ATOM   1399 O OD1 . ASP B 1 67  ? -10.721 -14.301 -11.378 1.00 72.01  ? 67  ASP B OD1 1 
ATOM   1400 O OD2 . ASP B 1 67  ? -12.899 -14.573 -11.258 1.00 75.45  ? 67  ASP B OD2 1 
ATOM   1401 N N   . ARG B 1 68  ? -9.259  -12.248 -9.376  1.00 35.78  ? 68  ARG B N   1 
ATOM   1402 C CA  . ARG B 1 68  ? -7.850  -11.970 -9.626  1.00 44.21  ? 68  ARG B CA  1 
ATOM   1403 C C   . ARG B 1 68  ? -7.344  -10.854 -8.707  1.00 31.42  ? 68  ARG B C   1 
ATOM   1404 O O   . ARG B 1 68  ? -6.142  -10.609 -8.620  1.00 38.18  ? 68  ARG B O   1 
ATOM   1405 C CB  . ARG B 1 68  ? -7.657  -11.536 -11.084 1.00 46.61  ? 68  ARG B CB  1 
ATOM   1406 C CG  . ARG B 1 68  ? -7.694  -12.656 -12.118 1.00 68.03  ? 68  ARG B CG  1 
ATOM   1407 C CD  . ARG B 1 68  ? -6.362  -13.392 -12.166 1.00 74.79  ? 68  ARG B CD  1 
ATOM   1408 N NE  . ARG B 1 68  ? -6.277  -14.324 -13.286 1.00 82.64  ? 68  ARG B NE  1 
ATOM   1409 C CZ  . ARG B 1 68  ? -5.176  -14.991 -13.619 1.00 86.91  ? 68  ARG B CZ  1 
ATOM   1410 N NH1 . ARG B 1 68  ? -4.060  -14.831 -12.917 1.00 87.53  ? 68  ARG B NH1 1 
ATOM   1411 N NH2 . ARG B 1 68  ? -5.186  -15.820 -14.657 1.00 81.68  ? 68  ARG B NH2 1 
ATOM   1412 N N   . LEU B 1 69  ? -8.264  -10.195 -8.012  1.00 35.12  ? 69  LEU B N   1 
ATOM   1413 C CA  . LEU B 1 69  ? -7.896  -9.083  -7.145  1.00 24.78  ? 69  LEU B CA  1 
ATOM   1414 C C   . LEU B 1 69  ? -7.208  -9.446  -5.831  1.00 32.92  ? 69  LEU B C   1 
ATOM   1415 O O   . LEU B 1 69  ? -7.521  -10.458 -5.198  1.00 28.50  ? 69  LEU B O   1 
ATOM   1416 C CB  . LEU B 1 69  ? -9.128  -8.230  -6.828  1.00 28.93  ? 69  LEU B CB  1 
ATOM   1417 C CG  . LEU B 1 69  ? -9.854  -7.521  -7.973  1.00 32.95  ? 69  LEU B CG  1 
ATOM   1418 C CD1 . LEU B 1 69  ? -11.044 -6.755  -7.405  1.00 39.12  ? 69  LEU B CD1 1 
ATOM   1419 C CD2 . LEU B 1 69  ? -8.897  -6.583  -8.683  1.00 27.85  ? 69  LEU B CD2 1 
ATOM   1420 N N   . TYR B 1 70  ? -6.263  -8.598  -5.434  1.00 27.60  ? 70  TYR B N   1 
ATOM   1421 C CA  . TYR B 1 70  ? -5.552  -8.769  -4.175  1.00 30.41  ? 70  TYR B CA  1 
ATOM   1422 C C   . TYR B 1 70  ? -5.206  -7.377  -3.618  1.00 23.52  ? 70  TYR B C   1 
ATOM   1423 O O   . TYR B 1 70  ? -5.145  -6.405  -4.363  1.00 25.69  ? 70  TYR B O   1 
ATOM   1424 C CB  . TYR B 1 70  ? -4.299  -9.653  -4.356  1.00 32.42  ? 70  TYR B CB  1 
ATOM   1425 C CG  . TYR B 1 70  ? -3.023  -8.957  -4.789  1.00 30.79  ? 70  TYR B CG  1 
ATOM   1426 C CD1 . TYR B 1 70  ? -2.815  -8.584  -6.121  1.00 40.20  ? 70  TYR B CD1 1 
ATOM   1427 C CD2 . TYR B 1 70  ? -2.037  -8.652  -3.858  1.00 32.66  ? 70  TYR B CD2 1 
ATOM   1428 C CE1 . TYR B 1 70  ? -1.645  -7.914  -6.508  1.00 32.55  ? 70  TYR B CE1 1 
ATOM   1429 C CE2 . TYR B 1 70  ? -0.869  -7.984  -4.228  1.00 42.61  ? 70  TYR B CE2 1 
ATOM   1430 C CZ  . TYR B 1 70  ? -0.678  -7.617  -5.552  1.00 40.71  ? 70  TYR B CZ  1 
ATOM   1431 O OH  . TYR B 1 70  ? 0.474   -6.938  -5.904  1.00 47.91  ? 70  TYR B OH  1 
ATOM   1432 N N   . VAL B 1 71  ? -5.008  -7.290  -2.308  1.00 21.24  ? 71  VAL B N   1 
ATOM   1433 C CA  . VAL B 1 71  ? -4.707  -6.018  -1.653  1.00 22.92  ? 71  VAL B CA  1 
ATOM   1434 C C   . VAL B 1 71  ? -3.228  -5.652  -1.709  1.00 21.12  ? 71  VAL B C   1 
ATOM   1435 O O   . VAL B 1 71  ? -2.431  -6.205  -0.969  1.00 22.16  ? 71  VAL B O   1 
ATOM   1436 C CB  . VAL B 1 71  ? -5.139  -6.045  -0.172  1.00 21.39  ? 71  VAL B CB  1 
ATOM   1437 C CG1 . VAL B 1 71  ? -4.940  -4.648  0.464   1.00 18.40  ? 71  VAL B CG1 1 
ATOM   1438 C CG2 . VAL B 1 71  ? -6.586  -6.502  -0.069  1.00 19.26  ? 71  VAL B CG2 1 
ATOM   1439 N N   . LYS B 1 72  ? -2.872  -4.706  -2.575  1.00 18.92  ? 72  LYS B N   1 
ATOM   1440 C CA  . LYS B 1 72  ? -1.478  -4.288  -2.700  1.00 27.00  ? 72  LYS B CA  1 
ATOM   1441 C C   . LYS B 1 72  ? -1.063  -3.394  -1.556  1.00 21.58  ? 72  LYS B C   1 
ATOM   1442 O O   . LYS B 1 72  ? 0.085   -3.433  -1.096  1.00 18.80  ? 72  LYS B O   1 
ATOM   1443 C CB  . LYS B 1 72  ? -1.245  -3.525  -4.012  1.00 24.53  ? 72  LYS B CB  1 
ATOM   1444 C CG  . LYS B 1 72  ? -1.465  -4.353  -5.252  1.00 40.27  ? 72  LYS B CG  1 
ATOM   1445 C CD  . LYS B 1 72  ? -0.690  -3.796  -6.447  1.00 37.78  ? 72  LYS B CD  1 
ATOM   1446 C CE  . LYS B 1 72  ? -1.116  -2.385  -6.820  1.00 25.42  ? 72  LYS B CE  1 
ATOM   1447 N NZ  . LYS B 1 72  ? -0.696  -2.063  -8.236  1.00 25.11  ? 72  LYS B NZ  1 
ATOM   1448 N N   . ALA B 1 73  ? -2.004  -2.573  -1.109  1.00 16.31  ? 73  ALA B N   1 
ATOM   1449 C CA  . ALA B 1 73  ? -1.737  -1.648  -0.034  1.00 22.06  ? 73  ALA B CA  1 
ATOM   1450 C C   . ALA B 1 73  ? -3.023  -1.339  0.699   1.00 15.74  ? 73  ALA B C   1 
ATOM   1451 O O   . ALA B 1 73  ? -4.117  -1.384  0.127   1.00 17.70  ? 73  ALA B O   1 
ATOM   1452 C CB  . ALA B 1 73  ? -1.136  -0.351  -0.587  1.00 19.13  ? 73  ALA B CB  1 
ATOM   1453 N N   . ALA B 1 74  ? -2.853  -1.028  1.974   1.00 19.83  ? 74  ALA B N   1 
ATOM   1454 C CA  . ALA B 1 74  ? -3.936  -0.657  2.863   1.00 17.44  ? 74  ALA B CA  1 
ATOM   1455 C C   . ALA B 1 74  ? -3.249  0.141   3.954   1.00 23.47  ? 74  ALA B C   1 
ATOM   1456 O O   . ALA B 1 74  ? -2.313  -0.342  4.594   1.00 20.12  ? 74  ALA B O   1 
ATOM   1457 C CB  . ALA B 1 74  ? -4.589  -1.895  3.457   1.00 24.54  ? 74  ALA B CB  1 
ATOM   1458 N N   . TYR B 1 75  ? -3.668  1.381   4.148   1.00 16.81  ? 75  TYR B N   1 
ATOM   1459 C CA  . TYR B 1 75  ? -3.035  2.147   5.193   1.00 18.77  ? 75  TYR B CA  1 
ATOM   1460 C C   . TYR B 1 75  ? -4.008  3.149   5.749   1.00 18.57  ? 75  TYR B C   1 
ATOM   1461 O O   . TYR B 1 75  ? -5.091  3.372   5.199   1.00 14.33  ? 75  TYR B O   1 
ATOM   1462 C CB  . TYR B 1 75  ? -1.757  2.845   4.698   1.00 17.90  ? 75  TYR B CB  1 
ATOM   1463 C CG  . TYR B 1 75  ? -1.916  3.632   3.428   1.00 14.42  ? 75  TYR B CG  1 
ATOM   1464 C CD1 . TYR B 1 75  ? -1.641  3.052   2.190   1.00 17.45  ? 75  TYR B CD1 1 
ATOM   1465 C CD2 . TYR B 1 75  ? -2.323  4.963   3.456   1.00 22.15  ? 75  TYR B CD2 1 
ATOM   1466 C CE1 . TYR B 1 75  ? -1.754  3.794   1.008   1.00 28.99  ? 75  TYR B CE1 1 
ATOM   1467 C CE2 . TYR B 1 75  ? -2.448  5.704   2.290   1.00 22.37  ? 75  TYR B CE2 1 
ATOM   1468 C CZ  . TYR B 1 75  ? -2.154  5.117   1.071   1.00 24.06  ? 75  TYR B CZ  1 
ATOM   1469 O OH  . TYR B 1 75  ? -2.198  5.865   -0.080  1.00 24.23  ? 75  TYR B OH  1 
ATOM   1470 N N   . VAL B 1 76  ? -3.625  3.751   6.858   1.00 16.77  ? 76  VAL B N   1 
ATOM   1471 C CA  . VAL B 1 76  ? -4.515  4.705   7.483   1.00 18.50  ? 76  VAL B CA  1 
ATOM   1472 C C   . VAL B 1 76  ? -3.806  6.017   7.746   1.00 23.45  ? 76  VAL B C   1 
ATOM   1473 O O   . VAL B 1 76  ? -2.642  6.026   8.142   1.00 23.89  ? 76  VAL B O   1 
ATOM   1474 C CB  . VAL B 1 76  ? -5.063  4.122   8.816   1.00 23.28  ? 76  VAL B CB  1 
ATOM   1475 C CG1 . VAL B 1 76  ? -3.931  3.730   9.710   1.00 36.55  ? 76  VAL B CG1 1 
ATOM   1476 C CG2 . VAL B 1 76  ? -5.935  5.159   9.531   1.00 30.27  ? 76  VAL B CG2 1 
ATOM   1477 N N   . ASP B 1 77  ? -4.494  7.122   7.481   1.00 17.52  ? 77  ASP B N   1 
ATOM   1478 C CA  . ASP B 1 77  ? -3.933  8.444   7.765   1.00 23.23  ? 77  ASP B CA  1 
ATOM   1479 C C   . ASP B 1 77  ? -4.752  9.049   8.898   1.00 21.78  ? 77  ASP B C   1 
ATOM   1480 O O   . ASP B 1 77  ? -5.953  8.814   8.985   1.00 22.12  ? 77  ASP B O   1 
ATOM   1481 C CB  . ASP B 1 77  ? -3.995  9.323   6.528   1.00 19.33  ? 77  ASP B CB  1 
ATOM   1482 C CG  . ASP B 1 77  ? -3.033  8.855   5.462   1.00 26.65  ? 77  ASP B CG  1 
ATOM   1483 O OD1 . ASP B 1 77  ? -1.849  8.707   5.796   1.00 31.90  ? 77  ASP B OD1 1 
ATOM   1484 O OD2 . ASP B 1 77  ? -3.449  8.633   4.314   1.00 27.88  ? 77  ASP B OD2 1 
ATOM   1485 N N   . GLU B 1 78  ? -4.100  9.808   9.775   1.00 25.66  ? 78  GLU B N   1 
ATOM   1486 C CA  . GLU B 1 78  ? -4.794  10.405  10.901  1.00 27.92  ? 78  GLU B CA  1 
ATOM   1487 C C   . GLU B 1 78  ? -5.656  11.579  10.482  1.00 21.89  ? 78  GLU B C   1 
ATOM   1488 O O   . GLU B 1 78  ? -5.250  12.413  9.680   1.00 23.83  ? 78  GLU B O   1 
ATOM   1489 C CB  . GLU B 1 78  ? -3.785  10.844  11.960  1.00 38.11  ? 78  GLU B CB  1 
ATOM   1490 C CG  . GLU B 1 78  ? -4.415  11.213  13.277  1.00 55.24  ? 78  GLU B CG  1 
ATOM   1491 C CD  . GLU B 1 78  ? -3.391  11.299  14.385  1.00 67.20  ? 78  GLU B CD  1 
ATOM   1492 O OE1 . GLU B 1 78  ? -2.475  12.142  14.283  1.00 61.73  ? 78  GLU B OE1 1 
ATOM   1493 O OE2 . GLU B 1 78  ? -3.503  10.516  15.352  1.00 70.51  ? 78  GLU B OE2 1 
ATOM   1494 N N   . GLY B 1 79  ? -6.866  11.627  11.021  1.00 24.85  ? 79  GLY B N   1 
ATOM   1495 C CA  . GLY B 1 79  ? -7.767  12.709  10.696  1.00 23.62  ? 79  GLY B CA  1 
ATOM   1496 C C   . GLY B 1 79  ? -7.794  13.626  11.901  1.00 23.80  ? 79  GLY B C   1 
ATOM   1497 O O   . GLY B 1 79  ? -7.071  13.394  12.867  1.00 26.41  ? 79  GLY B O   1 
ATOM   1498 N N   . PRO B 1 80  ? -8.604  14.686  11.872  1.00 19.83  ? 80  PRO B N   1 
ATOM   1499 C CA  . PRO B 1 80  ? -8.672  15.595  13.013  1.00 22.21  ? 80  PRO B CA  1 
ATOM   1500 C C   . PRO B 1 80  ? -9.476  14.988  14.144  1.00 21.78  ? 80  PRO B C   1 
ATOM   1501 O O   . PRO B 1 80  ? -10.239 14.044  13.935  1.00 25.03  ? 80  PRO B O   1 
ATOM   1502 C CB  . PRO B 1 80  ? -9.385  16.812  12.431  1.00 26.22  ? 80  PRO B CB  1 
ATOM   1503 C CG  . PRO B 1 80  ? -10.300 16.209  11.454  1.00 25.64  ? 80  PRO B CG  1 
ATOM   1504 C CD  . PRO B 1 80  ? -9.396  15.213  10.752  1.00 20.39  ? 80  PRO B CD  1 
ATOM   1505 N N   . ALA B 1 81  ? -9.304  15.539  15.345  1.00 27.82  ? 81  ALA B N   1 
ATOM   1506 C CA  . ALA B 1 81  ? -10.070 15.096  16.501  1.00 26.12  ? 81  ALA B CA  1 
ATOM   1507 C C   . ALA B 1 81  ? -11.431 15.770  16.295  1.00 20.96  ? 81  ALA B C   1 
ATOM   1508 O O   . ALA B 1 81  ? -11.500 16.854  15.709  1.00 24.70  ? 81  ALA B O   1 
ATOM   1509 C CB  . ALA B 1 81  ? -9.417  15.590  17.792  1.00 30.82  ? 81  ALA B CB  1 
ATOM   1510 N N   . VAL B 1 82  ? -12.506 15.136  16.749  1.00 20.46  ? 85  VAL B N   1 
ATOM   1511 C CA  . VAL B 1 82  ? -13.844 15.706  16.582  1.00 21.97  ? 85  VAL B CA  1 
ATOM   1512 C C   . VAL B 1 82  ? -14.697 15.553  17.842  1.00 31.77  ? 85  VAL B C   1 
ATOM   1513 O O   . VAL B 1 82  ? -14.449 14.668  18.657  1.00 27.44  ? 85  VAL B O   1 
ATOM   1514 C CB  . VAL B 1 82  ? -14.593 15.035  15.412  1.00 29.32  ? 85  VAL B CB  1 
ATOM   1515 C CG1 . VAL B 1 82  ? -13.825 15.234  14.130  1.00 23.45  ? 85  VAL B CG1 1 
ATOM   1516 C CG2 . VAL B 1 82  ? -14.761 13.536  15.677  1.00 30.68  ? 85  VAL B CG2 1 
ATOM   1517 N N   . LEU B 1 83  ? -15.690 16.429  18.005  1.00 26.32  ? 86  LEU B N   1 
ATOM   1518 C CA  . LEU B 1 83  ? -16.580 16.350  19.159  1.00 35.89  ? 86  LEU B CA  1 
ATOM   1519 C C   . LEU B 1 83  ? -17.924 15.777  18.734  1.00 44.20  ? 86  LEU B C   1 
ATOM   1520 O O   . LEU B 1 83  ? -18.670 16.406  17.987  1.00 40.70  ? 86  LEU B O   1 
ATOM   1521 C CB  . LEU B 1 83  ? -16.791 17.729  19.799  1.00 31.20  ? 86  LEU B CB  1 
ATOM   1522 C CG  . LEU B 1 83  ? -15.675 18.231  20.718  1.00 35.62  ? 86  LEU B CG  1 
ATOM   1523 C CD1 . LEU B 1 83  ? -15.975 19.647  21.164  1.00 53.41  ? 86  LEU B CD1 1 
ATOM   1524 C CD2 . LEU B 1 83  ? -15.539 17.308  21.916  1.00 34.86  ? 86  LEU B CD2 1 
ATOM   1525 N N   . PRO B 1 84  ? -18.236 14.554  19.190  1.00 53.39  ? 87  PRO B N   1 
ATOM   1526 C CA  . PRO B 1 84  ? -19.506 13.910  18.845  1.00 62.52  ? 87  PRO B CA  1 
ATOM   1527 C C   . PRO B 1 84  ? -20.682 14.740  19.348  1.00 68.25  ? 87  PRO B C   1 
ATOM   1528 O O   . PRO B 1 84  ? -20.491 15.790  19.963  1.00 64.40  ? 87  PRO B O   1 
ATOM   1529 C CB  . PRO B 1 84  ? -19.404 12.557  19.547  1.00 62.00  ? 87  PRO B CB  1 
ATOM   1530 C CG  . PRO B 1 84  ? -17.932 12.276  19.509  1.00 52.52  ? 87  PRO B CG  1 
ATOM   1531 C CD  . PRO B 1 84  ? -17.357 13.617  19.911  1.00 53.74  ? 87  PRO B CD  1 
ATOM   1532 N N   . ARG B 1 85  ? -21.895 14.262  19.093  1.00 77.06  ? 88  ARG B N   1 
ATOM   1533 C CA  . ARG B 1 85  ? -23.099 14.974  19.513  1.00 86.48  ? 88  ARG B CA  1 
ATOM   1534 C C   . ARG B 1 85  ? -23.105 16.372  18.907  1.00 89.33  ? 88  ARG B C   1 
ATOM   1535 O O   . ARG B 1 85  ? -23.783 17.272  19.407  1.00 90.68  ? 88  ARG B O   1 
ATOM   1536 C CB  . ARG B 1 85  ? -23.166 15.079  21.041  1.00 86.44  ? 88  ARG B CB  1 
ATOM   1537 C CG  . ARG B 1 85  ? -23.398 13.757  21.758  1.00 90.61  ? 88  ARG B CG  1 
ATOM   1538 C CD  . ARG B 1 85  ? -23.572 13.977  23.255  1.00 94.32  ? 88  ARG B CD  1 
ATOM   1539 N NE  . ARG B 1 85  ? -23.840 12.732  23.970  1.00 96.73  ? 88  ARG B NE  1 
ATOM   1540 C CZ  . ARG B 1 85  ? -24.053 12.655  25.280  1.00 96.33  ? 88  ARG B CZ  1 
ATOM   1541 N NH1 . ARG B 1 85  ? -24.029 13.753  26.023  1.00 95.20  ? 88  ARG B NH1 1 
ATOM   1542 N NH2 . ARG B 1 85  ? -24.288 11.480  25.847  1.00 97.31  ? 88  ARG B NH2 1 
ATOM   1543 N N   . ALA B 1 86  ? -22.346 16.542  17.827  1.00 90.88  ? 89  ALA B N   1 
ATOM   1544 C CA  . ALA B 1 86  ? -22.253 17.825  17.145  1.00 94.86  ? 89  ALA B CA  1 
ATOM   1545 C C   . ALA B 1 86  ? -22.107 18.943  18.170  1.00 94.90  ? 89  ALA B C   1 
ATOM   1546 O O   . ALA B 1 86  ? -21.033 19.141  18.742  1.00 92.37  ? 89  ALA B O   1 
ATOM   1547 C CB  . ALA B 1 86  ? -23.496 18.053  16.285  1.00 93.56  ? 89  ALA B CB  1 
ATOM   1548 N N   . ARG B 1 87  ? -23.197 19.665  18.405  1.00 98.49  ? 90  ARG B N   1 
ATOM   1549 C CA  . ARG B 1 87  ? -23.191 20.758  19.363  1.00 102.80 ? 90  ARG B CA  1 
ATOM   1550 C C   . ARG B 1 87  ? -24.317 20.638  20.387  1.00 104.75 ? 90  ARG B C   1 
ATOM   1551 O O   . ARG B 1 87  ? -25.437 21.092  20.155  1.00 104.42 ? 90  ARG B O   1 
ATOM   1552 C CB  . ARG B 1 87  ? -23.275 22.102  18.628  1.00 101.02 ? 90  ARG B CB  1 
ATOM   1553 C CG  . ARG B 1 87  ? -22.032 22.405  17.799  1.00 98.80  ? 90  ARG B CG  1 
ATOM   1554 C CD  . ARG B 1 87  ? -22.055 23.798  17.191  1.00 101.65 ? 90  ARG B CD  1 
ATOM   1555 N NE  . ARG B 1 87  ? -20.786 24.110  16.535  1.00 102.40 ? 90  ARG B NE  1 
ATOM   1556 C CZ  . ARG B 1 87  ? -20.507 25.265  15.938  1.00 104.24 ? 90  ARG B CZ  1 
ATOM   1557 N NH1 . ARG B 1 87  ? -21.409 26.237  15.904  1.00 104.14 ? 90  ARG B NH1 1 
ATOM   1558 N NH2 . ARG B 1 87  ? -19.321 25.449  15.375  1.00 101.04 ? 90  ARG B NH2 1 
ATOM   1559 N N   . GLY B 1 88  ? -24.002 20.013  21.519  1.00 108.67 ? 91  GLY B N   1 
ATOM   1560 C CA  . GLY B 1 88  ? -24.979 19.834  22.579  1.00 112.07 ? 91  GLY B CA  1 
ATOM   1561 C C   . GLY B 1 88  ? -24.383 20.125  23.946  1.00 114.84 ? 91  GLY B C   1 
ATOM   1562 O O   . GLY B 1 88  ? -24.996 19.834  24.973  1.00 113.90 ? 91  GLY B O   1 
ATOM   1563 N N   . ARG B 1 89  ? -23.184 20.704  23.942  1.00 116.81 ? 92  ARG B N   1 
ATOM   1564 C CA  . ARG B 1 89  ? -22.452 21.061  25.159  1.00 116.32 ? 92  ARG B CA  1 
ATOM   1565 C C   . ARG B 1 89  ? -22.818 20.252  26.399  1.00 115.92 ? 92  ARG B C   1 
ATOM   1566 O O   . ARG B 1 89  ? -23.289 20.801  27.397  1.00 114.67 ? 92  ARG B O   1 
ATOM   1567 C CB  . ARG B 1 89  ? -22.611 22.560  25.461  1.00 116.38 ? 92  ARG B CB  1 
ATOM   1568 C CG  . ARG B 1 89  ? -24.049 23.064  25.507  1.00 116.57 ? 92  ARG B CG  1 
ATOM   1569 C CD  . ARG B 1 89  ? -24.621 23.228  24.109  1.00 114.32 ? 92  ARG B CD  1 
ATOM   1570 N NE  . ARG B 1 89  ? -26.028 23.612  24.122  1.00 111.60 ? 92  ARG B NE  1 
ATOM   1571 C CZ  . ARG B 1 89  ? -26.764 23.769  23.028  1.00 111.08 ? 92  ARG B CZ  1 
ATOM   1572 N NH1 . ARG B 1 89  ? -26.225 23.574  21.833  1.00 113.72 ? 92  ARG B NH1 1 
ATOM   1573 N NH2 . ARG B 1 89  ? -28.040 24.116  23.124  1.00 113.21 ? 92  ARG B NH2 1 
ATOM   1574 N N   . ALA B 1 90  ? -22.597 18.943  26.334  1.00 113.99 ? 93  ALA B N   1 
ATOM   1575 C CA  . ALA B 1 90  ? -22.883 18.062  27.459  1.00 112.18 ? 93  ALA B CA  1 
ATOM   1576 C C   . ALA B 1 90  ? -21.579 17.811  28.212  1.00 110.53 ? 93  ALA B C   1 
ATOM   1577 O O   . ALA B 1 90  ? -20.880 18.754  28.587  1.00 108.57 ? 93  ALA B O   1 
ATOM   1578 C CB  . ALA B 1 90  ? -23.470 16.747  26.959  1.00 111.55 ? 93  ALA B CB  1 
ATOM   1579 N N   . ASP B 1 91  ? -21.256 16.541  28.429  1.00 106.98 ? 94  ASP B N   1 
ATOM   1580 C CA  . ASP B 1 91  ? -20.028 16.166  29.124  1.00 103.71 ? 94  ASP B CA  1 
ATOM   1581 C C   . ASP B 1 91  ? -19.406 14.952  28.445  1.00 103.80 ? 94  ASP B C   1 
ATOM   1582 O O   . ASP B 1 91  ? -19.230 13.899  29.065  1.00 101.47 ? 94  ASP B O   1 
ATOM   1583 C CB  . ASP B 1 91  ? -20.318 15.848  30.593  1.00 102.18 ? 94  ASP B CB  1 
ATOM   1584 C CG  . ASP B 1 91  ? -20.826 17.053  31.364  1.00 101.87 ? 94  ASP B CG  1 
ATOM   1585 O OD1 . ASP B 1 91  ? -21.951 17.521  31.083  1.00 98.71  ? 94  ASP B OD1 1 
ATOM   1586 O OD2 . ASP B 1 91  ? -20.092 17.536  32.252  1.00 101.37 ? 94  ASP B OD2 1 
ATOM   1587 N N   . ILE B 1 92  ? -19.074 15.107  27.166  1.00 102.34 ? 95  ILE B N   1 
ATOM   1588 C CA  . ILE B 1 92  ? -18.481 14.024  26.391  1.00 100.60 ? 95  ILE B CA  1 
ATOM   1589 C C   . ILE B 1 92  ? -17.046 14.333  25.972  1.00 99.03  ? 95  ILE B C   1 
ATOM   1590 O O   . ILE B 1 92  ? -16.652 15.496  25.852  1.00 98.18  ? 95  ILE B O   1 
ATOM   1591 C CB  . ILE B 1 92  ? -19.321 13.724  25.130  1.00 100.08 ? 95  ILE B CB  1 
ATOM   1592 C CG1 . ILE B 1 92  ? -20.784 13.503  25.523  1.00 101.00 ? 95  ILE B CG1 1 
ATOM   1593 C CG2 . ILE B 1 92  ? -18.783 12.487  24.420  1.00 98.07  ? 95  ILE B CG2 1 
ATOM   1594 C CD1 . ILE B 1 92  ? -20.991 12.397  26.544  1.00 103.30 ? 95  ILE B CD1 1 
ATOM   1595 N N   . ILE B 1 93  ? -16.272 13.276  25.750  1.00 94.94  ? 96  ILE B N   1 
ATOM   1596 C CA  . ILE B 1 93  ? -14.876 13.395  25.354  1.00 86.88  ? 96  ILE B CA  1 
ATOM   1597 C C   . ILE B 1 93  ? -14.746 13.528  23.837  1.00 79.77  ? 96  ILE B C   1 
ATOM   1598 O O   . ILE B 1 93  ? -15.707 13.324  23.092  1.00 74.02  ? 96  ILE B O   1 
ATOM   1599 C CB  . ILE B 1 93  ? -14.066 12.153  25.827  1.00 91.30  ? 96  ILE B CB  1 
ATOM   1600 C CG1 . ILE B 1 93  ? -14.333 11.892  27.314  1.00 93.79  ? 96  ILE B CG1 1 
ATOM   1601 C CG2 . ILE B 1 93  ? -12.573 12.365  25.598  1.00 82.46  ? 96  ILE B CG2 1 
ATOM   1602 C CD1 . ILE B 1 93  ? -13.962 13.046  28.231  1.00 97.79  ? 96  ILE B CD1 1 
ATOM   1603 N N   . LYS B 1 94  ? -13.542 13.878  23.396  1.00 70.01  ? 97  LYS B N   1 
ATOM   1604 C CA  . LYS B 1 94  ? -13.221 14.043  21.985  1.00 64.84  ? 97  LYS B CA  1 
ATOM   1605 C C   . LYS B 1 94  ? -12.671 12.729  21.425  1.00 63.61  ? 97  LYS B C   1 
ATOM   1606 O O   . LYS B 1 94  ? -11.935 12.020  22.112  1.00 56.26  ? 97  LYS B O   1 
ATOM   1607 C CB  . LYS B 1 94  ? -12.173 15.144  21.835  1.00 59.96  ? 97  LYS B CB  1 
ATOM   1608 C CG  . LYS B 1 94  ? -11.251 15.251  23.051  1.00 64.39  ? 97  LYS B CG  1 
ATOM   1609 C CD  . LYS B 1 94  ? -9.775  15.230  22.685  1.00 63.83  ? 97  LYS B CD  1 
ATOM   1610 C CE  . LYS B 1 94  ? -9.386  16.412  21.814  1.00 59.64  ? 97  LYS B CE  1 
ATOM   1611 N NZ  . LYS B 1 94  ? -7.912  16.473  21.626  1.00 49.84  ? 97  LYS B NZ  1 
ATOM   1612 N N   . LYS B 1 95  ? -13.028 12.406  20.185  1.00 54.04  ? 98  LYS B N   1 
ATOM   1613 C CA  . LYS B 1 95  ? -12.548 11.180  19.564  1.00 46.56  ? 98  LYS B CA  1 
ATOM   1614 C C   . LYS B 1 95  ? -11.754 11.472  18.296  1.00 45.71  ? 98  LYS B C   1 
ATOM   1615 O O   . LYS B 1 95  ? -12.014 12.450  17.595  1.00 35.44  ? 98  LYS B O   1 
ATOM   1616 C CB  . LYS B 1 95  ? -13.718 10.245  19.241  1.00 49.91  ? 98  LYS B CB  1 
ATOM   1617 C CG  . LYS B 1 95  ? -14.668 10.754  18.175  1.00 57.64  ? 98  LYS B CG  1 
ATOM   1618 C CD  . LYS B 1 95  ? -15.650 9.668   17.738  1.00 63.79  ? 98  LYS B CD  1 
ATOM   1619 C CE  . LYS B 1 95  ? -16.490 9.155   18.901  1.00 70.06  ? 98  LYS B CE  1 
ATOM   1620 N NZ  . LYS B 1 95  ? -17.505 8.151   18.468  1.00 65.62  ? 98  LYS B NZ  1 
ATOM   1621 N N   . ARG B 1 96  ? -10.786 10.610  18.008  1.00 36.14  ? 99  ARG B N   1 
ATOM   1622 C CA  . ARG B 1 96  ? -9.939  10.764  16.828  1.00 33.55  ? 99  ARG B CA  1 
ATOM   1623 C C   . ARG B 1 96  ? -10.588 10.121  15.609  1.00 30.43  ? 99  ARG B C   1 
ATOM   1624 O O   . ARG B 1 96  ? -11.435 9.232   15.741  1.00 35.54  ? 99  ARG B O   1 
ATOM   1625 C CB  . ARG B 1 96  ? -8.572  10.124  17.084  1.00 47.32  ? 99  ARG B CB  1 
ATOM   1626 C CG  . ARG B 1 96  ? -7.746  10.812  18.169  1.00 56.19  ? 99  ARG B CG  1 
ATOM   1627 C CD  . ARG B 1 96  ? -6.432  10.075  18.427  1.00 68.47  ? 99  ARG B CD  1 
ATOM   1628 N NE  . ARG B 1 96  ? -6.620  8.843   19.191  1.00 84.93  ? 99  ARG B NE  1 
ATOM   1629 C CZ  . ARG B 1 96  ? -6.830  8.797   20.505  1.00 91.82  ? 99  ARG B CZ  1 
ATOM   1630 N NH1 . ARG B 1 96  ? -6.877  9.917   21.214  1.00 94.00  ? 99  ARG B NH1 1 
ATOM   1631 N NH2 . ARG B 1 96  ? -6.996  7.629   21.112  1.00 91.36  ? 99  ARG B NH2 1 
ATOM   1632 N N   . THR B 1 97  ? -10.215 10.584  14.419  1.00 34.62  ? 100 THR B N   1 
ATOM   1633 C CA  . THR B 1 97  ? -10.764 10.006  13.196  1.00 24.57  ? 100 THR B CA  1 
ATOM   1634 C C   . THR B 1 97  ? -9.645  9.488   12.297  1.00 22.46  ? 100 THR B C   1 
ATOM   1635 O O   . THR B 1 97  ? -8.456  9.825   12.484  1.00 20.94  ? 100 THR B O   1 
ATOM   1636 C CB  . THR B 1 97  ? -11.619 11.012  12.402  1.00 24.36  ? 100 THR B CB  1 
ATOM   1637 O OG1 . THR B 1 97  ? -10.799 12.097  11.954  1.00 23.10  ? 100 THR B OG1 1 
ATOM   1638 C CG2 . THR B 1 97  ? -12.785 11.548  13.283  1.00 23.73  ? 100 THR B CG2 1 
ATOM   1639 N N   . SER B 1 98  ? -10.033 8.664   11.325  1.00 20.90  ? 101 SER B N   1 
ATOM   1640 C CA  . SER B 1 98  ? -9.086  8.070   10.388  1.00 19.06  ? 101 SER B CA  1 
ATOM   1641 C C   . SER B 1 98  ? -9.512  8.218   8.934   1.00 20.69  ? 101 SER B C   1 
ATOM   1642 O O   . SER B 1 98  ? -10.696 8.332   8.625   1.00 21.20  ? 101 SER B O   1 
ATOM   1643 C CB  . SER B 1 98  ? -8.950  6.567   10.644  1.00 24.60  ? 101 SER B CB  1 
ATOM   1644 O OG  . SER B 1 98  ? -8.660  6.261   11.983  1.00 23.80  ? 101 SER B OG  1 
ATOM   1645 N N   . HIS B 1 99  ? -8.533  8.195   8.034   1.00 19.27  ? 102 HIS B N   1 
ATOM   1646 C CA  . HIS B 1 99  ? -8.826  8.214   6.608   1.00 14.31  ? 102 HIS B CA  1 
ATOM   1647 C C   . HIS B 1 99  ? -8.221  6.884   6.204   1.00 19.21  ? 102 HIS B C   1 
ATOM   1648 O O   . HIS B 1 99  ? -7.054  6.632   6.473   1.00 23.14  ? 102 HIS B O   1 
ATOM   1649 C CB  . HIS B 1 99  ? -8.121  9.366   5.912   1.00 13.76  ? 102 HIS B CB  1 
ATOM   1650 C CG  . HIS B 1 99  ? -8.590  10.710  6.380   1.00 19.55  ? 102 HIS B CG  1 
ATOM   1651 N ND1 . HIS B 1 99  ? -7.733  11.769  6.604   1.00 28.66  ? 102 HIS B ND1 1 
ATOM   1652 C CD2 . HIS B 1 99  ? -9.834  11.166  6.661   1.00 17.83  ? 102 HIS B CD2 1 
ATOM   1653 C CE1 . HIS B 1 99  ? -8.430  12.819  7.006   1.00 17.03  ? 102 HIS B CE1 1 
ATOM   1654 N NE2 . HIS B 1 99  ? -9.707  12.479  7.048   1.00 33.83  ? 102 HIS B NE2 1 
ATOM   1655 N N   . ILE B 1 100 ? -9.023  6.025   5.586   1.00 18.25  ? 103 ILE B N   1 
ATOM   1656 C CA  . ILE B 1 100 ? -8.558  4.693   5.214   1.00 13.83  ? 103 ILE B CA  1 
ATOM   1657 C C   . ILE B 1 100 ? -8.440  4.531   3.694   1.00 14.05  ? 103 ILE B C   1 
ATOM   1658 O O   . ILE B 1 100 ? -9.356  4.877   2.947   1.00 16.42  ? 103 ILE B O   1 
ATOM   1659 C CB  . ILE B 1 100 ? -9.533  3.639   5.761   1.00 19.34  ? 103 ILE B CB  1 
ATOM   1660 C CG1 . ILE B 1 100 ? -9.711  3.838   7.275   1.00 19.56  ? 103 ILE B CG1 1 
ATOM   1661 C CG2 . ILE B 1 100 ? -9.008  2.241   5.492   1.00 18.36  ? 103 ILE B CG2 1 
ATOM   1662 C CD1 . ILE B 1 100 ? -10.839 3.003   7.867   1.00 22.57  ? 103 ILE B CD1 1 
ATOM   1663 N N   . THR B 1 101 ? -7.304  4.007   3.254   1.00 15.91  ? 104 THR B N   1 
ATOM   1664 C CA  . THR B 1 101 ? -7.072  3.782   1.838   1.00 14.48  ? 104 THR B CA  1 
ATOM   1665 C C   . THR B 1 101 ? -6.771  2.315   1.558   1.00 15.61  ? 104 THR B C   1 
ATOM   1666 O O   . THR B 1 101 ? -5.986  1.687   2.280   1.00 16.96  ? 104 THR B O   1 
ATOM   1667 C CB  . THR B 1 101 ? -5.884  4.603   1.336   1.00 19.45  ? 104 THR B CB  1 
ATOM   1668 O OG1 . THR B 1 101 ? -6.187  5.991   1.485   1.00 19.99  ? 104 THR B OG1 1 
ATOM   1669 C CG2 . THR B 1 101 ? -5.601  4.299   -0.157  1.00 20.09  ? 104 THR B CG2 1 
ATOM   1670 N N   . VAL B 1 102 ? -7.413  1.774   0.525   1.00 11.74  ? 105 VAL B N   1 
ATOM   1671 C CA  . VAL B 1 102 ? -7.159  0.389   0.113   1.00 18.34  ? 105 VAL B CA  1 
ATOM   1672 C C   . VAL B 1 102 ? -6.870  0.430   -1.389  1.00 16.78  ? 105 VAL B C   1 
ATOM   1673 O O   . VAL B 1 102 ? -7.607  1.067   -2.145  1.00 19.04  ? 105 VAL B O   1 
ATOM   1674 C CB  . VAL B 1 102 ? -8.385  -0.536  0.323   1.00 17.70  ? 105 VAL B CB  1 
ATOM   1675 C CG1 . VAL B 1 102 ? -8.138  -1.882  -0.374  1.00 18.18  ? 105 VAL B CG1 1 
ATOM   1676 C CG2 . VAL B 1 102 ? -8.641  -0.748  1.823   1.00 18.17  ? 105 VAL B CG2 1 
ATOM   1677 N N   . ILE B 1 103 ? -5.811  -0.249  -1.816  1.00 13.48  ? 106 ILE B N   1 
ATOM   1678 C CA  . ILE B 1 103 ? -5.462  -0.291  -3.238  1.00 16.26  ? 106 ILE B CA  1 
ATOM   1679 C C   . ILE B 1 103 ? -5.428  -1.754  -3.653  1.00 17.88  ? 106 ILE B C   1 
ATOM   1680 O O   . ILE B 1 103 ? -4.730  -2.553  -3.037  1.00 18.64  ? 106 ILE B O   1 
ATOM   1681 C CB  . ILE B 1 103 ? -4.069  0.336   -3.484  1.00 18.35  ? 106 ILE B CB  1 
ATOM   1682 C CG1 . ILE B 1 103 ? -4.091  1.811   -3.070  1.00 20.94  ? 106 ILE B CG1 1 
ATOM   1683 C CG2 . ILE B 1 103 ? -3.670  0.200   -4.951  1.00 17.24  ? 106 ILE B CG2 1 
ATOM   1684 C CD1 . ILE B 1 103 ? -2.754  2.542   -3.237  1.00 29.57  ? 106 ILE B CD1 1 
ATOM   1685 N N   . LEU B 1 104 ? -6.187  -2.093  -4.686  1.00 19.26  ? 107 LEU B N   1 
ATOM   1686 C CA  . LEU B 1 104 ? -6.251  -3.463  -5.165  1.00 15.09  ? 107 LEU B CA  1 
ATOM   1687 C C   . LEU B 1 104 ? -5.582  -3.606  -6.534  1.00 24.80  ? 107 LEU B C   1 
ATOM   1688 O O   . LEU B 1 104 ? -5.545  -2.669  -7.329  1.00 23.44  ? 107 LEU B O   1 
ATOM   1689 C CB  . LEU B 1 104 ? -7.705  -3.910  -5.283  1.00 20.52  ? 107 LEU B CB  1 
ATOM   1690 C CG  . LEU B 1 104 ? -8.603  -3.851  -4.033  1.00 21.08  ? 107 LEU B CG  1 
ATOM   1691 C CD1 . LEU B 1 104 ? -10.027 -4.289  -4.409  1.00 26.15  ? 107 LEU B CD1 1 
ATOM   1692 C CD2 . LEU B 1 104 ? -8.045  -4.736  -2.941  1.00 21.72  ? 107 LEU B CD2 1 
ATOM   1693 N N   . GLY B 1 105 ? -5.052  -4.792  -6.793  1.00 25.78  ? 108 GLY B N   1 
ATOM   1694 C CA  . GLY B 1 105 ? -4.417  -5.062  -8.070  1.00 31.84  ? 108 GLY B CA  1 
ATOM   1695 C C   . GLY B 1 105 ? -4.729  -6.516  -8.352  1.00 35.59  ? 108 GLY B C   1 
ATOM   1696 O O   . GLY B 1 105 ? -5.144  -7.226  -7.446  1.00 32.47  ? 108 GLY B O   1 
ATOM   1697 N N   . GLU B 1 106 ? -4.556  -6.976  -9.584  1.00 52.37  ? 109 GLU B N   1 
ATOM   1698 C CA  . GLU B 1 106 ? -4.846  -8.378  -9.862  1.00 63.23  ? 109 GLU B CA  1 
ATOM   1699 C C   . GLU B 1 106 ? -3.588  -9.147  -10.249 1.00 65.91  ? 109 GLU B C   1 
ATOM   1700 O O   . GLU B 1 106 ? -2.676  -8.588  -10.855 1.00 58.71  ? 109 GLU B O   1 
ATOM   1701 C CB  . GLU B 1 106 ? -5.902  -8.500  -10.969 1.00 70.25  ? 109 GLU B CB  1 
ATOM   1702 C CG  . GLU B 1 106 ? -5.353  -8.821  -12.350 1.00 86.31  ? 109 GLU B CG  1 
ATOM   1703 C CD  . GLU B 1 106 ? -4.684  -7.636  -13.008 1.00 96.53  ? 109 GLU B CD  1 
ATOM   1704 O OE1 . GLU B 1 106 ? -5.403  -6.685  -13.385 1.00 104.97 ? 109 GLU B OE1 1 
ATOM   1705 O OE2 . GLU B 1 106 ? -3.443  -7.650  -13.147 1.00 100.16 ? 109 GLU B OE2 1 
ATOM   1706 N N   . LYS B 1 107 ? -3.533  -10.428 -9.881  1.00 75.21  ? 110 LYS B N   1 
ATOM   1707 C CA  . LYS B 1 107 ? -2.384  -11.261 -10.223 1.00 80.66  ? 110 LYS B CA  1 
ATOM   1708 C C   . LYS B 1 107 ? -2.413  -11.459 -11.733 1.00 84.70  ? 110 LYS B C   1 
ATOM   1709 O O   . LYS B 1 107 ? -3.357  -12.043 -12.262 1.00 86.99  ? 110 LYS B O   1 
ATOM   1710 C CB  . LYS B 1 107 ? -2.462  -12.636 -9.551  1.00 83.94  ? 110 LYS B CB  1 
ATOM   1711 C CG  . LYS B 1 107 ? -2.591  -12.642 -8.031  1.00 81.78  ? 110 LYS B CG  1 
ATOM   1712 C CD  . LYS B 1 107 ? -4.049  -12.561 -7.593  1.00 82.25  ? 110 LYS B CD  1 
ATOM   1713 C CE  . LYS B 1 107 ? -4.289  -13.324 -6.290  1.00 76.22  ? 110 LYS B CE  1 
ATOM   1714 N NZ  . LYS B 1 107 ? -3.433  -12.851 -5.167  1.00 66.44  ? 110 LYS B NZ  1 
ATOM   1715 N N   . HIS B 1 108 ? -1.381  -10.974 -12.418 1.00 90.54  ? 111 HIS B N   1 
ATOM   1716 C CA  . HIS B 1 108 ? -1.287  -11.085 -13.874 1.00 92.38  ? 111 HIS B CA  1 
ATOM   1717 C C   . HIS B 1 108 ? -2.389  -10.247 -14.532 1.00 94.03  ? 111 HIS B C   1 
ATOM   1718 O O   . HIS B 1 108 ? -3.576  -10.519 -14.350 1.00 91.86  ? 111 HIS B O   1 
ATOM   1719 C CB  . HIS B 1 108 ? -1.426  -12.549 -14.312 1.00 90.13  ? 111 HIS B CB  1 
ATOM   1720 C CG  . HIS B 1 108 ? -0.592  -13.505 -13.513 1.00 91.28  ? 111 HIS B CG  1 
ATOM   1721 N ND1 . HIS B 1 108 ? 0.777   -13.390 -13.402 1.00 92.32  ? 111 HIS B ND1 1 
ATOM   1722 C CD2 . HIS B 1 108 ? -0.937  -14.600 -12.794 1.00 91.29  ? 111 HIS B CD2 1 
ATOM   1723 C CE1 . HIS B 1 108 ? 1.239   -14.372 -12.648 1.00 90.82  ? 111 HIS B CE1 1 
ATOM   1724 N NE2 . HIS B 1 108 ? 0.220   -15.121 -12.268 1.00 87.07  ? 111 HIS B NE2 1 
ATOM   1725 N N   . GLY B 1 109 ? -1.994  -9.229  -15.293 1.00 97.99  ? 112 GLY B N   1 
ATOM   1726 C CA  . GLY B 1 109 ? -2.977  -8.381  -15.950 1.00 99.79  ? 112 GLY B CA  1 
ATOM   1727 C C   . GLY B 1 109 ? -2.441  -7.594  -17.133 1.00 101.78 ? 112 GLY B C   1 
ATOM   1728 O O   . GLY B 1 109 ? -1.624  -8.097  -17.905 1.00 101.35 ? 112 GLY B O   1 
ATOM   1729 N N   . LYS B 1 110 ? -2.908  -6.354  -17.277 1.00 103.20 ? 113 LYS B N   1 
ATOM   1730 C CA  . LYS B 1 110 ? -2.485  -5.481  -18.373 1.00 102.38 ? 113 LYS B CA  1 
ATOM   1731 C C   . LYS B 1 110 ? -2.650  -4.004  -18.012 1.00 101.72 ? 113 LYS B C   1 
ATOM   1732 O O   . LYS B 1 110 ? -3.406  -3.302  -18.719 1.00 102.64 ? 113 LYS B O   1 
ATOM   1733 C CB  . LYS B 1 110 ? -3.290  -5.798  -19.638 1.00 102.28 ? 113 LYS B CB  1 
ATOM   1734 C CG  . LYS B 1 110 ? -2.932  -7.125  -20.293 1.00 102.45 ? 113 LYS B CG  1 
ATOM   1735 C CD  . LYS B 1 110 ? -3.939  -7.511  -21.367 1.00 103.94 ? 113 LYS B CD  1 
ATOM   1736 C CE  . LYS B 1 110 ? -5.292  -7.855  -20.759 1.00 102.83 ? 113 LYS B CE  1 
ATOM   1737 N NZ  . LYS B 1 110 ? -5.232  -9.060  -19.885 1.00 100.82 ? 113 LYS B NZ  1 
ATOM   1738 O OXT . LYS B 1 110 ? -2.019  -3.564  -17.028 1.00 97.26  ? 113 LYS B OXT 1 
HETATM 1739 O O   . HOH C 2 .   ? 0.359   14.095  -1.153  1.00 15.42  ? 114 HOH A O   1 
HETATM 1740 O O   . HOH C 2 .   ? 4.266   -0.966  -8.588  1.00 24.68  ? 115 HOH A O   1 
HETATM 1741 O O   . HOH C 2 .   ? 19.607  -9.860  3.899   1.00 30.86  ? 116 HOH A O   1 
HETATM 1742 O O   . HOH C 2 .   ? 15.600  -10.372 -3.191  1.00 29.04  ? 117 HOH A O   1 
HETATM 1743 O O   . HOH C 2 .   ? 20.945  3.543   -11.853 1.00 36.78  ? 118 HOH A O   1 
HETATM 1744 O O   . HOH C 2 .   ? 16.526  11.478  -1.202  1.00 30.13  ? 119 HOH A O   1 
HETATM 1745 O O   . HOH C 2 .   ? 11.135  3.999   -14.289 1.00 39.88  ? 120 HOH A O   1 
HETATM 1746 O O   . HOH C 2 .   ? 18.181  8.760   7.366   1.00 40.65  ? 121 HOH A O   1 
HETATM 1747 O O   . HOH C 2 .   ? 8.202   8.428   -9.903  1.00 37.21  ? 122 HOH A O   1 
HETATM 1748 O O   . HOH C 2 .   ? 21.718  1.462   0.314   1.00 31.79  ? 123 HOH A O   1 
HETATM 1749 O O   . HOH C 2 .   ? 15.623  -12.322 -11.470 1.00 34.31  ? 124 HOH A O   1 
HETATM 1750 O O   . HOH C 2 .   ? 17.236  -12.471 -2.124  1.00 37.38  ? 125 HOH A O   1 
HETATM 1751 O O   . HOH C 2 .   ? 4.096   -6.410  -3.399  1.00 28.37  ? 126 HOH A O   1 
HETATM 1752 O O   . HOH C 2 .   ? 12.675  -10.757 -24.658 1.00 35.07  ? 127 HOH A O   1 
HETATM 1753 O O   . HOH C 2 .   ? 9.076   10.895  -7.475  1.00 53.44  ? 128 HOH A O   1 
HETATM 1754 O O   . HOH C 2 .   ? 12.022  -22.699 -29.066 1.00 33.24  ? 129 HOH A O   1 
HETATM 1755 O O   . HOH C 2 .   ? 6.812   -20.899 -30.890 1.00 36.13  ? 130 HOH A O   1 
HETATM 1756 O O   . HOH C 2 .   ? 10.546  2.763   12.051  1.00 35.50  ? 131 HOH A O   1 
HETATM 1757 O O   . HOH C 2 .   ? -0.464  4.161   -6.024  1.00 41.66  ? 132 HOH A O   1 
HETATM 1758 O O   . HOH C 2 .   ? 12.723  8.641   9.313   1.00 37.94  ? 133 HOH A O   1 
HETATM 1759 O O   . HOH C 2 .   ? 22.135  -8.980  5.614   1.00 34.38  ? 134 HOH A O   1 
HETATM 1760 O O   . HOH D 2 .   ? 1.857   -1.965  0.490   1.00 23.23  ? 114 HOH B O   1 
HETATM 1761 O O   . HOH D 2 .   ? -17.681 6.726   10.686  1.00 25.00  ? 115 HOH B O   1 
HETATM 1762 O O   . HOH D 2 .   ? -8.980  -2.567  16.254  1.00 28.26  ? 116 HOH B O   1 
HETATM 1763 O O   . HOH D 2 .   ? -17.115 9.591   7.310   1.00 27.26  ? 117 HOH B O   1 
HETATM 1764 O O   . HOH D 2 .   ? -21.989 2.592   8.063   1.00 36.83  ? 118 HOH B O   1 
HETATM 1765 O O   . HOH D 2 .   ? -17.593 1.708   -8.431  1.00 34.92  ? 119 HOH B O   1 
HETATM 1766 O O   . HOH D 2 .   ? -9.909  3.223   -8.807  1.00 36.92  ? 120 HOH B O   1 
HETATM 1767 O O   . HOH D 2 .   ? -14.074 8.655   -1.327  1.00 39.88  ? 121 HOH B O   1 
HETATM 1768 O O   . HOH D 2 .   ? -7.486  15.596  7.788   1.00 42.35  ? 122 HOH B O   1 
HETATM 1769 O O   . HOH D 2 .   ? -1.073  0.556   -7.908  1.00 40.26  ? 123 HOH B O   1 
HETATM 1770 O O   . HOH D 2 .   ? -20.235 11.037  10.630  1.00 38.18  ? 124 HOH B O   1 
HETATM 1771 O O   . HOH D 2 .   ? 0.383   -0.702  2.744   1.00 27.20  ? 125 HOH B O   1 
HETATM 1772 O O   . HOH D 2 .   ? -5.532  7.019   3.913   1.00 26.24  ? 126 HOH B O   1 
HETATM 1773 O O   . HOH D 2 .   ? -16.486 -11.687 14.153  1.00 42.51  ? 127 HOH B O   1 
HETATM 1774 O O   . HOH D 2 .   ? -0.093  8.245   7.587   1.00 33.66  ? 128 HOH B O   1 
HETATM 1775 O O   . HOH D 2 .   ? -11.977 4.573   18.605  1.00 37.58  ? 129 HOH B O   1 
# 
loop_
_pdbx_poly_seq_scheme.asym_id 
_pdbx_poly_seq_scheme.entity_id 
_pdbx_poly_seq_scheme.seq_id 
_pdbx_poly_seq_scheme.mon_id 
_pdbx_poly_seq_scheme.ndb_seq_num 
_pdbx_poly_seq_scheme.pdb_seq_num 
_pdbx_poly_seq_scheme.auth_seq_num 
_pdbx_poly_seq_scheme.pdb_mon_id 
_pdbx_poly_seq_scheme.auth_mon_id 
_pdbx_poly_seq_scheme.pdb_strand_id 
_pdbx_poly_seq_scheme.pdb_ins_code 
_pdbx_poly_seq_scheme.hetero 
A 1 1   MET 1   1   1   MET MET A . n 
A 1 2   GLU 2   2   2   GLU GLU A . n 
A 1 3   ALA 3   3   3   ALA ALA A . n 
A 1 4   LYS 4   4   4   LYS LYS A . n 
A 1 5   ALA 5   5   5   ALA ALA A . n 
A 1 6   ILE 6   6   6   ILE ILE A . n 
A 1 7   ALA 7   7   7   ALA ALA A . n 
A 1 8   ARG 8   8   8   ARG ARG A . n 
A 1 9   TYR 9   9   9   TYR TYR A . n 
A 1 10  VAL 10  10  10  VAL VAL A . n 
A 1 11  ARG 11  11  11  ARG ARG A . n 
A 1 12  ILE 12  12  12  ILE ILE A . n 
A 1 13  SER 13  13  13  SER SER A . n 
A 1 14  PRO 14  14  14  PRO PRO A . n 
A 1 15  ARG 15  15  15  ARG ARG A . n 
A 1 16  LYS 16  16  16  LYS LYS A . n 
A 1 17  VAL 17  17  17  VAL VAL A . n 
A 1 18  ARG 18  18  18  ARG ARG A . n 
A 1 19  LEU 19  19  19  LEU LEU A . n 
A 1 20  VAL 20  20  20  VAL VAL A . n 
A 1 21  VAL 21  21  21  VAL VAL A . n 
A 1 22  ASP 22  22  22  ASP ASP A . n 
A 1 23  LEU 23  23  23  LEU LEU A . n 
A 1 24  ILE 24  24  24  ILE ILE A . n 
A 1 25  ARG 25  25  25  ARG ARG A . n 
A 1 26  GLY 26  26  26  GLY GLY A . n 
A 1 27  LYS 27  27  27  LYS LYS A . n 
A 1 28  SER 28  28  28  SER SER A . n 
A 1 29  LEU 29  29  29  LEU LEU A . n 
A 1 30  GLU 30  30  30  GLU GLU A . n 
A 1 31  GLU 31  31  31  GLU GLU A . n 
A 1 32  ALA 32  32  32  ALA ALA A . n 
A 1 33  ARG 33  33  33  ARG ARG A . n 
A 1 34  ASN 34  34  34  ASN ASN A . n 
A 1 35  ILE 35  35  35  ILE ILE A . n 
A 1 36  LEU 36  36  36  LEU LEU A . n 
A 1 37  ARG 37  37  37  ARG ARG A . n 
A 1 38  TYR 38  38  38  TYR TYR A . n 
A 1 39  THR 39  39  39  THR THR A . n 
A 1 40  ASN 40  40  40  ASN ASN A . n 
A 1 41  LYS 41  41  41  LYS LYS A . n 
A 1 42  ARG 42  42  42  ARG ARG A . n 
A 1 43  GLY 43  43  43  GLY GLY A . n 
A 1 44  ALA 44  44  44  ALA ALA A . n 
A 1 45  TYR 45  45  45  TYR TYR A . n 
A 1 46  PHE 46  46  46  PHE PHE A . n 
A 1 47  VAL 47  47  47  VAL VAL A . n 
A 1 48  ALA 48  48  48  ALA ALA A . n 
A 1 49  LYS 49  49  49  LYS LYS A . n 
A 1 50  VAL 50  50  50  VAL VAL A . n 
A 1 51  LEU 51  51  51  LEU LEU A . n 
A 1 52  GLU 52  52  52  GLU GLU A . n 
A 1 53  SER 53  53  53  SER SER A . n 
A 1 54  ALA 54  54  54  ALA ALA A . n 
A 1 55  ALA 55  55  55  ALA ALA A . n 
A 1 56  ALA 56  56  56  ALA ALA A . n 
A 1 57  ASN 57  57  57  ASN ASN A . n 
A 1 58  ALA 58  58  58  ALA ALA A . n 
A 1 59  VAL 59  59  59  VAL VAL A . n 
A 1 60  ASN 60  60  60  ASN ASN A . n 
A 1 61  ASN 61  61  61  ASN ASN A . n 
A 1 62  HIS 62  62  62  HIS HIS A . n 
A 1 63  ASP 63  63  63  ASP ASP A . n 
A 1 64  ALA 64  64  64  ALA ALA A . n 
A 1 65  LEU 65  65  65  LEU LEU A . n 
A 1 66  GLU 66  66  66  GLU GLU A . n 
A 1 67  ASP 67  67  67  ASP ASP A . n 
A 1 68  ARG 68  68  68  ARG ARG A . n 
A 1 69  LEU 69  69  69  LEU LEU A . n 
A 1 70  TYR 70  70  70  TYR TYR A . n 
A 1 71  VAL 71  71  71  VAL VAL A . n 
A 1 72  LYS 72  72  72  LYS LYS A . n 
A 1 73  ALA 73  73  73  ALA ALA A . n 
A 1 74  ALA 74  74  74  ALA ALA A . n 
A 1 75  TYR 75  75  75  TYR TYR A . n 
A 1 76  VAL 76  76  76  VAL VAL A . n 
A 1 77  ASP 77  77  77  ASP ASP A . n 
A 1 78  GLU 78  78  78  GLU GLU A . n 
A 1 79  GLY 79  79  79  GLY GLY A . n 
A 1 80  PRO 80  80  80  PRO PRO A . n 
A 1 81  ALA 81  81  81  ALA ALA A . n 
A 1 82  VAL 82  85  85  VAL VAL A . n 
A 1 83  LEU 83  86  86  LEU LEU A . n 
A 1 84  PRO 84  87  87  PRO PRO A . n 
A 1 85  ARG 85  88  88  ARG ARG A . n 
A 1 86  ALA 86  89  89  ALA ALA A . n 
A 1 87  ARG 87  90  90  ARG ARG A . n 
A 1 88  GLY 88  91  91  GLY GLY A . n 
A 1 89  ARG 89  92  92  ARG ARG A . n 
A 1 90  ALA 90  93  93  ALA ALA A . n 
A 1 91  ASP 91  94  94  ASP ASP A . n 
A 1 92  ILE 92  95  95  ILE ILE A . n 
A 1 93  ILE 93  96  96  ILE ILE A . n 
A 1 94  LYS 94  97  97  LYS LYS A . n 
A 1 95  LYS 95  98  98  LYS LYS A . n 
A 1 96  ARG 96  99  99  ARG ARG A . n 
A 1 97  THR 97  100 100 THR THR A . n 
A 1 98  SER 98  101 101 SER SER A . n 
A 1 99  HIS 99  102 102 HIS HIS A . n 
A 1 100 ILE 100 103 103 ILE ILE A . n 
A 1 101 THR 101 104 104 THR THR A . n 
A 1 102 VAL 102 105 105 VAL VAL A . n 
A 1 103 ILE 103 106 106 ILE ILE A . n 
A 1 104 LEU 104 107 107 LEU LEU A . n 
A 1 105 GLY 105 108 108 GLY GLY A . n 
A 1 106 GLU 106 109 109 GLU GLU A . n 
A 1 107 LYS 107 110 110 LYS LYS A . n 
A 1 108 HIS 108 111 111 HIS HIS A . n 
A 1 109 GLY 109 112 112 GLY GLY A . n 
A 1 110 LYS 110 113 113 LYS LYS A . n 
B 1 1   MET 1   1   1   MET MET B . n 
B 1 2   GLU 2   2   2   GLU GLU B . n 
B 1 3   ALA 3   3   3   ALA ALA B . n 
B 1 4   LYS 4   4   4   LYS LYS B . n 
B 1 5   ALA 5   5   5   ALA ALA B . n 
B 1 6   ILE 6   6   6   ILE ILE B . n 
B 1 7   ALA 7   7   7   ALA ALA B . n 
B 1 8   ARG 8   8   8   ARG ARG B . n 
B 1 9   TYR 9   9   9   TYR TYR B . n 
B 1 10  VAL 10  10  10  VAL VAL B . n 
B 1 11  ARG 11  11  11  ARG ARG B . n 
B 1 12  ILE 12  12  12  ILE ILE B . n 
B 1 13  SER 13  13  13  SER SER B . n 
B 1 14  PRO 14  14  14  PRO PRO B . n 
B 1 15  ARG 15  15  15  ARG ARG B . n 
B 1 16  LYS 16  16  16  LYS LYS B . n 
B 1 17  VAL 17  17  17  VAL VAL B . n 
B 1 18  ARG 18  18  18  ARG ARG B . n 
B 1 19  LEU 19  19  19  LEU LEU B . n 
B 1 20  VAL 20  20  20  VAL VAL B . n 
B 1 21  VAL 21  21  21  VAL VAL B . n 
B 1 22  ASP 22  22  22  ASP ASP B . n 
B 1 23  LEU 23  23  23  LEU LEU B . n 
B 1 24  ILE 24  24  24  ILE ILE B . n 
B 1 25  ARG 25  25  25  ARG ARG B . n 
B 1 26  GLY 26  26  26  GLY GLY B . n 
B 1 27  LYS 27  27  27  LYS LYS B . n 
B 1 28  SER 28  28  28  SER SER B . n 
B 1 29  LEU 29  29  29  LEU LEU B . n 
B 1 30  GLU 30  30  30  GLU GLU B . n 
B 1 31  GLU 31  31  31  GLU GLU B . n 
B 1 32  ALA 32  32  32  ALA ALA B . n 
B 1 33  ARG 33  33  33  ARG ARG B . n 
B 1 34  ASN 34  34  34  ASN ASN B . n 
B 1 35  ILE 35  35  35  ILE ILE B . n 
B 1 36  LEU 36  36  36  LEU LEU B . n 
B 1 37  ARG 37  37  37  ARG ARG B . n 
B 1 38  TYR 38  38  38  TYR TYR B . n 
B 1 39  THR 39  39  39  THR THR B . n 
B 1 40  ASN 40  40  40  ASN ASN B . n 
B 1 41  LYS 41  41  41  LYS LYS B . n 
B 1 42  ARG 42  42  42  ARG ARG B . n 
B 1 43  GLY 43  43  43  GLY GLY B . n 
B 1 44  ALA 44  44  44  ALA ALA B . n 
B 1 45  TYR 45  45  45  TYR TYR B . n 
B 1 46  PHE 46  46  46  PHE PHE B . n 
B 1 47  VAL 47  47  47  VAL VAL B . n 
B 1 48  ALA 48  48  48  ALA ALA B . n 
B 1 49  LYS 49  49  49  LYS LYS B . n 
B 1 50  VAL 50  50  50  VAL VAL B . n 
B 1 51  LEU 51  51  51  LEU LEU B . n 
B 1 52  GLU 52  52  52  GLU GLU B . n 
B 1 53  SER 53  53  53  SER SER B . n 
B 1 54  ALA 54  54  54  ALA ALA B . n 
B 1 55  ALA 55  55  55  ALA ALA B . n 
B 1 56  ALA 56  56  56  ALA ALA B . n 
B 1 57  ASN 57  57  57  ASN ASN B . n 
B 1 58  ALA 58  58  58  ALA ALA B . n 
B 1 59  VAL 59  59  59  VAL VAL B . n 
B 1 60  ASN 60  60  60  ASN ASN B . n 
B 1 61  ASN 61  61  61  ASN ASN B . n 
B 1 62  HIS 62  62  62  HIS HIS B . n 
B 1 63  ASP 63  63  63  ASP ASP B . n 
B 1 64  ALA 64  64  64  ALA ALA B . n 
B 1 65  LEU 65  65  65  LEU LEU B . n 
B 1 66  GLU 66  66  66  GLU GLU B . n 
B 1 67  ASP 67  67  67  ASP ASP B . n 
B 1 68  ARG 68  68  68  ARG ARG B . n 
B 1 69  LEU 69  69  69  LEU LEU B . n 
B 1 70  TYR 70  70  70  TYR TYR B . n 
B 1 71  VAL 71  71  71  VAL VAL B . n 
B 1 72  LYS 72  72  72  LYS LYS B . n 
B 1 73  ALA 73  73  73  ALA ALA B . n 
B 1 74  ALA 74  74  74  ALA ALA B . n 
B 1 75  TYR 75  75  75  TYR TYR B . n 
B 1 76  VAL 76  76  76  VAL VAL B . n 
B 1 77  ASP 77  77  77  ASP ASP B . n 
B 1 78  GLU 78  78  78  GLU GLU B . n 
B 1 79  GLY 79  79  79  GLY GLY B . n 
B 1 80  PRO 80  80  80  PRO PRO B . n 
B 1 81  ALA 81  81  81  ALA ALA B . n 
B 1 82  VAL 82  85  85  VAL VAL B . n 
B 1 83  LEU 83  86  86  LEU LEU B . n 
B 1 84  PRO 84  87  87  PRO PRO B . n 
B 1 85  ARG 85  88  88  ARG ARG B . n 
B 1 86  ALA 86  89  89  ALA ALA B . n 
B 1 87  ARG 87  90  90  ARG ARG B . n 
B 1 88  GLY 88  91  91  GLY GLY B . n 
B 1 89  ARG 89  92  92  ARG ARG B . n 
B 1 90  ALA 90  93  93  ALA ALA B . n 
B 1 91  ASP 91  94  94  ASP ASP B . n 
B 1 92  ILE 92  95  95  ILE ILE B . n 
B 1 93  ILE 93  96  96  ILE ILE B . n 
B 1 94  LYS 94  97  97  LYS LYS B . n 
B 1 95  LYS 95  98  98  LYS LYS B . n 
B 1 96  ARG 96  99  99  ARG ARG B . n 
B 1 97  THR 97  100 100 THR THR B . n 
B 1 98  SER 98  101 101 SER SER B . n 
B 1 99  HIS 99  102 102 HIS HIS B . n 
B 1 100 ILE 100 103 103 ILE ILE B . n 
B 1 101 THR 101 104 104 THR THR B . n 
B 1 102 VAL 102 105 105 VAL VAL B . n 
B 1 103 ILE 103 106 106 ILE ILE B . n 
B 1 104 LEU 104 107 107 LEU LEU B . n 
B 1 105 GLY 105 108 108 GLY GLY B . n 
B 1 106 GLU 106 109 109 GLU GLU B . n 
B 1 107 LYS 107 110 110 LYS LYS B . n 
B 1 108 HIS 108 111 111 HIS HIS B . n 
B 1 109 GLY 109 112 112 GLY GLY B . n 
B 1 110 LYS 110 113 113 LYS LYS B . n 
# 
loop_
_pdbx_nonpoly_scheme.asym_id 
_pdbx_nonpoly_scheme.entity_id 
_pdbx_nonpoly_scheme.mon_id 
_pdbx_nonpoly_scheme.ndb_seq_num 
_pdbx_nonpoly_scheme.pdb_seq_num 
_pdbx_nonpoly_scheme.auth_seq_num 
_pdbx_nonpoly_scheme.pdb_mon_id 
_pdbx_nonpoly_scheme.auth_mon_id 
_pdbx_nonpoly_scheme.pdb_strand_id 
_pdbx_nonpoly_scheme.pdb_ins_code 
C 2 HOH 1  114 1  HOH HOH A . 
C 2 HOH 2  115 3  HOH HOH A . 
C 2 HOH 3  116 7  HOH HOH A . 
C 2 HOH 4  117 9  HOH HOH A . 
C 2 HOH 5  118 10 HOH HOH A . 
C 2 HOH 6  119 11 HOH HOH A . 
C 2 HOH 7  120 13 HOH HOH A . 
C 2 HOH 8  121 14 HOH HOH A . 
C 2 HOH 9  122 15 HOH HOH A . 
C 2 HOH 10 123 17 HOH HOH A . 
C 2 HOH 11 124 19 HOH HOH A . 
C 2 HOH 12 125 23 HOH HOH A . 
C 2 HOH 13 126 25 HOH HOH A . 
C 2 HOH 14 127 29 HOH HOH A . 
C 2 HOH 15 128 30 HOH HOH A . 
C 2 HOH 16 129 31 HOH HOH A . 
C 2 HOH 17 130 32 HOH HOH A . 
C 2 HOH 18 131 34 HOH HOH A . 
C 2 HOH 19 132 35 HOH HOH A . 
C 2 HOH 20 133 36 HOH HOH A . 
C 2 HOH 21 134 37 HOH HOH A . 
D 2 HOH 1  114 2  HOH HOH B . 
D 2 HOH 2  115 4  HOH HOH B . 
D 2 HOH 3  116 5  HOH HOH B . 
D 2 HOH 4  117 6  HOH HOH B . 
D 2 HOH 5  118 8  HOH HOH B . 
D 2 HOH 6  119 12 HOH HOH B . 
D 2 HOH 7  120 16 HOH HOH B . 
D 2 HOH 8  121 18 HOH HOH B . 
D 2 HOH 9  122 20 HOH HOH B . 
D 2 HOH 10 123 21 HOH HOH B . 
D 2 HOH 11 124 22 HOH HOH B . 
D 2 HOH 12 125 24 HOH HOH B . 
D 2 HOH 13 126 26 HOH HOH B . 
D 2 HOH 14 127 27 HOH HOH B . 
D 2 HOH 15 128 28 HOH HOH B . 
D 2 HOH 16 129 33 HOH HOH B . 
# 
_pdbx_struct_assembly.id                   1 
_pdbx_struct_assembly.details              author_defined_assembly 
_pdbx_struct_assembly.method_details       ? 
_pdbx_struct_assembly.oligomeric_details   dimeric 
_pdbx_struct_assembly.oligomeric_count     2 
# 
_pdbx_struct_assembly_gen.assembly_id       1 
_pdbx_struct_assembly_gen.oper_expression   1 
_pdbx_struct_assembly_gen.asym_id_list      A,B,C,D 
# 
_pdbx_struct_oper_list.id                   1 
_pdbx_struct_oper_list.type                 'identity operation' 
_pdbx_struct_oper_list.name                 1_555 
_pdbx_struct_oper_list.symmetry_operation   x,y,z 
_pdbx_struct_oper_list.matrix[1][1]         1.0000000000 
_pdbx_struct_oper_list.matrix[1][2]         0.0000000000 
_pdbx_struct_oper_list.matrix[1][3]         0.0000000000 
_pdbx_struct_oper_list.vector[1]            0.0000000000 
_pdbx_struct_oper_list.matrix[2][1]         0.0000000000 
_pdbx_struct_oper_list.matrix[2][2]         1.0000000000 
_pdbx_struct_oper_list.matrix[2][3]         0.0000000000 
_pdbx_struct_oper_list.vector[2]            0.0000000000 
_pdbx_struct_oper_list.matrix[3][1]         0.0000000000 
_pdbx_struct_oper_list.matrix[3][2]         0.0000000000 
_pdbx_struct_oper_list.matrix[3][3]         1.0000000000 
_pdbx_struct_oper_list.vector[3]            0.0000000000 
# 
loop_
_pdbx_audit_revision_history.ordinal 
_pdbx_audit_revision_history.data_content_type 
_pdbx_audit_revision_history.major_revision 
_pdbx_audit_revision_history.minor_revision 
_pdbx_audit_revision_history.revision_date 
1 'Structure model' 1 0 2002-09-11 
2 'Structure model' 1 1 2008-04-27 
3 'Structure model' 1 2 2011-07-13 
4 'Structure model' 1 3 2017-10-04 
5 'Structure model' 1 4 2023-08-09 
# 
_pdbx_audit_revision_details.ordinal             1 
_pdbx_audit_revision_details.revision_ordinal    1 
_pdbx_audit_revision_details.data_content_type   'Structure model' 
_pdbx_audit_revision_details.provider            repository 
_pdbx_audit_revision_details.type                'Initial release' 
_pdbx_audit_revision_details.description         ? 
_pdbx_audit_revision_details.details             ? 
# 
loop_
_pdbx_audit_revision_group.ordinal 
_pdbx_audit_revision_group.revision_ordinal 
_pdbx_audit_revision_group.data_content_type 
_pdbx_audit_revision_group.group 
1 2 'Structure model' 'Version format compliance' 
2 3 'Structure model' 'Version format compliance' 
3 4 'Structure model' 'Refinement description'    
4 5 'Structure model' 'Data collection'           
5 5 'Structure model' 'Database references'       
6 5 'Structure model' 'Refinement description'    
# 
loop_
_pdbx_audit_revision_category.ordinal 
_pdbx_audit_revision_category.revision_ordinal 
_pdbx_audit_revision_category.data_content_type 
_pdbx_audit_revision_category.category 
1 4 'Structure model' software                      
2 5 'Structure model' chem_comp_atom                
3 5 'Structure model' chem_comp_bond                
4 5 'Structure model' database_2                    
5 5 'Structure model' pdbx_initial_refinement_model 
6 5 'Structure model' struct_ref_seq_dif            
# 
loop_
_pdbx_audit_revision_item.ordinal 
_pdbx_audit_revision_item.revision_ordinal 
_pdbx_audit_revision_item.data_content_type 
_pdbx_audit_revision_item.item 
1 4 'Structure model' '_software.classification'            
2 4 'Structure model' '_software.name'                      
3 5 'Structure model' '_database_2.pdbx_DOI'                
4 5 'Structure model' '_database_2.pdbx_database_accession' 
5 5 'Structure model' '_struct_ref_seq_dif.details'         
# 
loop_
_software.name 
_software.version 
_software.date 
_software.type 
_software.contact_author 
_software.contact_author_email 
_software.location 
_software.classification 
_software.language 
_software.citation_id 
_software.pdbx_ordinal 
CNS       1.0 1998 package 'Axel T. Brunger' axel.brunger@yale.edu . refinement        Fortran ? 1 
MAR345    .   ?    ?       ?                 ?                     ? 'data collection' ?       ? 2 
SCALEPACK .   ?    ?       ?                 ?                     ? 'data scaling'    ?       ? 3 
CNS       .   ?    ?       ?                 ?                     ? phasing           ?       ? 4 
# 
loop_
_pdbx_validate_torsion.id 
_pdbx_validate_torsion.PDB_model_num 
_pdbx_validate_torsion.auth_comp_id 
_pdbx_validate_torsion.auth_asym_id 
_pdbx_validate_torsion.auth_seq_id 
_pdbx_validate_torsion.PDB_ins_code 
_pdbx_validate_torsion.label_alt_id 
_pdbx_validate_torsion.phi 
_pdbx_validate_torsion.psi 
1 1 GLU A 2   ? ? -68.48  -72.21  
2 1 ASN A 40  ? ? -110.31 51.69   
3 1 LYS A 110 ? ? 15.01   -139.24 
4 1 HIS A 111 ? ? -12.31  140.86  
5 1 ALA B 89  ? ? 43.81   -103.33 
6 1 ARG B 92  ? ? 24.49   61.55   
7 1 ALA B 93  ? ? -98.26  -127.43 
8 1 HIS B 111 ? ? 66.39   116.71  
# 
loop_
_chem_comp_atom.comp_id 
_chem_comp_atom.atom_id 
_chem_comp_atom.type_symbol 
_chem_comp_atom.pdbx_aromatic_flag 
_chem_comp_atom.pdbx_stereo_config 
_chem_comp_atom.pdbx_ordinal 
ALA N    N N N 1   
ALA CA   C N S 2   
ALA C    C N N 3   
ALA O    O N N 4   
ALA CB   C N N 5   
ALA OXT  O N N 6   
ALA H    H N N 7   
ALA H2   H N N 8   
ALA HA   H N N 9   
ALA HB1  H N N 10  
ALA HB2  H N N 11  
ALA HB3  H N N 12  
ALA HXT  H N N 13  
ARG N    N N N 14  
ARG CA   C N S 15  
ARG C    C N N 16  
ARG O    O N N 17  
ARG CB   C N N 18  
ARG CG   C N N 19  
ARG CD   C N N 20  
ARG NE   N N N 21  
ARG CZ   C N N 22  
ARG NH1  N N N 23  
ARG NH2  N N N 24  
ARG OXT  O N N 25  
ARG H    H N N 26  
ARG H2   H N N 27  
ARG HA   H N N 28  
ARG HB2  H N N 29  
ARG HB3  H N N 30  
ARG HG2  H N N 31  
ARG HG3  H N N 32  
ARG HD2  H N N 33  
ARG HD3  H N N 34  
ARG HE   H N N 35  
ARG HH11 H N N 36  
ARG HH12 H N N 37  
ARG HH21 H N N 38  
ARG HH22 H N N 39  
ARG HXT  H N N 40  
ASN N    N N N 41  
ASN CA   C N S 42  
ASN C    C N N 43  
ASN O    O N N 44  
ASN CB   C N N 45  
ASN CG   C N N 46  
ASN OD1  O N N 47  
ASN ND2  N N N 48  
ASN OXT  O N N 49  
ASN H    H N N 50  
ASN H2   H N N 51  
ASN HA   H N N 52  
ASN HB2  H N N 53  
ASN HB3  H N N 54  
ASN HD21 H N N 55  
ASN HD22 H N N 56  
ASN HXT  H N N 57  
ASP N    N N N 58  
ASP CA   C N S 59  
ASP C    C N N 60  
ASP O    O N N 61  
ASP CB   C N N 62  
ASP CG   C N N 63  
ASP OD1  O N N 64  
ASP OD2  O N N 65  
ASP OXT  O N N 66  
ASP H    H N N 67  
ASP H2   H N N 68  
ASP HA   H N N 69  
ASP HB2  H N N 70  
ASP HB3  H N N 71  
ASP HD2  H N N 72  
ASP HXT  H N N 73  
GLU N    N N N 74  
GLU CA   C N S 75  
GLU C    C N N 76  
GLU O    O N N 77  
GLU CB   C N N 78  
GLU CG   C N N 79  
GLU CD   C N N 80  
GLU OE1  O N N 81  
GLU OE2  O N N 82  
GLU OXT  O N N 83  
GLU H    H N N 84  
GLU H2   H N N 85  
GLU HA   H N N 86  
GLU HB2  H N N 87  
GLU HB3  H N N 88  
GLU HG2  H N N 89  
GLU HG3  H N N 90  
GLU HE2  H N N 91  
GLU HXT  H N N 92  
GLY N    N N N 93  
GLY CA   C N N 94  
GLY C    C N N 95  
GLY O    O N N 96  
GLY OXT  O N N 97  
GLY H    H N N 98  
GLY H2   H N N 99  
GLY HA2  H N N 100 
GLY HA3  H N N 101 
GLY HXT  H N N 102 
HIS N    N N N 103 
HIS CA   C N S 104 
HIS C    C N N 105 
HIS O    O N N 106 
HIS CB   C N N 107 
HIS CG   C Y N 108 
HIS ND1  N Y N 109 
HIS CD2  C Y N 110 
HIS CE1  C Y N 111 
HIS NE2  N Y N 112 
HIS OXT  O N N 113 
HIS H    H N N 114 
HIS H2   H N N 115 
HIS HA   H N N 116 
HIS HB2  H N N 117 
HIS HB3  H N N 118 
HIS HD1  H N N 119 
HIS HD2  H N N 120 
HIS HE1  H N N 121 
HIS HE2  H N N 122 
HIS HXT  H N N 123 
HOH O    O N N 124 
HOH H1   H N N 125 
HOH H2   H N N 126 
ILE N    N N N 127 
ILE CA   C N S 128 
ILE C    C N N 129 
ILE O    O N N 130 
ILE CB   C N S 131 
ILE CG1  C N N 132 
ILE CG2  C N N 133 
ILE CD1  C N N 134 
ILE OXT  O N N 135 
ILE H    H N N 136 
ILE H2   H N N 137 
ILE HA   H N N 138 
ILE HB   H N N 139 
ILE HG12 H N N 140 
ILE HG13 H N N 141 
ILE HG21 H N N 142 
ILE HG22 H N N 143 
ILE HG23 H N N 144 
ILE HD11 H N N 145 
ILE HD12 H N N 146 
ILE HD13 H N N 147 
ILE HXT  H N N 148 
LEU N    N N N 149 
LEU CA   C N S 150 
LEU C    C N N 151 
LEU O    O N N 152 
LEU CB   C N N 153 
LEU CG   C N N 154 
LEU CD1  C N N 155 
LEU CD2  C N N 156 
LEU OXT  O N N 157 
LEU H    H N N 158 
LEU H2   H N N 159 
LEU HA   H N N 160 
LEU HB2  H N N 161 
LEU HB3  H N N 162 
LEU HG   H N N 163 
LEU HD11 H N N 164 
LEU HD12 H N N 165 
LEU HD13 H N N 166 
LEU HD21 H N N 167 
LEU HD22 H N N 168 
LEU HD23 H N N 169 
LEU HXT  H N N 170 
LYS N    N N N 171 
LYS CA   C N S 172 
LYS C    C N N 173 
LYS O    O N N 174 
LYS CB   C N N 175 
LYS CG   C N N 176 
LYS CD   C N N 177 
LYS CE   C N N 178 
LYS NZ   N N N 179 
LYS OXT  O N N 180 
LYS H    H N N 181 
LYS H2   H N N 182 
LYS HA   H N N 183 
LYS HB2  H N N 184 
LYS HB3  H N N 185 
LYS HG2  H N N 186 
LYS HG3  H N N 187 
LYS HD2  H N N 188 
LYS HD3  H N N 189 
LYS HE2  H N N 190 
LYS HE3  H N N 191 
LYS HZ1  H N N 192 
LYS HZ2  H N N 193 
LYS HZ3  H N N 194 
LYS HXT  H N N 195 
MET N    N N N 196 
MET CA   C N S 197 
MET C    C N N 198 
MET O    O N N 199 
MET CB   C N N 200 
MET CG   C N N 201 
MET SD   S N N 202 
MET CE   C N N 203 
MET OXT  O N N 204 
MET H    H N N 205 
MET H2   H N N 206 
MET HA   H N N 207 
MET HB2  H N N 208 
MET HB3  H N N 209 
MET HG2  H N N 210 
MET HG3  H N N 211 
MET HE1  H N N 212 
MET HE2  H N N 213 
MET HE3  H N N 214 
MET HXT  H N N 215 
PHE N    N N N 216 
PHE CA   C N S 217 
PHE C    C N N 218 
PHE O    O N N 219 
PHE CB   C N N 220 
PHE CG   C Y N 221 
PHE CD1  C Y N 222 
PHE CD2  C Y N 223 
PHE CE1  C Y N 224 
PHE CE2  C Y N 225 
PHE CZ   C Y N 226 
PHE OXT  O N N 227 
PHE H    H N N 228 
PHE H2   H N N 229 
PHE HA   H N N 230 
PHE HB2  H N N 231 
PHE HB3  H N N 232 
PHE HD1  H N N 233 
PHE HD2  H N N 234 
PHE HE1  H N N 235 
PHE HE2  H N N 236 
PHE HZ   H N N 237 
PHE HXT  H N N 238 
PRO N    N N N 239 
PRO CA   C N S 240 
PRO C    C N N 241 
PRO O    O N N 242 
PRO CB   C N N 243 
PRO CG   C N N 244 
PRO CD   C N N 245 
PRO OXT  O N N 246 
PRO H    H N N 247 
PRO HA   H N N 248 
PRO HB2  H N N 249 
PRO HB3  H N N 250 
PRO HG2  H N N 251 
PRO HG3  H N N 252 
PRO HD2  H N N 253 
PRO HD3  H N N 254 
PRO HXT  H N N 255 
SER N    N N N 256 
SER CA   C N S 257 
SER C    C N N 258 
SER O    O N N 259 
SER CB   C N N 260 
SER OG   O N N 261 
SER OXT  O N N 262 
SER H    H N N 263 
SER H2   H N N 264 
SER HA   H N N 265 
SER HB2  H N N 266 
SER HB3  H N N 267 
SER HG   H N N 268 
SER HXT  H N N 269 
THR N    N N N 270 
THR CA   C N S 271 
THR C    C N N 272 
THR O    O N N 273 
THR CB   C N R 274 
THR OG1  O N N 275 
THR CG2  C N N 276 
THR OXT  O N N 277 
THR H    H N N 278 
THR H2   H N N 279 
THR HA   H N N 280 
THR HB   H N N 281 
THR HG1  H N N 282 
THR HG21 H N N 283 
THR HG22 H N N 284 
THR HG23 H N N 285 
THR HXT  H N N 286 
TYR N    N N N 287 
TYR CA   C N S 288 
TYR C    C N N 289 
TYR O    O N N 290 
TYR CB   C N N 291 
TYR CG   C Y N 292 
TYR CD1  C Y N 293 
TYR CD2  C Y N 294 
TYR CE1  C Y N 295 
TYR CE2  C Y N 296 
TYR CZ   C Y N 297 
TYR OH   O N N 298 
TYR OXT  O N N 299 
TYR H    H N N 300 
TYR H2   H N N 301 
TYR HA   H N N 302 
TYR HB2  H N N 303 
TYR HB3  H N N 304 
TYR HD1  H N N 305 
TYR HD2  H N N 306 
TYR HE1  H N N 307 
TYR HE2  H N N 308 
TYR HH   H N N 309 
TYR HXT  H N N 310 
VAL N    N N N 311 
VAL CA   C N S 312 
VAL C    C N N 313 
VAL O    O N N 314 
VAL CB   C N N 315 
VAL CG1  C N N 316 
VAL CG2  C N N 317 
VAL OXT  O N N 318 
VAL H    H N N 319 
VAL H2   H N N 320 
VAL HA   H N N 321 
VAL HB   H N N 322 
VAL HG11 H N N 323 
VAL HG12 H N N 324 
VAL HG13 H N N 325 
VAL HG21 H N N 326 
VAL HG22 H N N 327 
VAL HG23 H N N 328 
VAL HXT  H N N 329 
# 
loop_
_chem_comp_bond.comp_id 
_chem_comp_bond.atom_id_1 
_chem_comp_bond.atom_id_2 
_chem_comp_bond.value_order 
_chem_comp_bond.pdbx_aromatic_flag 
_chem_comp_bond.pdbx_stereo_config 
_chem_comp_bond.pdbx_ordinal 
ALA N   CA   sing N N 1   
ALA N   H    sing N N 2   
ALA N   H2   sing N N 3   
ALA CA  C    sing N N 4   
ALA CA  CB   sing N N 5   
ALA CA  HA   sing N N 6   
ALA C   O    doub N N 7   
ALA C   OXT  sing N N 8   
ALA CB  HB1  sing N N 9   
ALA CB  HB2  sing N N 10  
ALA CB  HB3  sing N N 11  
ALA OXT HXT  sing N N 12  
ARG N   CA   sing N N 13  
ARG N   H    sing N N 14  
ARG N   H2   sing N N 15  
ARG CA  C    sing N N 16  
ARG CA  CB   sing N N 17  
ARG CA  HA   sing N N 18  
ARG C   O    doub N N 19  
ARG C   OXT  sing N N 20  
ARG CB  CG   sing N N 21  
ARG CB  HB2  sing N N 22  
ARG CB  HB3  sing N N 23  
ARG CG  CD   sing N N 24  
ARG CG  HG2  sing N N 25  
ARG CG  HG3  sing N N 26  
ARG CD  NE   sing N N 27  
ARG CD  HD2  sing N N 28  
ARG CD  HD3  sing N N 29  
ARG NE  CZ   sing N N 30  
ARG NE  HE   sing N N 31  
ARG CZ  NH1  sing N N 32  
ARG CZ  NH2  doub N N 33  
ARG NH1 HH11 sing N N 34  
ARG NH1 HH12 sing N N 35  
ARG NH2 HH21 sing N N 36  
ARG NH2 HH22 sing N N 37  
ARG OXT HXT  sing N N 38  
ASN N   CA   sing N N 39  
ASN N   H    sing N N 40  
ASN N   H2   sing N N 41  
ASN CA  C    sing N N 42  
ASN CA  CB   sing N N 43  
ASN CA  HA   sing N N 44  
ASN C   O    doub N N 45  
ASN C   OXT  sing N N 46  
ASN CB  CG   sing N N 47  
ASN CB  HB2  sing N N 48  
ASN CB  HB3  sing N N 49  
ASN CG  OD1  doub N N 50  
ASN CG  ND2  sing N N 51  
ASN ND2 HD21 sing N N 52  
ASN ND2 HD22 sing N N 53  
ASN OXT HXT  sing N N 54  
ASP N   CA   sing N N 55  
ASP N   H    sing N N 56  
ASP N   H2   sing N N 57  
ASP CA  C    sing N N 58  
ASP CA  CB   sing N N 59  
ASP CA  HA   sing N N 60  
ASP C   O    doub N N 61  
ASP C   OXT  sing N N 62  
ASP CB  CG   sing N N 63  
ASP CB  HB2  sing N N 64  
ASP CB  HB3  sing N N 65  
ASP CG  OD1  doub N N 66  
ASP CG  OD2  sing N N 67  
ASP OD2 HD2  sing N N 68  
ASP OXT HXT  sing N N 69  
GLU N   CA   sing N N 70  
GLU N   H    sing N N 71  
GLU N   H2   sing N N 72  
GLU CA  C    sing N N 73  
GLU CA  CB   sing N N 74  
GLU CA  HA   sing N N 75  
GLU C   O    doub N N 76  
GLU C   OXT  sing N N 77  
GLU CB  CG   sing N N 78  
GLU CB  HB2  sing N N 79  
GLU CB  HB3  sing N N 80  
GLU CG  CD   sing N N 81  
GLU CG  HG2  sing N N 82  
GLU CG  HG3  sing N N 83  
GLU CD  OE1  doub N N 84  
GLU CD  OE2  sing N N 85  
GLU OE2 HE2  sing N N 86  
GLU OXT HXT  sing N N 87  
GLY N   CA   sing N N 88  
GLY N   H    sing N N 89  
GLY N   H2   sing N N 90  
GLY CA  C    sing N N 91  
GLY CA  HA2  sing N N 92  
GLY CA  HA3  sing N N 93  
GLY C   O    doub N N 94  
GLY C   OXT  sing N N 95  
GLY OXT HXT  sing N N 96  
HIS N   CA   sing N N 97  
HIS N   H    sing N N 98  
HIS N   H2   sing N N 99  
HIS CA  C    sing N N 100 
HIS CA  CB   sing N N 101 
HIS CA  HA   sing N N 102 
HIS C   O    doub N N 103 
HIS C   OXT  sing N N 104 
HIS CB  CG   sing N N 105 
HIS CB  HB2  sing N N 106 
HIS CB  HB3  sing N N 107 
HIS CG  ND1  sing Y N 108 
HIS CG  CD2  doub Y N 109 
HIS ND1 CE1  doub Y N 110 
HIS ND1 HD1  sing N N 111 
HIS CD2 NE2  sing Y N 112 
HIS CD2 HD2  sing N N 113 
HIS CE1 NE2  sing Y N 114 
HIS CE1 HE1  sing N N 115 
HIS NE2 HE2  sing N N 116 
HIS OXT HXT  sing N N 117 
HOH O   H1   sing N N 118 
HOH O   H2   sing N N 119 
ILE N   CA   sing N N 120 
ILE N   H    sing N N 121 
ILE N   H2   sing N N 122 
ILE CA  C    sing N N 123 
ILE CA  CB   sing N N 124 
ILE CA  HA   sing N N 125 
ILE C   O    doub N N 126 
ILE C   OXT  sing N N 127 
ILE CB  CG1  sing N N 128 
ILE CB  CG2  sing N N 129 
ILE CB  HB   sing N N 130 
ILE CG1 CD1  sing N N 131 
ILE CG1 HG12 sing N N 132 
ILE CG1 HG13 sing N N 133 
ILE CG2 HG21 sing N N 134 
ILE CG2 HG22 sing N N 135 
ILE CG2 HG23 sing N N 136 
ILE CD1 HD11 sing N N 137 
ILE CD1 HD12 sing N N 138 
ILE CD1 HD13 sing N N 139 
ILE OXT HXT  sing N N 140 
LEU N   CA   sing N N 141 
LEU N   H    sing N N 142 
LEU N   H2   sing N N 143 
LEU CA  C    sing N N 144 
LEU CA  CB   sing N N 145 
LEU CA  HA   sing N N 146 
LEU C   O    doub N N 147 
LEU C   OXT  sing N N 148 
LEU CB  CG   sing N N 149 
LEU CB  HB2  sing N N 150 
LEU CB  HB3  sing N N 151 
LEU CG  CD1  sing N N 152 
LEU CG  CD2  sing N N 153 
LEU CG  HG   sing N N 154 
LEU CD1 HD11 sing N N 155 
LEU CD1 HD12 sing N N 156 
LEU CD1 HD13 sing N N 157 
LEU CD2 HD21 sing N N 158 
LEU CD2 HD22 sing N N 159 
LEU CD2 HD23 sing N N 160 
LEU OXT HXT  sing N N 161 
LYS N   CA   sing N N 162 
LYS N   H    sing N N 163 
LYS N   H2   sing N N 164 
LYS CA  C    sing N N 165 
LYS CA  CB   sing N N 166 
LYS CA  HA   sing N N 167 
LYS C   O    doub N N 168 
LYS C   OXT  sing N N 169 
LYS CB  CG   sing N N 170 
LYS CB  HB2  sing N N 171 
LYS CB  HB3  sing N N 172 
LYS CG  CD   sing N N 173 
LYS CG  HG2  sing N N 174 
LYS CG  HG3  sing N N 175 
LYS CD  CE   sing N N 176 
LYS CD  HD2  sing N N 177 
LYS CD  HD3  sing N N 178 
LYS CE  NZ   sing N N 179 
LYS CE  HE2  sing N N 180 
LYS CE  HE3  sing N N 181 
LYS NZ  HZ1  sing N N 182 
LYS NZ  HZ2  sing N N 183 
LYS NZ  HZ3  sing N N 184 
LYS OXT HXT  sing N N 185 
MET N   CA   sing N N 186 
MET N   H    sing N N 187 
MET N   H2   sing N N 188 
MET CA  C    sing N N 189 
MET CA  CB   sing N N 190 
MET CA  HA   sing N N 191 
MET C   O    doub N N 192 
MET C   OXT  sing N N 193 
MET CB  CG   sing N N 194 
MET CB  HB2  sing N N 195 
MET CB  HB3  sing N N 196 
MET CG  SD   sing N N 197 
MET CG  HG2  sing N N 198 
MET CG  HG3  sing N N 199 
MET SD  CE   sing N N 200 
MET CE  HE1  sing N N 201 
MET CE  HE2  sing N N 202 
MET CE  HE3  sing N N 203 
MET OXT HXT  sing N N 204 
PHE N   CA   sing N N 205 
PHE N   H    sing N N 206 
PHE N   H2   sing N N 207 
PHE CA  C    sing N N 208 
PHE CA  CB   sing N N 209 
PHE CA  HA   sing N N 210 
PHE C   O    doub N N 211 
PHE C   OXT  sing N N 212 
PHE CB  CG   sing N N 213 
PHE CB  HB2  sing N N 214 
PHE CB  HB3  sing N N 215 
PHE CG  CD1  doub Y N 216 
PHE CG  CD2  sing Y N 217 
PHE CD1 CE1  sing Y N 218 
PHE CD1 HD1  sing N N 219 
PHE CD2 CE2  doub Y N 220 
PHE CD2 HD2  sing N N 221 
PHE CE1 CZ   doub Y N 222 
PHE CE1 HE1  sing N N 223 
PHE CE2 CZ   sing Y N 224 
PHE CE2 HE2  sing N N 225 
PHE CZ  HZ   sing N N 226 
PHE OXT HXT  sing N N 227 
PRO N   CA   sing N N 228 
PRO N   CD   sing N N 229 
PRO N   H    sing N N 230 
PRO CA  C    sing N N 231 
PRO CA  CB   sing N N 232 
PRO CA  HA   sing N N 233 
PRO C   O    doub N N 234 
PRO C   OXT  sing N N 235 
PRO CB  CG   sing N N 236 
PRO CB  HB2  sing N N 237 
PRO CB  HB3  sing N N 238 
PRO CG  CD   sing N N 239 
PRO CG  HG2  sing N N 240 
PRO CG  HG3  sing N N 241 
PRO CD  HD2  sing N N 242 
PRO CD  HD3  sing N N 243 
PRO OXT HXT  sing N N 244 
SER N   CA   sing N N 245 
SER N   H    sing N N 246 
SER N   H2   sing N N 247 
SER CA  C    sing N N 248 
SER CA  CB   sing N N 249 
SER CA  HA   sing N N 250 
SER C   O    doub N N 251 
SER C   OXT  sing N N 252 
SER CB  OG   sing N N 253 
SER CB  HB2  sing N N 254 
SER CB  HB3  sing N N 255 
SER OG  HG   sing N N 256 
SER OXT HXT  sing N N 257 
THR N   CA   sing N N 258 
THR N   H    sing N N 259 
THR N   H2   sing N N 260 
THR CA  C    sing N N 261 
THR CA  CB   sing N N 262 
THR CA  HA   sing N N 263 
THR C   O    doub N N 264 
THR C   OXT  sing N N 265 
THR CB  OG1  sing N N 266 
THR CB  CG2  sing N N 267 
THR CB  HB   sing N N 268 
THR OG1 HG1  sing N N 269 
THR CG2 HG21 sing N N 270 
THR CG2 HG22 sing N N 271 
THR CG2 HG23 sing N N 272 
THR OXT HXT  sing N N 273 
TYR N   CA   sing N N 274 
TYR N   H    sing N N 275 
TYR N   H2   sing N N 276 
TYR CA  C    sing N N 277 
TYR CA  CB   sing N N 278 
TYR CA  HA   sing N N 279 
TYR C   O    doub N N 280 
TYR C   OXT  sing N N 281 
TYR CB  CG   sing N N 282 
TYR CB  HB2  sing N N 283 
TYR CB  HB3  sing N N 284 
TYR CG  CD1  doub Y N 285 
TYR CG  CD2  sing Y N 286 
TYR CD1 CE1  sing Y N 287 
TYR CD1 HD1  sing N N 288 
TYR CD2 CE2  doub Y N 289 
TYR CD2 HD2  sing N N 290 
TYR CE1 CZ   doub Y N 291 
TYR CE1 HE1  sing N N 292 
TYR CE2 CZ   sing Y N 293 
TYR CE2 HE2  sing N N 294 
TYR CZ  OH   sing N N 295 
TYR OH  HH   sing N N 296 
TYR OXT HXT  sing N N 297 
VAL N   CA   sing N N 298 
VAL N   H    sing N N 299 
VAL N   H2   sing N N 300 
VAL CA  C    sing N N 301 
VAL CA  CB   sing N N 302 
VAL CA  HA   sing N N 303 
VAL C   O    doub N N 304 
VAL C   OXT  sing N N 305 
VAL CB  CG1  sing N N 306 
VAL CB  CG2  sing N N 307 
VAL CB  HB   sing N N 308 
VAL CG1 HG11 sing N N 309 
VAL CG1 HG12 sing N N 310 
VAL CG1 HG13 sing N N 311 
VAL CG2 HG21 sing N N 312 
VAL CG2 HG22 sing N N 313 
VAL CG2 HG23 sing N N 314 
VAL OXT HXT  sing N N 315 
# 
_pdbx_entity_nonpoly.entity_id   2 
_pdbx_entity_nonpoly.name        water 
_pdbx_entity_nonpoly.comp_id     HOH 
# 
_pdbx_initial_refinement_model.id               1 
_pdbx_initial_refinement_model.entity_id_list   ? 
_pdbx_initial_refinement_model.type             'experimental model' 
_pdbx_initial_refinement_model.source_name      PDB 
_pdbx_initial_refinement_model.accession_code   1BXE 
_pdbx_initial_refinement_model.details          'PDB ENTRY 1BXE WITH REMOVED BETA-LOOP' 
# 
